data_2L2K
#
_entry.id   2L2K
#
loop_
_entity.id
_entity.type
_entity.pdbx_description
1 polymer 'Adenosine deaminase'
2 polymer 'RNA (42-MER)'
#
loop_
_entity_poly.entity_id
_entity_poly.type
_entity_poly.pdbx_seq_one_letter_code
_entity_poly.pdbx_strand_id
1 'polypeptide(L)' PSGKNPVMILNELRPGLKYDFLSESGESHAKSFVMSVVVDGQFFEGSGRNKKLAKARAAQSALATVFNLHL B
2 'polyribonucleotide' GGUAAGGUGGGUGGAAUCCUUCGGGAUCCCACCUACCCUGCC A
#
loop_
_chem_comp.id
_chem_comp.type
_chem_comp.name
_chem_comp.formula
A RNA linking ADENOSINE-5'-MONOPHOSPHATE 'C10 H14 N5 O7 P'
C RNA linking CYTIDINE-5'-MONOPHOSPHATE 'C9 H14 N3 O8 P'
G RNA linking GUANOSINE-5'-MONOPHOSPHATE 'C10 H14 N5 O8 P'
U RNA linking URIDINE-5'-MONOPHOSPHATE 'C9 H13 N2 O9 P'
#
# COMPACT_ATOMS: atom_id res chain seq x y z
N PRO A 1 14.79 -11.66 2.55
CA PRO A 1 14.77 -10.26 3.01
C PRO A 1 13.59 -9.96 3.93
N SER A 2 13.83 -9.30 5.06
CA SER A 2 12.79 -8.99 6.04
C SER A 2 11.84 -7.88 5.55
N GLY A 3 12.17 -7.23 4.43
CA GLY A 3 11.34 -6.19 3.83
C GLY A 3 12.10 -4.89 3.68
N LYS A 4 11.49 -3.92 2.98
CA LYS A 4 12.08 -2.62 2.69
C LYS A 4 11.02 -1.51 2.70
N ASN A 5 9.81 -1.81 3.17
CA ASN A 5 8.68 -0.90 3.05
C ASN A 5 7.90 -0.78 4.38
N PRO A 6 7.04 0.24 4.50
CA PRO A 6 6.15 0.40 5.64
C PRO A 6 5.01 -0.61 5.61
N VAL A 7 4.85 -1.32 4.49
CA VAL A 7 3.81 -2.33 4.32
C VAL A 7 3.99 -3.44 5.35
N MET A 8 5.21 -3.99 5.43
CA MET A 8 5.49 -5.09 6.34
C MET A 8 5.36 -4.67 7.80
N ILE A 9 5.75 -3.43 8.13
CA ILE A 9 5.64 -2.94 9.50
C ILE A 9 4.19 -3.03 9.96
N LEU A 10 3.31 -2.43 9.17
CA LEU A 10 1.88 -2.42 9.41
C LEU A 10 1.36 -3.86 9.50
N ASN A 11 1.70 -4.68 8.51
CA ASN A 11 1.25 -6.07 8.42
C ASN A 11 1.81 -6.94 9.54
N GLU A 12 2.76 -6.43 10.34
CA GLU A 12 3.31 -7.16 11.48
C GLU A 12 2.81 -6.57 12.79
N LEU A 13 2.59 -5.25 12.84
CA LEU A 13 2.10 -4.58 14.04
C LEU A 13 0.62 -4.90 14.25
N ARG A 14 -0.19 -4.71 13.22
CA ARG A 14 -1.62 -4.97 13.30
C ARG A 14 -2.18 -5.32 11.91
N PRO A 15 -2.10 -6.58 11.49
CA PRO A 15 -2.72 -7.06 10.27
C PRO A 15 -4.23 -7.11 10.44
N GLY A 16 -4.96 -7.48 9.38
CA GLY A 16 -6.42 -7.53 9.44
C GLY A 16 -7.06 -6.49 8.53
N LEU A 17 -6.44 -6.21 7.37
CA LEU A 17 -6.85 -5.17 6.46
C LEU A 17 -7.09 -5.75 5.07
N LYS A 18 -7.45 -4.86 4.14
CA LYS A 18 -7.61 -5.20 2.74
C LYS A 18 -6.98 -4.10 1.91
N TYR A 19 -6.61 -4.39 0.67
CA TYR A 19 -6.03 -3.42 -0.24
C TYR A 19 -6.76 -3.49 -1.58
N ASP A 20 -6.75 -2.37 -2.31
CA ASP A 20 -7.34 -2.30 -3.63
C ASP A 20 -6.45 -1.50 -4.57
N PHE A 21 -5.84 -2.17 -5.54
CA PHE A 21 -5.03 -1.52 -6.56
C PHE A 21 -5.91 -0.73 -7.52
N LEU A 22 -5.41 0.41 -8.01
CA LEU A 22 -6.12 1.25 -8.97
C LEU A 22 -5.23 1.52 -10.18
N SER A 23 -5.89 1.89 -11.29
CA SER A 23 -5.34 1.99 -12.63
C SER A 23 -4.10 2.86 -12.76
N GLU A 24 -3.52 2.85 -13.97
CA GLU A 24 -2.27 3.53 -14.28
C GLU A 24 -2.45 4.62 -15.34
N SER A 25 -1.39 5.42 -15.53
CA SER A 25 -1.37 6.50 -16.50
C SER A 25 0.06 6.74 -17.00
N GLY A 26 0.20 7.60 -18.01
CA GLY A 26 1.50 7.99 -18.56
C GLY A 26 2.09 6.96 -19.50
N GLU A 27 3.22 7.32 -20.12
CA GLU A 27 3.97 6.45 -21.02
C GLU A 27 4.86 5.51 -20.22
N SER A 28 5.51 4.55 -20.89
CA SER A 28 6.33 3.55 -20.24
C SER A 28 7.57 4.14 -19.55
N HIS A 29 7.93 5.40 -19.85
CA HIS A 29 9.11 6.05 -19.30
C HIS A 29 8.75 7.09 -18.24
N ALA A 30 7.45 7.25 -17.98
CA ALA A 30 6.92 8.20 -17.01
C ALA A 30 5.72 7.59 -16.29
N LYS A 31 5.61 6.26 -16.36
CA LYS A 31 4.46 5.50 -15.90
C LYS A 31 4.15 5.76 -14.42
N SER A 32 2.89 5.60 -14.06
CA SER A 32 2.42 5.73 -12.69
C SER A 32 1.30 4.74 -12.43
N PHE A 33 1.07 4.42 -11.16
CA PHE A 33 0.07 3.47 -10.70
C PHE A 33 -0.49 3.96 -9.38
N VAL A 34 -1.56 3.34 -8.89
CA VAL A 34 -2.03 3.70 -7.55
C VAL A 34 -2.56 2.48 -6.82
N MET A 35 -2.56 2.57 -5.50
CA MET A 35 -2.93 1.49 -4.61
C MET A 35 -3.66 2.11 -3.43
N SER A 36 -4.79 1.52 -3.05
CA SER A 36 -5.58 1.99 -1.92
C SER A 36 -5.71 0.89 -0.88
N VAL A 37 -6.29 1.21 0.28
CA VAL A 37 -6.41 0.25 1.38
C VAL A 37 -7.69 0.50 2.16
N VAL A 38 -8.06 -0.49 2.99
CA VAL A 38 -9.13 -0.37 3.95
C VAL A 38 -8.64 -1.01 5.25
N VAL A 39 -8.42 -0.18 6.26
CA VAL A 39 -7.85 -0.62 7.54
C VAL A 39 -8.70 -0.11 8.68
N ASP A 40 -9.11 -1.01 9.59
CA ASP A 40 -9.94 -0.69 10.74
C ASP A 40 -11.28 -0.04 10.34
N GLY A 41 -11.60 -0.04 9.04
CA GLY A 41 -12.81 0.54 8.49
C GLY A 41 -12.53 1.87 7.78
N GLN A 42 -11.33 2.42 7.97
CA GLN A 42 -10.91 3.64 7.30
C GLN A 42 -10.47 3.30 5.87
N PHE A 43 -10.17 4.32 5.07
CA PHE A 43 -9.72 4.14 3.70
C PHE A 43 -8.50 5.03 3.44
N PHE A 44 -7.57 4.54 2.60
CA PHE A 44 -6.36 5.26 2.29
C PHE A 44 -5.99 5.06 0.82
N GLU A 45 -5.09 5.91 0.31
CA GLU A 45 -4.65 5.84 -1.09
C GLU A 45 -3.18 6.25 -1.18
N GLY A 46 -2.53 5.89 -2.29
CA GLY A 46 -1.12 6.19 -2.52
C GLY A 46 -0.70 5.80 -3.93
N SER A 47 -0.41 6.79 -4.77
CA SER A 47 0.10 6.54 -6.11
C SER A 47 1.62 6.37 -6.09
N GLY A 48 2.20 5.97 -7.22
CA GLY A 48 3.65 5.81 -7.33
C GLY A 48 4.06 5.39 -8.73
N ARG A 49 5.38 5.39 -8.99
CA ARG A 49 5.93 5.00 -10.29
C ARG A 49 5.82 3.50 -10.54
N ASN A 50 5.61 2.70 -9.49
CA ASN A 50 5.45 1.26 -9.60
C ASN A 50 4.49 0.76 -8.52
N LYS A 51 4.09 -0.51 -8.60
CA LYS A 51 3.11 -1.09 -7.69
C LYS A 51 3.59 -1.10 -6.24
N LYS A 52 4.88 -1.34 -6.00
CA LYS A 52 5.41 -1.38 -4.65
C LYS A 52 5.39 0.01 -4.01
N LEU A 53 5.74 1.03 -4.81
CA LEU A 53 5.80 2.41 -4.37
C LEU A 53 4.40 2.90 -3.98
N ALA A 54 3.39 2.51 -4.77
CA ALA A 54 2.01 2.85 -4.48
C ALA A 54 1.59 2.28 -3.12
N LYS A 55 1.76 0.98 -2.90
CA LYS A 55 1.40 0.35 -1.63
C LYS A 55 2.20 0.93 -0.48
N ALA A 56 3.46 1.30 -0.72
CA ALA A 56 4.29 1.86 0.35
C ALA A 56 3.73 3.21 0.80
N ARG A 57 3.24 4.02 -0.15
CA ARG A 57 2.67 5.32 0.16
C ARG A 57 1.35 5.17 0.90
N ALA A 58 0.45 4.32 0.38
CA ALA A 58 -0.86 4.10 0.96
C ALA A 58 -0.77 3.41 2.31
N ALA A 59 0.16 2.44 2.44
CA ALA A 59 0.34 1.72 3.68
C ALA A 59 0.96 2.61 4.74
N GLN A 60 1.87 3.51 4.36
CA GLN A 60 2.43 4.48 5.29
C GLN A 60 1.32 5.39 5.83
N SER A 61 0.37 5.79 4.97
CA SER A 61 -0.76 6.59 5.43
C SER A 61 -1.65 5.78 6.36
N ALA A 62 -1.95 4.53 5.98
CA ALA A 62 -2.78 3.66 6.78
C ALA A 62 -2.15 3.39 8.14
N LEU A 63 -0.83 3.22 8.18
CA LEU A 63 -0.07 3.00 9.40
C LEU A 63 -0.20 4.22 10.30
N ALA A 64 0.35 5.36 9.88
CA ALA A 64 0.39 6.55 10.72
C ALA A 64 -0.97 6.93 11.29
N THR A 65 -2.05 6.83 10.50
CA THR A 65 -3.37 7.19 10.97
C THR A 65 -3.92 6.16 11.96
N VAL A 66 -4.06 4.90 11.54
CA VAL A 66 -4.68 3.87 12.37
C VAL A 66 -3.84 3.55 13.60
N PHE A 67 -2.52 3.69 13.50
CA PHE A 67 -1.63 3.38 14.62
C PHE A 67 -1.42 4.60 15.51
N ASN A 68 -1.95 5.76 15.12
CA ASN A 68 -1.79 7.01 15.86
C ASN A 68 -0.31 7.40 16.03
N LEU A 69 0.55 6.88 15.14
CA LEU A 69 2.00 7.09 15.18
C LEU A 69 2.48 7.63 13.83
N HIS A 70 3.79 7.57 13.58
CA HIS A 70 4.36 7.96 12.30
C HIS A 70 5.44 6.96 11.89
N LEU A 71 5.80 6.96 10.61
CA LEU A 71 6.83 6.07 10.08
C LEU A 71 8.20 6.48 10.60
N PRO A 1 16.45 -13.51 1.87
CA PRO A 1 16.54 -12.13 2.37
C PRO A 1 15.25 -11.66 3.03
N SER A 2 15.21 -10.40 3.44
CA SER A 2 14.05 -9.79 4.08
C SER A 2 13.85 -8.37 3.55
N GLY A 3 12.83 -7.67 4.05
CA GLY A 3 12.53 -6.31 3.60
C GLY A 3 12.72 -5.29 4.72
N LYS A 4 12.61 -4.01 4.34
CA LYS A 4 12.72 -2.87 5.25
C LYS A 4 11.53 -1.94 5.06
N ASN A 5 10.66 -2.27 4.09
CA ASN A 5 9.44 -1.53 3.79
C ASN A 5 8.50 -1.52 5.00
N PRO A 6 7.52 -0.61 5.02
CA PRO A 6 6.51 -0.55 6.07
C PRO A 6 5.52 -1.71 5.97
N VAL A 7 5.57 -2.47 4.86
CA VAL A 7 4.71 -3.61 4.65
C VAL A 7 4.96 -4.67 5.71
N MET A 8 6.22 -5.07 5.89
CA MET A 8 6.55 -6.16 6.81
C MET A 8 6.37 -5.74 8.27
N ILE A 9 6.82 -4.55 8.66
CA ILE A 9 6.65 -4.12 10.04
C ILE A 9 5.17 -4.09 10.40
N LEU A 10 4.31 -3.65 9.47
CA LEU A 10 2.87 -3.69 9.70
C LEU A 10 2.44 -5.14 9.91
N ASN A 11 2.73 -5.99 8.92
CA ASN A 11 2.33 -7.39 8.92
C ASN A 11 3.01 -8.21 10.04
N GLU A 12 3.86 -7.59 10.86
CA GLU A 12 4.49 -8.25 11.99
C GLU A 12 4.10 -7.58 13.31
N LEU A 13 3.43 -6.43 13.27
CA LEU A 13 2.96 -5.75 14.46
C LEU A 13 1.46 -5.97 14.65
N ARG A 14 0.70 -5.87 13.55
CA ARG A 14 -0.74 -6.08 13.56
C ARG A 14 -1.17 -6.67 12.22
N PRO A 15 -0.97 -7.98 12.02
CA PRO A 15 -1.40 -8.69 10.82
C PRO A 15 -2.92 -8.89 10.85
N GLY A 16 -3.46 -9.58 9.84
CA GLY A 16 -4.90 -9.83 9.80
C GLY A 16 -5.61 -8.92 8.81
N LEU A 17 -4.90 -8.50 7.76
CA LEU A 17 -5.40 -7.54 6.80
C LEU A 17 -5.52 -8.18 5.43
N LYS A 18 -5.80 -7.35 4.43
CA LYS A 18 -5.86 -7.77 3.05
C LYS A 18 -5.47 -6.58 2.18
N TYR A 19 -4.90 -6.83 1.00
CA TYR A 19 -4.49 -5.75 0.10
C TYR A 19 -5.21 -5.90 -1.23
N ASP A 20 -5.29 -4.77 -1.94
CA ASP A 20 -5.82 -4.73 -3.29
C ASP A 20 -4.85 -3.99 -4.21
N PHE A 21 -4.93 -4.25 -5.50
CA PHE A 21 -4.14 -3.55 -6.50
C PHE A 21 -5.09 -2.80 -7.41
N LEU A 22 -4.85 -1.51 -7.57
CA LEU A 22 -5.73 -0.61 -8.28
C LEU A 22 -5.02 -0.09 -9.54
N SER A 23 -5.83 0.43 -10.47
CA SER A 23 -5.45 0.71 -11.85
C SER A 23 -4.18 1.55 -12.05
N GLU A 24 -3.69 1.56 -13.29
CA GLU A 24 -2.48 2.26 -13.68
C GLU A 24 -2.75 3.38 -14.68
N SER A 25 -1.72 4.19 -14.93
CA SER A 25 -1.78 5.32 -15.86
C SER A 25 -0.39 5.62 -16.42
N GLY A 26 -0.33 6.52 -17.40
CA GLY A 26 0.92 7.00 -18.00
C GLY A 26 1.47 6.05 -19.06
N GLU A 27 2.55 6.49 -19.72
CA GLU A 27 3.25 5.70 -20.72
C GLU A 27 4.27 4.79 -20.04
N SER A 28 4.89 3.87 -20.80
CA SER A 28 5.77 2.86 -20.23
C SER A 28 7.00 3.44 -19.54
N HIS A 29 7.49 4.59 -20.00
CA HIS A 29 8.70 5.21 -19.45
C HIS A 29 8.43 6.05 -18.22
N ALA A 30 7.15 6.20 -17.85
CA ALA A 30 6.74 7.02 -16.71
C ALA A 30 5.54 6.38 -16.00
N LYS A 31 5.35 5.08 -16.22
CA LYS A 31 4.19 4.33 -15.75
C LYS A 31 4.01 4.47 -14.24
N SER A 32 2.76 4.36 -13.79
CA SER A 32 2.42 4.38 -12.37
C SER A 32 1.29 3.40 -12.10
N PHE A 33 1.15 2.98 -10.84
CA PHE A 33 0.20 1.99 -10.38
C PHE A 33 -0.28 2.38 -8.99
N VAL A 34 -1.25 1.65 -8.44
CA VAL A 34 -1.61 1.91 -7.05
C VAL A 34 -2.01 0.61 -6.35
N MET A 35 -1.84 0.61 -5.03
CA MET A 35 -2.29 -0.46 -4.15
C MET A 35 -3.24 0.17 -3.14
N SER A 36 -4.12 -0.64 -2.59
CA SER A 36 -4.98 -0.23 -1.50
C SER A 36 -5.02 -1.35 -0.47
N VAL A 37 -5.60 -1.10 0.70
CA VAL A 37 -5.59 -2.11 1.77
C VAL A 37 -6.86 -1.98 2.61
N VAL A 38 -7.15 -3.02 3.38
CA VAL A 38 -8.20 -3.02 4.38
C VAL A 38 -7.64 -3.63 5.65
N VAL A 39 -7.49 -2.81 6.68
CA VAL A 39 -6.86 -3.21 7.92
C VAL A 39 -7.73 -2.79 9.10
N ASP A 40 -8.03 -3.73 10.01
CA ASP A 40 -8.87 -3.49 11.18
C ASP A 40 -10.27 -2.99 10.80
N GLY A 41 -10.59 -2.98 9.50
CA GLY A 41 -11.86 -2.51 8.97
C GLY A 41 -11.72 -1.16 8.28
N GLN A 42 -10.59 -0.48 8.45
CA GLN A 42 -10.32 0.77 7.79
C GLN A 42 -9.90 0.50 6.34
N PHE A 43 -9.79 1.55 5.53
CA PHE A 43 -9.40 1.41 4.13
C PHE A 43 -8.30 2.41 3.80
N PHE A 44 -7.34 1.99 2.97
CA PHE A 44 -6.21 2.82 2.58
C PHE A 44 -5.89 2.64 1.11
N GLU A 45 -5.10 3.56 0.55
CA GLU A 45 -4.68 3.54 -0.84
C GLU A 45 -3.29 4.19 -0.93
N GLY A 46 -2.55 3.92 -2.00
CA GLY A 46 -1.19 4.45 -2.16
C GLY A 46 -0.65 4.17 -3.55
N SER A 47 -0.51 5.21 -4.38
CA SER A 47 0.04 5.08 -5.71
C SER A 47 1.57 5.09 -5.70
N GLY A 48 2.17 4.71 -6.83
CA GLY A 48 3.61 4.73 -7.00
C GLY A 48 3.99 4.43 -8.45
N ARG A 49 5.28 4.58 -8.79
CA ARG A 49 5.74 4.32 -10.15
C ARG A 49 5.75 2.81 -10.45
N ASN A 50 5.71 1.98 -9.41
CA ASN A 50 5.71 0.53 -9.54
C ASN A 50 4.89 -0.08 -8.40
N LYS A 51 4.59 -1.37 -8.48
CA LYS A 51 3.75 -2.05 -7.51
C LYS A 51 4.39 -2.16 -6.11
N LYS A 52 5.72 -2.14 -6.03
CA LYS A 52 6.44 -2.22 -4.77
C LYS A 52 6.29 -0.91 -4.00
N LEU A 53 6.54 0.20 -4.70
CA LEU A 53 6.50 1.54 -4.16
C LEU A 53 5.06 1.91 -3.78
N ALA A 54 4.10 1.50 -4.61
CA ALA A 54 2.69 1.71 -4.35
C ALA A 54 2.27 1.02 -3.03
N LYS A 55 2.63 -0.25 -2.85
CA LYS A 55 2.29 -0.96 -1.63
C LYS A 55 2.96 -0.32 -0.42
N ALA A 56 4.18 0.20 -0.59
CA ALA A 56 4.89 0.82 0.52
C ALA A 56 4.17 2.09 0.97
N ARG A 57 3.47 2.77 0.05
CA ARG A 57 2.74 3.98 0.36
C ARG A 57 1.41 3.65 1.05
N ALA A 58 0.65 2.70 0.48
CA ALA A 58 -0.62 2.28 1.04
C ALA A 58 -0.42 1.59 2.39
N ALA A 59 0.67 0.83 2.52
CA ALA A 59 0.99 0.14 3.75
C ALA A 59 1.47 1.11 4.81
N GLN A 60 2.23 2.15 4.42
CA GLN A 60 2.67 3.18 5.36
C GLN A 60 1.45 3.93 5.89
N SER A 61 0.46 4.18 5.03
CA SER A 61 -0.76 4.85 5.47
C SER A 61 -1.53 3.96 6.43
N ALA A 62 -1.67 2.67 6.09
CA ALA A 62 -2.37 1.72 6.93
C ALA A 62 -1.67 1.55 8.29
N LEU A 63 -0.33 1.60 8.29
CA LEU A 63 0.46 1.48 9.50
C LEU A 63 0.22 2.69 10.39
N ALA A 64 0.63 3.88 9.94
CA ALA A 64 0.57 5.10 10.75
C ALA A 64 -0.82 5.32 11.36
N THR A 65 -1.89 5.11 10.60
CA THR A 65 -3.23 5.34 11.10
C THR A 65 -3.64 4.28 12.13
N VAL A 66 -3.64 3.00 11.74
CA VAL A 66 -4.12 1.93 12.61
C VAL A 66 -3.21 1.77 13.83
N PHE A 67 -1.93 2.09 13.71
CA PHE A 67 -0.97 1.91 14.80
C PHE A 67 -0.85 3.16 15.65
N ASN A 68 -1.53 4.26 15.24
CA ASN A 68 -1.48 5.54 15.94
C ASN A 68 -0.04 6.09 16.03
N LEU A 69 0.83 5.67 15.10
CA LEU A 69 2.23 6.05 15.07
C LEU A 69 2.60 6.66 13.72
N HIS A 70 3.90 6.83 13.47
CA HIS A 70 4.41 7.41 12.24
C HIS A 70 5.53 6.54 11.67
N LEU A 71 6.13 6.96 10.55
CA LEU A 71 7.18 6.21 9.87
C LEU A 71 8.38 7.11 9.58
N PRO A 1 16.93 -9.16 0.42
CA PRO A 1 17.18 -7.74 0.72
C PRO A 1 15.90 -6.92 0.71
N SER A 2 16.03 -5.58 0.74
CA SER A 2 14.91 -4.65 0.69
C SER A 2 13.85 -4.92 1.77
N GLY A 3 14.19 -5.71 2.79
CA GLY A 3 13.28 -6.07 3.87
C GLY A 3 12.84 -4.89 4.72
N LYS A 4 13.42 -3.70 4.48
CA LYS A 4 13.06 -2.48 5.20
C LYS A 4 11.70 -1.95 4.77
N ASN A 5 11.06 -2.59 3.78
CA ASN A 5 9.75 -2.19 3.31
C ASN A 5 8.71 -2.27 4.44
N PRO A 6 7.64 -1.47 4.38
CA PRO A 6 6.61 -1.45 5.41
C PRO A 6 5.67 -2.66 5.32
N VAL A 7 5.73 -3.39 4.21
CA VAL A 7 4.85 -4.53 3.98
C VAL A 7 5.15 -5.63 5.00
N MET A 8 6.42 -6.01 5.15
CA MET A 8 6.79 -7.07 6.07
C MET A 8 6.61 -6.66 7.52
N ILE A 9 6.80 -5.37 7.85
CA ILE A 9 6.61 -4.91 9.22
C ILE A 9 5.19 -5.22 9.64
N LEU A 10 4.23 -4.76 8.82
CA LEU A 10 2.82 -4.96 9.03
C LEU A 10 2.54 -6.45 9.17
N ASN A 11 3.05 -7.25 8.23
CA ASN A 11 2.86 -8.69 8.20
C ASN A 11 3.64 -9.43 9.30
N GLU A 12 4.41 -8.73 10.12
CA GLU A 12 5.06 -9.35 11.28
C GLU A 12 4.43 -8.84 12.57
N LEU A 13 3.87 -7.63 12.55
CA LEU A 13 3.22 -7.06 13.72
C LEU A 13 1.80 -7.59 13.86
N ARG A 14 0.97 -7.39 12.83
CA ARG A 14 -0.42 -7.83 12.82
C ARG A 14 -0.85 -8.25 11.41
N PRO A 15 -0.51 -9.46 10.98
CA PRO A 15 -0.95 -10.01 9.70
C PRO A 15 -2.44 -10.35 9.76
N GLY A 16 -2.99 -10.85 8.65
CA GLY A 16 -4.41 -11.22 8.60
C GLY A 16 -5.21 -10.18 7.83
N LEU A 17 -4.80 -9.88 6.60
CA LEU A 17 -5.39 -8.87 5.75
C LEU A 17 -5.62 -9.43 4.35
N LYS A 18 -6.07 -8.57 3.43
CA LYS A 18 -6.33 -8.95 2.05
C LYS A 18 -5.97 -7.81 1.09
N TYR A 19 -4.89 -7.97 0.32
CA TYR A 19 -4.51 -6.98 -0.69
C TYR A 19 -5.24 -7.22 -2.00
N ASP A 20 -5.42 -6.13 -2.75
CA ASP A 20 -5.99 -6.17 -4.10
C ASP A 20 -5.26 -5.18 -5.00
N PHE A 21 -4.55 -5.68 -6.00
CA PHE A 21 -3.89 -4.86 -7.01
C PHE A 21 -4.93 -4.18 -7.89
N LEU A 22 -4.61 -2.97 -8.38
CA LEU A 22 -5.44 -2.20 -9.28
C LEU A 22 -4.63 -1.72 -10.48
N SER A 23 -5.35 -1.38 -11.55
CA SER A 23 -4.87 -1.10 -12.90
C SER A 23 -3.74 -0.06 -13.00
N GLU A 24 -3.24 0.10 -14.22
CA GLU A 24 -2.09 0.96 -14.51
C GLU A 24 -2.48 2.16 -15.38
N SER A 25 -1.51 3.08 -15.56
CA SER A 25 -1.65 4.27 -16.39
C SER A 25 -0.27 4.73 -16.88
N GLY A 26 -0.26 5.74 -17.75
CA GLY A 26 0.95 6.36 -18.26
C GLY A 26 1.63 5.53 -19.36
N GLU A 27 2.71 6.08 -19.91
CA GLU A 27 3.53 5.42 -20.92
C GLU A 27 4.57 4.53 -20.24
N SER A 28 5.29 3.70 -21.02
CA SER A 28 6.21 2.71 -20.47
C SER A 28 7.38 3.32 -19.70
N HIS A 29 7.80 4.53 -20.05
CA HIS A 29 8.96 5.17 -19.42
C HIS A 29 8.59 5.91 -18.14
N ALA A 30 7.29 6.01 -17.84
CA ALA A 30 6.76 6.72 -16.68
C ALA A 30 5.57 5.97 -16.09
N LYS A 31 5.49 4.67 -16.39
CA LYS A 31 4.36 3.82 -16.04
C LYS A 31 4.05 3.87 -14.55
N SER A 32 2.79 3.61 -14.20
CA SER A 32 2.36 3.55 -12.82
C SER A 32 1.35 2.42 -12.63
N PHE A 33 1.19 1.97 -11.39
CA PHE A 33 0.30 0.89 -10.99
C PHE A 33 -0.25 1.24 -9.61
N VAL A 34 -1.20 0.45 -9.11
CA VAL A 34 -1.67 0.72 -7.75
C VAL A 34 -2.07 -0.57 -7.05
N MET A 35 -2.08 -0.50 -5.71
CA MET A 35 -2.53 -1.56 -4.84
C MET A 35 -3.57 -0.99 -3.90
N SER A 36 -4.44 -1.85 -3.39
CA SER A 36 -5.34 -1.53 -2.31
C SER A 36 -5.26 -2.65 -1.28
N VAL A 37 -5.85 -2.44 -0.10
CA VAL A 37 -5.84 -3.48 0.92
C VAL A 37 -7.11 -3.41 1.75
N VAL A 38 -7.41 -4.52 2.42
CA VAL A 38 -8.47 -4.59 3.40
C VAL A 38 -7.90 -5.27 4.64
N VAL A 39 -7.74 -4.49 5.71
CA VAL A 39 -7.19 -4.97 6.96
C VAL A 39 -8.06 -4.46 8.09
N ASP A 40 -8.34 -5.32 9.08
CA ASP A 40 -9.18 -4.99 10.22
C ASP A 40 -10.58 -4.51 9.79
N GLY A 41 -10.93 -4.66 8.51
CA GLY A 41 -12.20 -4.23 7.96
C GLY A 41 -12.07 -2.86 7.30
N GLN A 42 -10.94 -2.18 7.52
CA GLN A 42 -10.66 -0.89 6.92
C GLN A 42 -10.18 -1.11 5.49
N PHE A 43 -10.08 -0.04 4.71
CA PHE A 43 -9.64 -0.12 3.31
C PHE A 43 -8.57 0.93 3.04
N PHE A 44 -7.60 0.58 2.19
CA PHE A 44 -6.50 1.47 1.84
C PHE A 44 -6.16 1.39 0.36
N GLU A 45 -5.36 2.35 -0.11
CA GLU A 45 -4.90 2.41 -1.50
C GLU A 45 -3.49 3.02 -1.53
N GLY A 46 -2.78 2.82 -2.64
CA GLY A 46 -1.42 3.35 -2.80
C GLY A 46 -0.87 3.01 -4.19
N SER A 47 -0.65 4.04 -5.00
CA SER A 47 -0.06 3.87 -6.33
C SER A 47 1.46 3.89 -6.25
N GLY A 48 2.13 3.55 -7.36
CA GLY A 48 3.58 3.56 -7.45
C GLY A 48 4.03 3.35 -8.90
N ARG A 49 5.34 3.50 -9.14
CA ARG A 49 5.89 3.31 -10.49
C ARG A 49 5.86 1.85 -10.91
N ASN A 50 5.82 0.94 -9.94
CA ASN A 50 5.75 -0.49 -10.17
C ASN A 50 4.86 -1.12 -9.10
N LYS A 51 4.48 -2.39 -9.30
CA LYS A 51 3.55 -3.07 -8.41
C LYS A 51 4.07 -3.23 -6.98
N LYS A 52 5.40 -3.34 -6.81
CA LYS A 52 5.99 -3.55 -5.49
C LYS A 52 6.01 -2.24 -4.70
N LEU A 53 6.32 -1.13 -5.39
CA LEU A 53 6.37 0.20 -4.80
C LEU A 53 4.96 0.62 -4.41
N ALA A 54 3.99 0.28 -5.25
CA ALA A 54 2.58 0.55 -4.99
C ALA A 54 2.14 -0.14 -3.69
N LYS A 55 2.53 -1.40 -3.49
CA LYS A 55 2.17 -2.10 -2.26
C LYS A 55 2.82 -1.44 -1.05
N ALA A 56 4.03 -0.91 -1.20
CA ALA A 56 4.72 -0.28 -0.09
C ALA A 56 3.98 0.97 0.37
N ARG A 57 3.32 1.67 -0.56
CA ARG A 57 2.54 2.86 -0.25
C ARG A 57 1.25 2.47 0.47
N ALA A 58 0.46 1.58 -0.12
CA ALA A 58 -0.81 1.13 0.44
C ALA A 58 -0.59 0.42 1.78
N ALA A 59 0.49 -0.34 1.90
CA ALA A 59 0.82 -1.06 3.12
C ALA A 59 1.27 -0.10 4.20
N GLN A 60 1.99 0.96 3.84
CA GLN A 60 2.39 1.98 4.79
C GLN A 60 1.16 2.72 5.32
N SER A 61 0.17 2.98 4.46
CA SER A 61 -1.06 3.61 4.92
C SER A 61 -1.82 2.66 5.86
N ALA A 62 -1.88 1.38 5.49
CA ALA A 62 -2.55 0.36 6.29
C ALA A 62 -1.89 0.27 7.67
N LEU A 63 -0.56 0.25 7.71
CA LEU A 63 0.22 0.19 8.94
C LEU A 63 -0.09 1.41 9.80
N ALA A 64 0.26 2.61 9.33
CA ALA A 64 0.15 3.83 10.12
C ALA A 64 -1.28 4.10 10.61
N THR A 65 -2.30 3.49 9.98
CA THR A 65 -3.67 3.68 10.43
C THR A 65 -4.10 2.60 11.41
N VAL A 66 -4.02 1.33 10.99
CA VAL A 66 -4.48 0.21 11.79
C VAL A 66 -3.61 0.03 13.04
N PHE A 67 -2.35 0.45 12.98
CA PHE A 67 -1.44 0.28 14.10
C PHE A 67 -1.39 1.55 14.96
N ASN A 68 -2.07 2.62 14.53
CA ASN A 68 -2.07 3.89 15.23
C ASN A 68 -0.66 4.48 15.40
N LEU A 69 0.28 4.07 14.55
CA LEU A 69 1.68 4.49 14.62
C LEU A 69 2.11 5.16 13.31
N HIS A 70 3.41 5.36 13.14
CA HIS A 70 3.97 6.01 11.97
C HIS A 70 5.12 5.16 11.40
N LEU A 71 5.76 5.64 10.33
CA LEU A 71 6.84 4.94 9.64
C LEU A 71 8.07 5.83 9.52
N PRO A 1 17.40 -4.76 0.52
CA PRO A 1 16.82 -3.48 0.95
C PRO A 1 17.43 -2.98 2.26
N SER A 2 17.58 -1.67 2.40
CA SER A 2 18.13 -1.04 3.60
C SER A 2 17.18 -1.16 4.79
N GLY A 3 15.96 -1.64 4.56
CA GLY A 3 14.96 -1.82 5.60
C GLY A 3 13.66 -2.37 5.02
N LYS A 4 12.69 -2.64 5.88
CA LYS A 4 11.37 -3.14 5.48
C LYS A 4 10.55 -2.06 4.79
N ASN A 5 9.36 -2.43 4.34
CA ASN A 5 8.38 -1.55 3.72
C ASN A 5 7.13 -1.56 4.61
N PRO A 6 6.18 -0.63 4.42
CA PRO A 6 5.05 -0.50 5.32
C PRO A 6 4.11 -1.69 5.20
N VAL A 7 4.28 -2.48 4.13
CA VAL A 7 3.50 -3.69 3.90
C VAL A 7 3.81 -4.71 4.99
N MET A 8 5.09 -4.96 5.26
CA MET A 8 5.49 -5.94 6.26
C MET A 8 5.20 -5.47 7.68
N ILE A 9 5.29 -4.15 7.96
CA ILE A 9 4.98 -3.66 9.29
C ILE A 9 3.54 -4.02 9.62
N LEU A 10 2.63 -3.62 8.72
CA LEU A 10 1.21 -3.87 8.85
C LEU A 10 0.97 -5.38 8.95
N ASN A 11 1.54 -6.15 8.02
CA ASN A 11 1.37 -7.59 7.95
C ASN A 11 1.98 -8.31 9.16
N GLU A 12 2.75 -7.61 10.01
CA GLU A 12 3.32 -8.19 11.22
C GLU A 12 2.60 -7.66 12.46
N LEU A 13 2.08 -6.44 12.40
CA LEU A 13 1.39 -5.85 13.54
C LEU A 13 -0.04 -6.36 13.63
N ARG A 14 -0.77 -6.34 12.51
CA ARG A 14 -2.16 -6.75 12.48
C ARG A 14 -2.53 -7.28 11.09
N PRO A 15 -2.18 -8.54 10.78
CA PRO A 15 -2.52 -9.18 9.52
C PRO A 15 -4.01 -9.50 9.49
N GLY A 16 -4.49 -10.11 8.39
CA GLY A 16 -5.90 -10.48 8.27
C GLY A 16 -6.69 -9.41 7.53
N LEU A 17 -6.25 -9.09 6.31
CA LEU A 17 -6.85 -8.08 5.46
C LEU A 17 -7.06 -8.66 4.06
N LYS A 18 -7.44 -7.80 3.10
CA LYS A 18 -7.66 -8.21 1.72
C LYS A 18 -7.21 -7.13 0.74
N TYR A 19 -6.07 -7.32 0.08
CA TYR A 19 -5.61 -6.39 -0.95
C TYR A 19 -6.29 -6.70 -2.29
N ASP A 20 -6.45 -5.65 -3.09
CA ASP A 20 -6.97 -5.74 -4.44
C ASP A 20 -6.23 -4.78 -5.37
N PHE A 21 -5.46 -5.33 -6.32
CA PHE A 21 -4.78 -4.53 -7.33
C PHE A 21 -5.80 -3.92 -8.28
N LEU A 22 -5.48 -2.74 -8.81
CA LEU A 22 -6.29 -2.04 -9.79
C LEU A 22 -5.43 -1.59 -10.97
N SER A 23 -6.11 -1.32 -12.09
CA SER A 23 -5.56 -1.11 -13.43
C SER A 23 -4.46 -0.06 -13.53
N GLU A 24 -3.89 0.05 -14.74
CA GLU A 24 -2.75 0.90 -15.04
C GLU A 24 -3.07 1.96 -16.09
N SER A 25 -2.11 2.87 -16.32
CA SER A 25 -2.21 3.92 -17.33
C SER A 25 -0.82 4.46 -17.65
N GLY A 26 -0.73 5.38 -18.61
CA GLY A 26 0.50 6.05 -18.99
C GLY A 26 1.34 5.27 -20.00
N GLU A 27 2.43 5.90 -20.46
CA GLU A 27 3.37 5.31 -21.39
C GLU A 27 4.32 4.35 -20.65
N SER A 28 5.16 3.63 -21.40
CA SER A 28 6.08 2.66 -20.80
C SER A 28 7.19 3.31 -19.96
N HIS A 29 7.33 4.64 -20.01
CA HIS A 29 8.37 5.36 -19.30
C HIS A 29 7.77 6.26 -18.21
N ALA A 30 6.45 6.31 -18.12
CA ALA A 30 5.71 7.11 -17.15
C ALA A 30 4.55 6.30 -16.59
N LYS A 31 4.64 4.97 -16.75
CA LYS A 31 3.58 4.03 -16.39
C LYS A 31 3.18 4.18 -14.93
N SER A 32 1.93 3.84 -14.63
CA SER A 32 1.42 3.83 -13.27
C SER A 32 0.48 2.64 -13.08
N PHE A 33 0.32 2.24 -11.82
CA PHE A 33 -0.53 1.14 -11.40
C PHE A 33 -1.16 1.52 -10.07
N VAL A 34 -2.09 0.72 -9.57
CA VAL A 34 -2.62 1.05 -8.24
C VAL A 34 -3.02 -0.22 -7.49
N MET A 35 -3.05 -0.09 -6.16
CA MET A 35 -3.51 -1.12 -5.25
C MET A 35 -4.59 -0.52 -4.38
N SER A 36 -5.48 -1.38 -3.88
CA SER A 36 -6.43 -1.01 -2.85
C SER A 36 -6.39 -2.09 -1.78
N VAL A 37 -7.02 -1.84 -0.63
CA VAL A 37 -7.04 -2.83 0.43
C VAL A 37 -8.37 -2.73 1.18
N VAL A 38 -8.70 -3.82 1.88
CA VAL A 38 -9.83 -3.85 2.81
C VAL A 38 -9.33 -4.49 4.10
N VAL A 39 -9.22 -3.67 5.14
CA VAL A 39 -8.73 -4.12 6.43
C VAL A 39 -9.65 -3.57 7.51
N ASP A 40 -9.99 -4.41 8.50
CA ASP A 40 -10.90 -4.05 9.59
C ASP A 40 -12.26 -3.57 9.08
N GLY A 41 -12.54 -3.74 7.79
CA GLY A 41 -13.78 -3.32 7.16
C GLY A 41 -13.62 -1.98 6.46
N GLN A 42 -12.49 -1.29 6.70
CA GLN A 42 -12.19 -0.03 6.06
C GLN A 42 -11.65 -0.30 4.66
N PHE A 43 -11.51 0.74 3.83
CA PHE A 43 -11.00 0.61 2.47
C PHE A 43 -9.92 1.65 2.22
N PHE A 44 -8.90 1.28 1.44
CA PHE A 44 -7.80 2.15 1.11
C PHE A 44 -7.37 2.01 -0.35
N GLU A 45 -6.56 2.96 -0.83
CA GLU A 45 -6.07 2.98 -2.19
C GLU A 45 -4.65 3.59 -2.20
N GLY A 46 -3.90 3.37 -3.28
CA GLY A 46 -2.55 3.88 -3.40
C GLY A 46 -1.95 3.53 -4.77
N SER A 47 -1.80 4.53 -5.64
CA SER A 47 -1.17 4.33 -6.94
C SER A 47 0.34 4.46 -6.83
N GLY A 48 1.06 4.03 -7.88
CA GLY A 48 2.50 4.10 -7.93
C GLY A 48 3.02 3.78 -9.33
N ARG A 49 4.34 3.95 -9.54
CA ARG A 49 4.95 3.68 -10.85
C ARG A 49 5.04 2.18 -11.14
N ASN A 50 4.86 1.35 -10.11
CA ASN A 50 4.94 -0.10 -10.21
C ASN A 50 4.07 -0.72 -9.13
N LYS A 51 3.81 -2.03 -9.23
CA LYS A 51 2.94 -2.74 -8.32
C LYS A 51 3.44 -2.70 -6.88
N LYS A 52 4.76 -2.81 -6.68
CA LYS A 52 5.35 -2.83 -5.35
C LYS A 52 5.18 -1.47 -4.67
N LEU A 53 5.42 -0.39 -5.41
CA LEU A 53 5.35 0.98 -4.91
C LEU A 53 3.90 1.33 -4.58
N ALA A 54 2.96 0.90 -5.44
CA ALA A 54 1.55 1.13 -5.24
C ALA A 54 1.07 0.49 -3.92
N LYS A 55 1.48 -0.75 -3.65
CA LYS A 55 1.09 -1.43 -2.41
C LYS A 55 1.67 -0.72 -1.20
N ALA A 56 2.89 -0.17 -1.31
CA ALA A 56 3.51 0.50 -0.19
C ALA A 56 2.73 1.77 0.16
N ARG A 57 2.09 2.40 -0.82
CA ARG A 57 1.28 3.59 -0.59
C ARG A 57 -0.04 3.24 0.07
N ALA A 58 -0.77 2.27 -0.51
CA ALA A 58 -2.05 1.84 0.03
C ALA A 58 -1.89 1.19 1.39
N ALA A 59 -0.81 0.42 1.58
CA ALA A 59 -0.53 -0.24 2.84
C ALA A 59 -0.11 0.76 3.91
N GLN A 60 0.61 1.81 3.53
CA GLN A 60 0.99 2.85 4.47
C GLN A 60 -0.25 3.62 4.93
N SER A 61 -1.22 3.81 4.03
CA SER A 61 -2.48 4.45 4.41
C SER A 61 -3.27 3.55 5.34
N ALA A 62 -3.35 2.25 4.99
CA ALA A 62 -4.05 1.27 5.80
C ALA A 62 -3.47 1.22 7.20
N LEU A 63 -2.14 1.24 7.32
CA LEU A 63 -1.43 1.25 8.58
C LEU A 63 -1.80 2.51 9.37
N ALA A 64 -1.43 3.68 8.85
CA ALA A 64 -1.61 4.95 9.55
C ALA A 64 -3.06 5.25 9.92
N THR A 65 -4.03 4.51 9.38
CA THR A 65 -5.42 4.71 9.74
C THR A 65 -5.89 3.65 10.73
N VAL A 66 -5.80 2.37 10.35
CA VAL A 66 -6.30 1.28 11.17
C VAL A 66 -5.51 1.14 12.46
N PHE A 67 -4.23 1.55 12.46
CA PHE A 67 -3.39 1.43 13.64
C PHE A 67 -3.42 2.70 14.49
N ASN A 68 -4.10 3.75 14.02
CA ASN A 68 -4.17 5.03 14.71
C ASN A 68 -2.77 5.65 14.92
N LEU A 69 -1.79 5.21 14.14
CA LEU A 69 -0.40 5.65 14.22
C LEU A 69 0.06 6.23 12.89
N HIS A 70 1.37 6.37 12.70
CA HIS A 70 1.95 6.83 11.44
C HIS A 70 3.19 6.00 11.12
N LEU A 71 3.62 6.03 9.86
CA LEU A 71 4.81 5.31 9.41
C LEU A 71 6.07 5.97 9.98
N PRO A 1 17.02 -4.05 -3.61
CA PRO A 1 17.66 -3.98 -2.28
C PRO A 1 17.49 -2.62 -1.62
N SER A 2 16.52 -2.53 -0.70
CA SER A 2 16.23 -1.28 0.02
C SER A 2 15.87 -1.56 1.48
N GLY A 3 16.00 -2.81 1.93
CA GLY A 3 15.61 -3.20 3.28
C GLY A 3 14.14 -3.57 3.32
N LYS A 4 13.59 -3.76 4.52
CA LYS A 4 12.18 -4.08 4.71
C LYS A 4 11.30 -2.94 4.20
N ASN A 5 9.98 -3.17 4.18
CA ASN A 5 9.01 -2.22 3.67
C ASN A 5 7.90 -2.06 4.72
N PRO A 6 7.02 -1.04 4.60
CA PRO A 6 5.99 -0.79 5.59
C PRO A 6 4.90 -1.85 5.52
N VAL A 7 4.91 -2.66 4.45
CA VAL A 7 3.98 -3.76 4.27
C VAL A 7 4.15 -4.79 5.38
N MET A 8 5.41 -5.19 5.64
CA MET A 8 5.71 -6.19 6.65
C MET A 8 5.47 -5.66 8.06
N ILE A 9 6.07 -4.51 8.42
CA ILE A 9 5.92 -4.00 9.77
C ILE A 9 4.45 -3.81 10.15
N LEU A 10 3.58 -3.52 9.17
CA LEU A 10 2.15 -3.47 9.42
C LEU A 10 1.66 -4.88 9.70
N ASN A 11 1.94 -5.78 8.75
CA ASN A 11 1.56 -7.19 8.79
C ASN A 11 2.29 -7.98 9.89
N GLU A 12 3.03 -7.29 10.77
CA GLU A 12 3.73 -7.93 11.89
C GLU A 12 3.20 -7.32 13.17
N LEU A 13 2.90 -6.03 13.11
CA LEU A 13 2.29 -5.29 14.19
C LEU A 13 0.89 -5.85 14.46
N ARG A 14 0.03 -5.85 13.42
CA ARG A 14 -1.30 -6.44 13.51
C ARG A 14 -1.79 -6.78 12.12
N PRO A 15 -1.62 -8.03 11.67
CA PRO A 15 -2.10 -8.49 10.37
C PRO A 15 -3.61 -8.63 10.40
N GLY A 16 -4.20 -8.99 9.25
CA GLY A 16 -5.64 -9.16 9.14
C GLY A 16 -6.30 -7.97 8.45
N LEU A 17 -5.92 -7.75 7.18
CA LEU A 17 -6.39 -6.65 6.37
C LEU A 17 -6.77 -7.14 4.97
N LYS A 18 -7.17 -6.20 4.11
CA LYS A 18 -7.59 -6.52 2.76
C LYS A 18 -7.09 -5.47 1.77
N TYR A 19 -6.05 -5.79 0.99
CA TYR A 19 -5.58 -4.89 -0.05
C TYR A 19 -6.40 -5.04 -1.32
N ASP A 20 -6.45 -3.97 -2.10
CA ASP A 20 -7.09 -3.95 -3.41
C ASP A 20 -6.27 -3.11 -4.38
N PHE A 21 -5.67 -3.76 -5.38
CA PHE A 21 -4.93 -3.07 -6.43
C PHE A 21 -5.90 -2.29 -7.32
N LEU A 22 -5.43 -1.16 -7.85
CA LEU A 22 -6.18 -0.31 -8.76
C LEU A 22 -5.35 -0.01 -10.01
N SER A 23 -6.06 0.38 -11.07
CA SER A 23 -5.57 0.51 -12.44
C SER A 23 -4.32 1.38 -12.61
N GLU A 24 -3.81 1.41 -13.85
CA GLU A 24 -2.56 2.09 -14.20
C GLU A 24 -2.78 3.19 -15.24
N SER A 25 -1.71 3.94 -15.51
CA SER A 25 -1.71 5.02 -16.49
C SER A 25 -0.27 5.37 -16.90
N GLY A 26 -0.14 6.29 -17.86
CA GLY A 26 1.15 6.80 -18.32
C GLY A 26 1.77 5.93 -19.42
N GLU A 27 2.88 6.43 -19.98
CA GLU A 27 3.64 5.73 -21.00
C GLU A 27 4.52 4.65 -20.37
N SER A 28 5.22 3.85 -21.18
CA SER A 28 6.05 2.77 -20.67
C SER A 28 7.21 3.28 -19.84
N HIS A 29 7.76 4.45 -20.18
CA HIS A 29 8.92 5.03 -19.51
C HIS A 29 8.54 5.82 -18.26
N ALA A 30 7.24 5.96 -18.00
CA ALA A 30 6.74 6.76 -16.89
C ALA A 30 5.51 6.09 -16.25
N LYS A 31 5.34 4.79 -16.50
CA LYS A 31 4.17 4.03 -16.08
C LYS A 31 3.95 4.16 -14.58
N SER A 32 2.68 4.12 -14.17
CA SER A 32 2.30 4.18 -12.76
C SER A 32 1.12 3.23 -12.51
N PHE A 33 0.94 2.83 -11.26
CA PHE A 33 -0.08 1.91 -10.80
C PHE A 33 -0.57 2.38 -9.44
N VAL A 34 -1.59 1.74 -8.88
CA VAL A 34 -1.98 2.12 -7.52
C VAL A 34 -2.52 0.92 -6.74
N MET A 35 -2.48 1.05 -5.41
CA MET A 35 -3.03 0.09 -4.48
C MET A 35 -3.95 0.84 -3.53
N SER A 36 -4.89 0.11 -2.94
CA SER A 36 -5.68 0.59 -1.82
C SER A 36 -5.71 -0.50 -0.76
N VAL A 37 -6.20 -0.18 0.43
CA VAL A 37 -6.28 -1.18 1.49
C VAL A 37 -7.49 -0.92 2.36
N VAL A 38 -7.88 -1.94 3.13
CA VAL A 38 -8.89 -1.84 4.16
C VAL A 38 -8.32 -2.49 5.41
N VAL A 39 -8.01 -1.67 6.41
CA VAL A 39 -7.35 -2.13 7.62
C VAL A 39 -8.15 -1.64 8.83
N ASP A 40 -8.49 -2.56 9.74
CA ASP A 40 -9.27 -2.27 10.94
C ASP A 40 -10.63 -1.61 10.63
N GLY A 41 -11.01 -1.56 9.35
CA GLY A 41 -12.26 -0.98 8.88
C GLY A 41 -12.03 0.35 8.17
N GLN A 42 -10.83 0.91 8.28
CA GLN A 42 -10.46 2.14 7.59
C GLN A 42 -10.12 1.83 6.14
N PHE A 43 -9.90 2.86 5.32
CA PHE A 43 -9.54 2.68 3.92
C PHE A 43 -8.36 3.59 3.57
N PHE A 44 -7.48 3.11 2.69
CA PHE A 44 -6.30 3.85 2.27
C PHE A 44 -6.02 3.67 0.79
N GLU A 45 -5.14 4.51 0.25
CA GLU A 45 -4.74 4.48 -1.15
C GLU A 45 -3.27 4.88 -1.27
N GLY A 46 -2.63 4.54 -2.40
CA GLY A 46 -1.22 4.85 -2.61
C GLY A 46 -0.77 4.44 -4.01
N SER A 47 -0.55 5.42 -4.91
CA SER A 47 -0.04 5.13 -6.24
C SER A 47 1.49 5.02 -6.21
N GLY A 48 2.08 4.51 -7.30
CA GLY A 48 3.52 4.36 -7.41
C GLY A 48 3.92 4.02 -8.84
N ARG A 49 5.23 4.01 -9.12
CA ARG A 49 5.73 3.69 -10.45
C ARG A 49 5.53 2.22 -10.79
N ASN A 50 5.39 1.36 -9.77
CA ASN A 50 5.18 -0.06 -9.95
C ASN A 50 4.28 -0.60 -8.85
N LYS A 51 3.87 -1.87 -8.97
CA LYS A 51 2.93 -2.51 -8.06
C LYS A 51 3.43 -2.55 -6.62
N LYS A 52 4.73 -2.82 -6.42
CA LYS A 52 5.32 -2.95 -5.09
C LYS A 52 5.43 -1.59 -4.40
N LEU A 53 5.84 -0.57 -5.16
CA LEU A 53 6.00 0.78 -4.63
C LEU A 53 4.65 1.35 -4.23
N ALA A 54 3.62 1.09 -5.04
CA ALA A 54 2.27 1.52 -4.76
C ALA A 54 1.78 0.92 -3.43
N LYS A 55 2.01 -0.38 -3.21
CA LYS A 55 1.61 -1.03 -1.97
C LYS A 55 2.37 -0.44 -0.79
N ALA A 56 3.65 -0.10 -0.98
CA ALA A 56 4.46 0.47 0.09
C ALA A 56 3.92 1.85 0.50
N ARG A 57 3.28 2.56 -0.43
CA ARG A 57 2.72 3.87 -0.15
C ARG A 57 1.39 3.73 0.60
N ALA A 58 0.47 2.92 0.07
CA ALA A 58 -0.81 2.70 0.70
C ALA A 58 -0.66 2.02 2.06
N ALA A 59 0.30 1.10 2.17
CA ALA A 59 0.57 0.40 3.41
C ALA A 59 1.24 1.32 4.43
N GLN A 60 2.03 2.30 3.95
CA GLN A 60 2.63 3.30 4.82
C GLN A 60 1.56 4.21 5.39
N SER A 61 0.58 4.61 4.57
CA SER A 61 -0.52 5.43 5.07
C SER A 61 -1.35 4.62 6.05
N ALA A 62 -1.62 3.35 5.72
CA ALA A 62 -2.38 2.46 6.56
C ALA A 62 -1.73 2.34 7.94
N LEU A 63 -0.41 2.09 7.98
CA LEU A 63 0.30 1.96 9.24
C LEU A 63 0.30 3.29 10.00
N ALA A 64 0.67 4.38 9.32
CA ALA A 64 0.80 5.68 9.96
C ALA A 64 -0.52 6.16 10.57
N THR A 65 -1.65 5.58 10.17
CA THR A 65 -2.94 5.98 10.71
C THR A 65 -3.47 4.95 11.72
N VAL A 66 -3.52 3.67 11.33
CA VAL A 66 -4.09 2.62 12.18
C VAL A 66 -3.25 2.37 13.42
N PHE A 67 -1.99 2.83 13.43
CA PHE A 67 -1.09 2.62 14.56
C PHE A 67 -0.63 3.94 15.19
N ASN A 68 -1.04 5.08 14.61
CA ASN A 68 -0.64 6.41 15.10
C ASN A 68 0.88 6.58 15.11
N LEU A 69 1.59 5.75 14.36
CA LEU A 69 3.05 5.71 14.31
C LEU A 69 3.52 5.96 12.88
N HIS A 70 3.89 7.20 12.55
CA HIS A 70 4.35 7.52 11.21
C HIS A 70 5.60 6.71 10.88
N LEU A 71 5.81 6.42 9.60
CA LEU A 71 6.94 5.63 9.13
C LEU A 71 8.26 6.37 9.34
N PRO A 1 16.36 -2.53 0.64
CA PRO A 1 15.19 -1.89 1.29
C PRO A 1 15.52 -1.40 2.69
N SER A 2 15.12 -0.16 3.01
CA SER A 2 15.36 0.45 4.31
C SER A 2 14.52 -0.19 5.42
N GLY A 3 13.63 -1.12 5.07
CA GLY A 3 12.79 -1.83 6.02
C GLY A 3 11.49 -1.07 6.33
N LYS A 4 11.33 0.14 5.78
CA LYS A 4 10.13 0.94 5.97
C LYS A 4 8.97 0.42 5.12
N ASN A 5 9.17 -0.63 4.34
CA ASN A 5 8.13 -1.23 3.52
C ASN A 5 6.92 -1.57 4.38
N PRO A 6 5.81 -0.86 4.19
CA PRO A 6 4.66 -0.90 5.07
C PRO A 6 3.82 -2.15 4.83
N VAL A 7 4.06 -2.87 3.73
CA VAL A 7 3.35 -4.10 3.46
C VAL A 7 3.69 -5.14 4.52
N MET A 8 4.98 -5.31 4.80
CA MET A 8 5.43 -6.35 5.72
C MET A 8 5.09 -6.01 7.17
N ILE A 9 5.34 -4.78 7.62
CA ILE A 9 5.03 -4.42 9.01
C ILE A 9 3.53 -4.57 9.29
N LEU A 10 2.66 -4.22 8.32
CA LEU A 10 1.24 -4.43 8.48
C LEU A 10 1.01 -5.94 8.68
N ASN A 11 1.59 -6.73 7.78
CA ASN A 11 1.46 -8.18 7.75
C ASN A 11 2.10 -8.87 8.97
N GLU A 12 2.85 -8.13 9.79
CA GLU A 12 3.46 -8.69 10.99
C GLU A 12 2.75 -8.21 12.26
N LEU A 13 1.97 -7.12 12.15
CA LEU A 13 1.32 -6.53 13.30
C LEU A 13 -0.13 -7.01 13.39
N ARG A 14 -0.83 -7.04 12.26
CA ARG A 14 -2.20 -7.54 12.21
C ARG A 14 -2.54 -8.02 10.80
N PRO A 15 -2.10 -9.23 10.42
CA PRO A 15 -2.38 -9.81 9.12
C PRO A 15 -3.86 -10.19 9.01
N GLY A 16 -4.27 -10.69 7.83
CA GLY A 16 -5.65 -11.08 7.62
C GLY A 16 -6.44 -10.03 6.85
N LEU A 17 -5.98 -9.73 5.64
CA LEU A 17 -6.57 -8.73 4.77
C LEU A 17 -6.68 -9.27 3.34
N LYS A 18 -7.14 -8.39 2.43
CA LYS A 18 -7.26 -8.71 1.02
C LYS A 18 -6.80 -7.50 0.22
N TYR A 19 -6.23 -7.71 -0.96
CA TYR A 19 -5.78 -6.63 -1.82
C TYR A 19 -6.40 -6.79 -3.21
N ASP A 20 -6.53 -5.66 -3.91
CA ASP A 20 -7.04 -5.65 -5.27
C ASP A 20 -6.26 -4.64 -6.12
N PHE A 21 -5.50 -5.12 -7.09
CA PHE A 21 -4.79 -4.27 -8.04
C PHE A 21 -5.79 -3.58 -8.96
N LEU A 22 -5.46 -2.35 -9.39
CA LEU A 22 -6.27 -1.56 -10.30
C LEU A 22 -5.41 -1.04 -11.46
N SER A 23 -6.10 -0.68 -12.54
CA SER A 23 -5.56 -0.36 -13.86
C SER A 23 -4.43 0.67 -13.88
N GLU A 24 -3.87 0.87 -15.08
CA GLU A 24 -2.71 1.72 -15.31
C GLU A 24 -3.02 2.90 -16.23
N SER A 25 -2.04 3.78 -16.40
CA SER A 25 -2.12 4.93 -17.29
C SER A 25 -0.71 5.37 -17.70
N GLY A 26 -0.63 6.34 -18.61
CA GLY A 26 0.63 6.90 -19.07
C GLY A 26 1.32 6.00 -20.10
N GLU A 27 2.49 6.46 -20.57
CA GLU A 27 3.31 5.73 -21.54
C GLU A 27 4.46 5.02 -20.82
N SER A 28 5.25 4.23 -21.55
CA SER A 28 6.32 3.41 -20.99
C SER A 28 7.45 4.20 -20.31
N HIS A 29 7.37 5.54 -20.30
CA HIS A 29 8.40 6.38 -19.70
C HIS A 29 7.82 7.23 -18.57
N ALA A 30 6.52 7.09 -18.30
CA ALA A 30 5.81 7.82 -17.25
C ALA A 30 4.71 6.94 -16.64
N LYS A 31 4.78 5.64 -16.91
CA LYS A 31 3.75 4.66 -16.57
C LYS A 31 3.42 4.69 -15.08
N SER A 32 2.15 4.43 -14.75
CA SER A 32 1.68 4.34 -13.38
C SER A 32 0.65 3.22 -13.26
N PHE A 33 0.45 2.74 -12.03
CA PHE A 33 -0.45 1.65 -11.70
C PHE A 33 -1.09 1.94 -10.35
N VAL A 34 -2.05 1.13 -9.89
CA VAL A 34 -2.59 1.36 -8.57
C VAL A 34 -2.99 0.05 -7.90
N MET A 35 -3.08 0.09 -6.57
CA MET A 35 -3.55 -1.01 -5.75
C MET A 35 -4.66 -0.48 -4.84
N SER A 36 -5.49 -1.40 -4.37
CA SER A 36 -6.44 -1.12 -3.31
C SER A 36 -6.38 -2.27 -2.31
N VAL A 37 -7.03 -2.11 -1.15
CA VAL A 37 -7.00 -3.13 -0.12
C VAL A 37 -8.32 -3.13 0.64
N VAL A 38 -8.56 -4.20 1.39
CA VAL A 38 -9.67 -4.30 2.32
C VAL A 38 -9.11 -4.89 3.61
N VAL A 39 -9.03 -4.04 4.64
CA VAL A 39 -8.42 -4.41 5.91
C VAL A 39 -9.37 -4.11 7.05
N ASP A 40 -9.66 -5.11 7.88
CA ASP A 40 -10.56 -4.99 9.03
C ASP A 40 -11.99 -4.59 8.62
N GLY A 41 -12.25 -4.52 7.32
CA GLY A 41 -13.55 -4.13 6.77
C GLY A 41 -13.48 -2.77 6.08
N GLN A 42 -12.39 -2.02 6.31
CA GLN A 42 -12.18 -0.73 5.68
C GLN A 42 -11.67 -0.96 4.25
N PHE A 43 -11.54 0.12 3.48
CA PHE A 43 -11.03 0.05 2.12
C PHE A 43 -9.99 1.16 1.91
N PHE A 44 -8.97 0.86 1.09
CA PHE A 44 -7.89 1.79 0.83
C PHE A 44 -7.43 1.74 -0.62
N GLU A 45 -6.64 2.73 -1.05
CA GLU A 45 -6.12 2.82 -2.41
C GLU A 45 -4.73 3.46 -2.38
N GLY A 46 -3.95 3.28 -3.46
CA GLY A 46 -2.61 3.84 -3.55
C GLY A 46 -2.00 3.57 -4.93
N SER A 47 -1.72 4.64 -5.69
CA SER A 47 -1.10 4.52 -7.00
C SER A 47 0.42 4.65 -6.89
N GLY A 48 1.13 4.33 -7.98
CA GLY A 48 2.58 4.42 -8.03
C GLY A 48 3.13 4.11 -9.42
N ARG A 49 4.43 4.36 -9.63
CA ARG A 49 5.08 4.12 -10.91
C ARG A 49 5.24 2.63 -11.22
N ASN A 50 5.09 1.76 -10.22
CA ASN A 50 5.17 0.32 -10.39
C ASN A 50 4.24 -0.36 -9.38
N LYS A 51 4.01 -1.67 -9.53
CA LYS A 51 3.07 -2.37 -8.66
C LYS A 51 3.51 -2.45 -7.20
N LYS A 52 4.81 -2.39 -6.92
CA LYS A 52 5.31 -2.47 -5.55
C LYS A 52 5.03 -1.17 -4.82
N LEU A 53 5.39 -0.04 -5.44
CA LEU A 53 5.22 1.28 -4.87
C LEU A 53 3.74 1.58 -4.66
N ALA A 54 2.90 1.14 -5.61
CA ALA A 54 1.45 1.27 -5.49
C ALA A 54 0.95 0.55 -4.24
N LYS A 55 1.34 -0.72 -4.05
CA LYS A 55 0.93 -1.47 -2.87
C LYS A 55 1.49 -0.83 -1.61
N ALA A 56 2.69 -0.26 -1.67
CA ALA A 56 3.29 0.35 -0.49
C ALA A 56 2.50 1.58 -0.07
N ARG A 57 1.89 2.28 -1.03
CA ARG A 57 1.08 3.46 -0.74
C ARG A 57 -0.28 3.04 -0.16
N ALA A 58 -0.94 2.08 -0.80
CA ALA A 58 -2.24 1.59 -0.34
C ALA A 58 -2.10 0.89 1.01
N ALA A 59 -1.01 0.13 1.20
CA ALA A 59 -0.75 -0.59 2.43
C ALA A 59 -0.35 0.39 3.55
N GLN A 60 0.34 1.48 3.20
CA GLN A 60 0.67 2.51 4.17
C GLN A 60 -0.60 3.20 4.65
N SER A 61 -1.57 3.42 3.76
CA SER A 61 -2.84 4.01 4.14
C SER A 61 -3.60 3.06 5.04
N ALA A 62 -3.63 1.77 4.67
CA ALA A 62 -4.31 0.76 5.45
C ALA A 62 -3.73 0.67 6.85
N LEU A 63 -2.39 0.65 6.95
CA LEU A 63 -1.68 0.62 8.22
C LEU A 63 -2.00 1.86 9.03
N ALA A 64 -1.68 3.05 8.50
CA ALA A 64 -1.83 4.31 9.21
C ALA A 64 -3.26 4.57 9.71
N THR A 65 -4.27 3.90 9.14
CA THR A 65 -5.64 4.08 9.58
C THR A 65 -6.10 2.96 10.51
N VAL A 66 -5.95 1.70 10.09
CA VAL A 66 -6.43 0.58 10.89
C VAL A 66 -5.63 0.43 12.18
N PHE A 67 -4.34 0.78 12.15
CA PHE A 67 -3.49 0.65 13.32
C PHE A 67 -3.50 1.92 14.16
N ASN A 68 -4.08 3.01 13.65
CA ASN A 68 -4.05 4.31 14.28
C ASN A 68 -2.62 4.80 14.51
N LEU A 69 -1.65 4.22 13.78
CA LEU A 69 -0.24 4.51 13.90
C LEU A 69 0.34 4.80 12.52
N HIS A 70 0.69 6.06 12.26
CA HIS A 70 1.25 6.46 10.97
C HIS A 70 2.59 5.75 10.72
N LEU A 71 3.00 5.68 9.45
CA LEU A 71 4.24 5.06 9.04
C LEU A 71 5.45 5.87 9.51
N PRO A 1 8.94 -8.06 13.89
CA PRO A 1 10.08 -7.57 13.10
C PRO A 1 9.67 -6.46 12.13
N SER A 2 10.45 -6.28 11.06
CA SER A 2 10.18 -5.29 10.02
C SER A 2 10.59 -5.85 8.66
N GLY A 3 10.40 -5.06 7.59
CA GLY A 3 10.73 -5.46 6.25
C GLY A 3 11.29 -4.31 5.43
N LYS A 4 11.65 -4.57 4.17
CA LYS A 4 12.20 -3.59 3.25
C LYS A 4 11.17 -2.54 2.83
N ASN A 5 9.93 -2.67 3.30
CA ASN A 5 8.82 -1.79 2.95
C ASN A 5 7.93 -1.55 4.17
N PRO A 6 7.07 -0.52 4.13
CA PRO A 6 6.09 -0.26 5.17
C PRO A 6 4.95 -1.27 5.13
N VAL A 7 4.87 -2.05 4.04
CA VAL A 7 3.84 -3.06 3.84
C VAL A 7 3.92 -4.12 4.93
N MET A 8 5.10 -4.73 5.10
CA MET A 8 5.27 -5.81 6.06
C MET A 8 5.17 -5.31 7.51
N ILE A 9 5.57 -4.06 7.78
CA ILE A 9 5.45 -3.52 9.12
C ILE A 9 3.99 -3.57 9.53
N LEU A 10 3.14 -3.00 8.67
CA LEU A 10 1.70 -2.96 8.85
C LEU A 10 1.16 -4.38 9.00
N ASN A 11 1.55 -5.29 8.10
CA ASN A 11 1.11 -6.67 8.12
C ASN A 11 1.68 -7.47 9.30
N GLU A 12 2.57 -6.89 10.10
CA GLU A 12 3.04 -7.53 11.32
C GLU A 12 2.38 -6.89 12.54
N LEU A 13 2.20 -5.57 12.51
CA LEU A 13 1.61 -4.83 13.62
C LEU A 13 0.12 -5.10 13.72
N ARG A 14 -0.60 -4.98 12.60
CA ARG A 14 -2.03 -5.18 12.56
C ARG A 14 -2.49 -5.62 11.17
N PRO A 15 -2.29 -6.90 10.83
CA PRO A 15 -2.76 -7.47 9.57
C PRO A 15 -4.28 -7.60 9.61
N GLY A 16 -4.88 -8.00 8.48
CA GLY A 16 -6.33 -8.13 8.37
C GLY A 16 -6.93 -7.00 7.55
N LEU A 17 -6.39 -6.77 6.35
CA LEU A 17 -6.79 -5.70 5.47
C LEU A 17 -7.04 -6.21 4.06
N LYS A 18 -7.37 -5.29 3.15
CA LYS A 18 -7.69 -5.64 1.77
C LYS A 18 -7.10 -4.60 0.80
N TYR A 19 -6.03 -4.95 0.11
CA TYR A 19 -5.46 -4.08 -0.92
C TYR A 19 -6.17 -4.26 -2.24
N ASP A 20 -6.11 -3.22 -3.07
CA ASP A 20 -6.56 -3.27 -4.45
C ASP A 20 -5.56 -2.51 -5.33
N PHE A 21 -5.60 -2.78 -6.63
CA PHE A 21 -4.72 -2.14 -7.60
C PHE A 21 -5.54 -1.35 -8.60
N LEU A 22 -5.07 -0.16 -8.95
CA LEU A 22 -5.75 0.75 -9.84
C LEU A 22 -4.86 1.09 -11.04
N SER A 23 -5.50 1.54 -12.11
CA SER A 23 -4.95 1.69 -13.45
C SER A 23 -3.68 2.52 -13.55
N GLU A 24 -3.09 2.51 -14.75
CA GLU A 24 -1.82 3.16 -15.04
C GLU A 24 -1.95 4.24 -16.11
N SER A 25 -0.85 4.94 -16.37
CA SER A 25 -0.75 5.96 -17.40
C SER A 25 0.68 6.00 -17.93
N GLY A 26 0.92 6.73 -19.03
CA GLY A 26 2.22 6.82 -19.67
C GLY A 26 2.39 5.71 -20.70
N GLU A 27 3.51 5.75 -21.46
CA GLU A 27 3.77 4.79 -22.52
C GLU A 27 5.22 4.30 -22.46
N SER A 28 5.51 3.41 -21.50
CA SER A 28 6.84 2.87 -21.24
C SER A 28 7.85 3.93 -20.79
N HIS A 29 7.42 5.20 -20.70
CA HIS A 29 8.21 6.29 -20.14
C HIS A 29 7.29 7.14 -19.28
N ALA A 30 7.84 7.78 -18.25
CA ALA A 30 7.05 8.51 -17.25
C ALA A 30 5.88 7.67 -16.74
N LYS A 31 5.95 6.34 -16.90
CA LYS A 31 4.89 5.41 -16.56
C LYS A 31 4.53 5.54 -15.07
N SER A 32 3.26 5.31 -14.75
CA SER A 32 2.80 5.32 -13.37
C SER A 32 1.69 4.28 -13.18
N PHE A 33 1.49 3.87 -11.93
CA PHE A 33 0.50 2.89 -11.52
C PHE A 33 -0.03 3.32 -10.16
N VAL A 34 -1.09 2.67 -9.65
CA VAL A 34 -1.54 3.02 -8.31
C VAL A 34 -2.14 1.82 -7.59
N MET A 35 -2.14 1.88 -6.26
CA MET A 35 -2.75 0.91 -5.38
C MET A 35 -3.70 1.64 -4.45
N SER A 36 -4.68 0.92 -3.92
CA SER A 36 -5.50 1.40 -2.81
C SER A 36 -5.55 0.33 -1.74
N VAL A 37 -6.09 0.66 -0.57
CA VAL A 37 -6.22 -0.32 0.50
C VAL A 37 -7.48 -0.03 1.30
N VAL A 38 -7.93 -1.03 2.06
CA VAL A 38 -9.02 -0.90 3.01
C VAL A 38 -8.56 -1.55 4.30
N VAL A 39 -8.32 -0.72 5.32
CA VAL A 39 -7.77 -1.16 6.60
C VAL A 39 -8.64 -0.66 7.74
N ASP A 40 -9.08 -1.56 8.62
CA ASP A 40 -9.94 -1.24 9.75
C ASP A 40 -11.26 -0.56 9.33
N GLY A 41 -11.53 -0.51 8.02
CA GLY A 41 -12.72 0.11 7.46
C GLY A 41 -12.40 1.42 6.75
N GLN A 42 -11.19 1.95 6.96
CA GLN A 42 -10.74 3.16 6.29
C GLN A 42 -10.32 2.81 4.87
N PHE A 43 -10.03 3.82 4.05
CA PHE A 43 -9.58 3.63 2.68
C PHE A 43 -8.37 4.50 2.39
N PHE A 44 -7.44 3.99 1.58
CA PHE A 44 -6.21 4.69 1.24
C PHE A 44 -5.85 4.52 -0.23
N GLU A 45 -4.91 5.34 -0.71
CA GLU A 45 -4.45 5.30 -2.09
C GLU A 45 -2.96 5.67 -2.13
N GLY A 46 -2.28 5.35 -3.24
CA GLY A 46 -0.87 5.63 -3.39
C GLY A 46 -0.38 5.25 -4.79
N SER A 47 -0.04 6.25 -5.61
CA SER A 47 0.50 6.00 -6.94
C SER A 47 2.02 5.92 -6.90
N GLY A 48 2.62 5.42 -7.98
CA GLY A 48 4.06 5.30 -8.10
C GLY A 48 4.47 4.92 -9.51
N ARG A 49 5.76 4.93 -9.80
CA ARG A 49 6.27 4.59 -11.14
C ARG A 49 6.19 3.10 -11.44
N ASN A 50 5.96 2.28 -10.41
CA ASN A 50 5.82 0.84 -10.53
C ASN A 50 4.84 0.32 -9.47
N LYS A 51 4.43 -0.94 -9.57
CA LYS A 51 3.44 -1.53 -8.67
C LYS A 51 3.92 -1.62 -7.22
N LYS A 52 5.23 -1.84 -7.02
CA LYS A 52 5.83 -1.99 -5.70
C LYS A 52 5.77 -0.68 -4.92
N LEU A 53 6.24 0.40 -5.57
CA LEU A 53 6.33 1.72 -4.97
C LEU A 53 4.93 2.24 -4.65
N ALA A 54 3.98 1.96 -5.54
CA ALA A 54 2.58 2.33 -5.34
C ALA A 54 2.02 1.70 -4.06
N LYS A 55 2.25 0.40 -3.85
CA LYS A 55 1.78 -0.27 -2.64
C LYS A 55 2.49 0.29 -1.41
N ALA A 56 3.79 0.56 -1.51
CA ALA A 56 4.55 1.07 -0.37
C ALA A 56 4.01 2.44 0.05
N ARG A 57 3.50 3.22 -0.90
CA ARG A 57 2.93 4.53 -0.64
C ARG A 57 1.58 4.40 0.05
N ALA A 58 0.65 3.64 -0.54
CA ALA A 58 -0.68 3.45 0.00
C ALA A 58 -0.62 2.72 1.35
N ALA A 59 0.34 1.81 1.50
CA ALA A 59 0.54 1.06 2.72
C ALA A 59 1.10 1.96 3.82
N GLN A 60 2.02 2.86 3.47
CA GLN A 60 2.56 3.82 4.42
C GLN A 60 1.46 4.77 4.89
N SER A 61 0.53 5.15 4.01
CA SER A 61 -0.59 5.98 4.41
C SER A 61 -1.50 5.21 5.36
N ALA A 62 -1.80 3.96 5.01
CA ALA A 62 -2.65 3.11 5.83
C ALA A 62 -2.05 2.95 7.23
N LEU A 63 -0.74 2.73 7.30
CA LEU A 63 0.00 2.59 8.55
C LEU A 63 -0.10 3.89 9.35
N ALA A 64 0.48 4.97 8.82
CA ALA A 64 0.57 6.25 9.54
C ALA A 64 -0.80 6.83 9.92
N THR A 65 -1.90 6.29 9.39
CA THR A 65 -3.23 6.75 9.76
C THR A 65 -3.88 5.81 10.78
N VAL A 66 -4.04 4.54 10.42
CA VAL A 66 -4.73 3.58 11.28
C VAL A 66 -3.93 3.33 12.56
N PHE A 67 -2.60 3.44 12.50
CA PHE A 67 -1.75 3.18 13.65
C PHE A 67 -1.53 4.42 14.49
N ASN A 68 -2.02 5.59 14.02
CA ASN A 68 -1.83 6.87 14.70
C ASN A 68 -0.34 7.21 14.89
N LEU A 69 0.53 6.60 14.09
CA LEU A 69 1.97 6.77 14.16
C LEU A 69 2.50 7.24 12.81
N HIS A 70 3.82 7.17 12.60
CA HIS A 70 4.43 7.50 11.32
C HIS A 70 5.50 6.47 10.98
N LEU A 71 5.89 6.41 9.70
CA LEU A 71 6.91 5.49 9.22
C LEU A 71 8.30 5.91 9.74
N PRO A 1 15.72 -8.78 1.50
CA PRO A 1 15.63 -8.05 2.78
C PRO A 1 14.21 -7.58 3.08
N SER A 2 13.56 -8.24 4.05
CA SER A 2 12.20 -7.88 4.47
C SER A 2 12.21 -6.56 5.26
N GLY A 3 11.01 -6.03 5.53
CA GLY A 3 10.84 -4.81 6.31
C GLY A 3 11.29 -3.56 5.55
N LYS A 4 11.66 -3.69 4.28
CA LYS A 4 12.16 -2.58 3.46
C LYS A 4 11.07 -1.54 3.17
N ASN A 5 9.80 -1.88 3.42
CA ASN A 5 8.66 -1.01 3.14
C ASN A 5 7.70 -1.02 4.34
N PRO A 6 6.75 -0.09 4.40
CA PRO A 6 5.80 0.04 5.52
C PRO A 6 4.74 -1.05 5.44
N VAL A 7 4.74 -1.80 4.33
CA VAL A 7 3.82 -2.91 4.12
C VAL A 7 4.01 -3.97 5.19
N MET A 8 5.24 -4.40 5.43
CA MET A 8 5.49 -5.49 6.36
C MET A 8 5.33 -5.04 7.81
N ILE A 9 5.82 -3.85 8.17
CA ILE A 9 5.68 -3.41 9.56
C ILE A 9 4.20 -3.33 9.93
N LEU A 10 3.32 -2.98 9.00
CA LEU A 10 1.89 -3.03 9.24
C LEU A 10 1.49 -4.49 9.49
N ASN A 11 1.79 -5.36 8.53
CA ASN A 11 1.47 -6.78 8.55
C ASN A 11 2.19 -7.56 9.67
N GLU A 12 3.01 -6.90 10.49
CA GLU A 12 3.72 -7.55 11.59
C GLU A 12 3.37 -6.92 12.94
N LEU A 13 2.76 -5.73 12.93
CA LEU A 13 2.34 -5.06 14.16
C LEU A 13 0.88 -5.43 14.46
N ARG A 14 0.02 -5.24 13.45
CA ARG A 14 -1.39 -5.55 13.54
C ARG A 14 -1.93 -5.86 12.15
N PRO A 15 -1.75 -7.10 11.67
CA PRO A 15 -2.30 -7.54 10.40
C PRO A 15 -3.82 -7.65 10.51
N GLY A 16 -4.49 -7.93 9.38
CA GLY A 16 -5.94 -8.01 9.36
C GLY A 16 -6.54 -7.00 8.39
N LEU A 17 -6.02 -6.95 7.16
CA LEU A 17 -6.45 -6.02 6.15
C LEU A 17 -6.77 -6.77 4.85
N LYS A 18 -7.13 -6.03 3.81
CA LYS A 18 -7.46 -6.58 2.51
C LYS A 18 -7.05 -5.61 1.41
N TYR A 19 -5.90 -5.85 0.76
CA TYR A 19 -5.44 -4.99 -0.32
C TYR A 19 -6.19 -5.28 -1.62
N ASP A 20 -6.24 -4.25 -2.47
CA ASP A 20 -6.71 -4.36 -3.84
C ASP A 20 -5.77 -3.54 -4.74
N PHE A 21 -5.84 -3.79 -6.05
CA PHE A 21 -5.00 -3.10 -7.03
C PHE A 21 -5.90 -2.42 -8.04
N LEU A 22 -5.53 -1.19 -8.41
CA LEU A 22 -6.31 -0.36 -9.31
C LEU A 22 -5.45 0.03 -10.52
N SER A 23 -6.16 0.39 -11.60
CA SER A 23 -5.62 0.55 -12.94
C SER A 23 -4.43 1.50 -13.07
N GLU A 24 -3.83 1.49 -14.26
CA GLU A 24 -2.63 2.26 -14.58
C GLU A 24 -2.91 3.32 -15.65
N SER A 25 -1.89 4.15 -15.91
CA SER A 25 -1.96 5.19 -16.92
C SER A 25 -0.55 5.58 -17.37
N GLY A 26 -0.46 6.44 -18.40
CA GLY A 26 0.81 6.95 -18.91
C GLY A 26 1.50 5.97 -19.86
N GLU A 27 2.63 6.42 -20.44
CA GLU A 27 3.44 5.62 -21.33
C GLU A 27 4.42 4.76 -20.53
N SER A 28 5.17 3.88 -21.21
CA SER A 28 6.10 2.96 -20.56
C SER A 28 7.26 3.67 -19.86
N HIS A 29 7.37 5.00 -20.01
CA HIS A 29 8.47 5.78 -19.44
C HIS A 29 7.95 6.82 -18.44
N ALA A 30 6.64 6.86 -18.23
CA ALA A 30 5.98 7.78 -17.30
C ALA A 30 4.84 7.05 -16.60
N LYS A 31 4.86 5.71 -16.64
CA LYS A 31 3.80 4.85 -16.16
C LYS A 31 3.50 5.07 -14.68
N SER A 32 2.25 4.83 -14.29
CA SER A 32 1.80 4.86 -12.90
C SER A 32 0.79 3.75 -12.67
N PHE A 33 0.65 3.32 -11.42
CA PHE A 33 -0.26 2.28 -10.99
C PHE A 33 -0.84 2.68 -9.65
N VAL A 34 -1.87 1.98 -9.14
CA VAL A 34 -2.35 2.32 -7.82
C VAL A 34 -2.82 1.08 -7.08
N MET A 35 -2.83 1.17 -5.74
CA MET A 35 -3.33 0.15 -4.85
C MET A 35 -4.35 0.81 -3.92
N SER A 36 -5.28 0.00 -3.41
CA SER A 36 -6.12 0.43 -2.31
C SER A 36 -6.08 -0.64 -1.23
N VAL A 37 -6.63 -0.35 -0.06
CA VAL A 37 -6.67 -1.33 1.01
C VAL A 37 -7.95 -1.16 1.81
N VAL A 38 -8.41 -2.25 2.43
CA VAL A 38 -9.51 -2.22 3.38
C VAL A 38 -9.07 -2.96 4.61
N VAL A 39 -8.65 -2.20 5.62
CA VAL A 39 -8.10 -2.75 6.86
C VAL A 39 -9.23 -3.27 7.73
N ASP A 40 -9.19 -2.93 9.02
CA ASP A 40 -10.22 -3.16 10.03
C ASP A 40 -11.62 -2.71 9.59
N GLY A 41 -11.75 -2.08 8.42
CA GLY A 41 -13.00 -1.60 7.87
C GLY A 41 -12.82 -0.25 7.19
N GLN A 42 -11.68 0.40 7.45
CA GLN A 42 -11.34 1.67 6.84
C GLN A 42 -10.83 1.41 5.42
N PHE A 43 -10.75 2.47 4.61
CA PHE A 43 -10.31 2.36 3.22
C PHE A 43 -9.15 3.33 2.97
N PHE A 44 -8.19 2.90 2.14
CA PHE A 44 -7.03 3.71 1.80
C PHE A 44 -6.65 3.53 0.33
N GLU A 45 -5.81 4.43 -0.19
CA GLU A 45 -5.37 4.40 -1.57
C GLU A 45 -3.93 4.92 -1.67
N GLY A 46 -3.25 4.64 -2.80
CA GLY A 46 -1.88 5.07 -3.00
C GLY A 46 -1.41 4.72 -4.41
N SER A 47 -1.09 5.74 -5.22
CA SER A 47 -0.55 5.53 -6.56
C SER A 47 0.97 5.69 -6.54
N GLY A 48 1.65 5.15 -7.56
CA GLY A 48 3.09 5.23 -7.69
C GLY A 48 3.53 4.79 -9.08
N ARG A 49 4.80 5.02 -9.42
CA ARG A 49 5.33 4.67 -10.74
C ARG A 49 5.45 3.17 -10.94
N ASN A 50 5.36 2.39 -9.85
CA ASN A 50 5.42 0.94 -9.89
C ASN A 50 4.49 0.38 -8.80
N LYS A 51 4.21 -0.92 -8.86
CA LYS A 51 3.26 -1.55 -7.93
C LYS A 51 3.76 -1.56 -6.49
N LYS A 52 5.08 -1.58 -6.28
CA LYS A 52 5.65 -1.61 -4.93
C LYS A 52 5.43 -0.29 -4.22
N LEU A 53 5.78 0.82 -4.90
CA LEU A 53 5.69 2.17 -4.37
C LEU A 53 4.23 2.50 -4.10
N ALA A 54 3.33 2.07 -5.00
CA ALA A 54 1.90 2.27 -4.85
C ALA A 54 1.40 1.63 -3.55
N LYS A 55 1.78 0.38 -3.30
CA LYS A 55 1.36 -0.31 -2.07
C LYS A 55 1.99 0.34 -0.85
N ALA A 56 3.26 0.76 -0.94
CA ALA A 56 3.94 1.38 0.19
C ALA A 56 3.24 2.69 0.59
N ARG A 57 2.66 3.40 -0.38
CA ARG A 57 1.95 4.64 -0.13
C ARG A 57 0.63 4.39 0.58
N ALA A 58 -0.17 3.44 0.06
CA ALA A 58 -1.45 3.11 0.64
C ALA A 58 -1.27 2.38 1.97
N ALA A 59 -0.21 1.59 2.09
CA ALA A 59 0.08 0.83 3.30
C ALA A 59 0.56 1.74 4.42
N GLN A 60 1.39 2.75 4.09
CA GLN A 60 1.80 3.75 5.06
C GLN A 60 0.58 4.51 5.58
N SER A 61 -0.38 4.78 4.70
CA SER A 61 -1.60 5.46 5.11
C SER A 61 -2.44 4.55 5.99
N ALA A 62 -2.57 3.27 5.59
CA ALA A 62 -3.32 2.28 6.34
C ALA A 62 -2.73 2.08 7.73
N LEU A 63 -1.40 2.09 7.83
CA LEU A 63 -0.68 1.95 9.09
C LEU A 63 -1.01 3.12 10.01
N ALA A 64 -0.52 4.31 9.67
CA ALA A 64 -0.66 5.49 10.52
C ALA A 64 -2.09 5.67 11.04
N THR A 65 -3.09 5.58 10.17
CA THR A 65 -4.47 5.81 10.58
C THR A 65 -4.97 4.72 11.53
N VAL A 66 -4.96 3.46 11.10
CA VAL A 66 -5.52 2.36 11.88
C VAL A 66 -4.71 2.11 13.14
N PHE A 67 -3.39 2.39 13.12
CA PHE A 67 -2.53 2.17 14.26
C PHE A 67 -2.53 3.40 15.18
N ASN A 68 -3.20 4.49 14.79
CA ASN A 68 -3.23 5.73 15.55
C ASN A 68 -1.83 6.31 15.78
N LEU A 69 -0.88 5.96 14.89
CA LEU A 69 0.51 6.37 15.00
C LEU A 69 0.98 7.02 13.69
N HIS A 70 2.29 7.21 13.53
CA HIS A 70 2.88 7.83 12.36
C HIS A 70 4.07 7.01 11.89
N LEU A 71 4.74 7.44 10.82
CA LEU A 71 5.87 6.75 10.23
C LEU A 71 7.04 7.71 9.99
N PRO A 1 18.15 -2.78 -1.98
CA PRO A 1 17.94 -3.46 -0.69
C PRO A 1 17.07 -2.63 0.26
N SER A 2 15.91 -3.19 0.63
CA SER A 2 14.98 -2.54 1.55
C SER A 2 15.58 -2.47 2.97
N GLY A 3 14.84 -1.84 3.88
CA GLY A 3 15.26 -1.69 5.27
C GLY A 3 14.39 -0.67 6.02
N LYS A 4 13.48 0.01 5.32
CA LYS A 4 12.57 0.99 5.91
C LYS A 4 11.15 0.85 5.37
N ASN A 5 10.93 -0.13 4.47
CA ASN A 5 9.62 -0.33 3.85
C ASN A 5 8.56 -0.63 4.91
N PRO A 6 7.42 0.06 4.87
CA PRO A 6 6.40 0.02 5.90
C PRO A 6 5.46 -1.19 5.78
N VAL A 7 5.50 -1.92 4.67
CA VAL A 7 4.61 -3.05 4.47
C VAL A 7 4.86 -4.15 5.49
N MET A 8 6.11 -4.55 5.69
CA MET A 8 6.43 -5.62 6.62
C MET A 8 6.15 -5.21 8.06
N ILE A 9 6.44 -3.94 8.40
CA ILE A 9 6.18 -3.45 9.75
C ILE A 9 4.71 -3.68 10.07
N LEU A 10 3.84 -3.23 9.18
CA LEU A 10 2.41 -3.38 9.33
C LEU A 10 2.03 -4.85 9.31
N ASN A 11 2.65 -5.63 8.41
CA ASN A 11 2.44 -7.07 8.33
C ASN A 11 2.93 -7.78 9.60
N GLU A 12 3.53 -7.03 10.53
CA GLU A 12 3.94 -7.56 11.82
C GLU A 12 3.24 -6.81 12.96
N LEU A 13 2.65 -5.65 12.66
CA LEU A 13 1.90 -4.89 13.64
C LEU A 13 0.44 -5.33 13.67
N ARG A 14 -0.13 -5.63 12.49
CA ARG A 14 -1.47 -6.21 12.36
C ARG A 14 -1.66 -6.76 10.94
N PRO A 15 -1.27 -8.01 10.68
CA PRO A 15 -1.36 -8.64 9.36
C PRO A 15 -2.78 -9.02 8.96
N GLY A 16 -3.79 -8.74 9.81
CA GLY A 16 -5.16 -9.13 9.55
C GLY A 16 -5.86 -8.15 8.61
N LEU A 17 -5.45 -8.11 7.34
CA LEU A 17 -6.01 -7.21 6.35
C LEU A 17 -6.15 -7.91 4.99
N LYS A 18 -6.55 -7.12 3.99
CA LYS A 18 -6.72 -7.59 2.61
C LYS A 18 -6.34 -6.48 1.63
N TYR A 19 -5.24 -6.65 0.90
CA TYR A 19 -4.85 -5.68 -0.11
C TYR A 19 -5.55 -5.95 -1.45
N ASP A 20 -5.70 -4.89 -2.24
CA ASP A 20 -6.25 -4.96 -3.58
C ASP A 20 -5.51 -4.01 -4.50
N PHE A 21 -4.74 -4.55 -5.45
CA PHE A 21 -4.07 -3.78 -6.47
C PHE A 21 -5.09 -3.15 -7.42
N LEU A 22 -4.76 -1.97 -7.95
CA LEU A 22 -5.60 -1.26 -8.91
C LEU A 22 -4.75 -0.83 -10.12
N SER A 23 -5.46 -0.62 -11.23
CA SER A 23 -4.93 -0.43 -12.58
C SER A 23 -3.85 0.64 -12.72
N GLU A 24 -3.29 0.71 -13.94
CA GLU A 24 -2.18 1.58 -14.28
C GLU A 24 -2.58 2.66 -15.28
N SER A 25 -1.64 3.58 -15.55
CA SER A 25 -1.82 4.66 -16.52
C SER A 25 -0.46 5.16 -17.00
N GLY A 26 -0.48 6.08 -17.98
CA GLY A 26 0.73 6.69 -18.52
C GLY A 26 1.47 5.78 -19.49
N GLU A 27 2.54 6.32 -20.09
CA GLU A 27 3.40 5.58 -21.00
C GLU A 27 4.41 4.74 -20.21
N SER A 28 5.17 3.87 -20.89
CA SER A 28 6.11 2.96 -20.25
C SER A 28 7.27 3.69 -19.57
N HIS A 29 7.45 4.99 -19.84
CA HIS A 29 8.56 5.77 -19.29
C HIS A 29 8.08 6.77 -18.23
N ALA A 30 6.77 6.80 -17.98
CA ALA A 30 6.14 7.68 -17.00
C ALA A 30 5.02 6.93 -16.29
N LYS A 31 5.08 5.59 -16.37
CA LYS A 31 4.02 4.69 -15.92
C LYS A 31 3.68 4.91 -14.45
N SER A 32 2.45 4.54 -14.08
CA SER A 32 1.99 4.57 -12.70
C SER A 32 1.08 3.38 -12.42
N PHE A 33 0.94 3.04 -11.14
CA PHE A 33 0.14 1.93 -10.66
C PHE A 33 -0.46 2.33 -9.31
N VAL A 34 -1.38 1.53 -8.78
CA VAL A 34 -1.89 1.84 -7.46
C VAL A 34 -2.27 0.58 -6.70
N MET A 35 -2.28 0.70 -5.37
CA MET A 35 -2.72 -0.34 -4.46
C MET A 35 -3.81 0.26 -3.57
N SER A 36 -4.67 -0.61 -3.06
CA SER A 36 -5.59 -0.24 -2.00
C SER A 36 -5.56 -1.32 -0.94
N VAL A 37 -6.17 -1.07 0.21
CA VAL A 37 -6.20 -2.07 1.27
C VAL A 37 -7.53 -1.98 2.02
N VAL A 38 -7.89 -3.07 2.69
CA VAL A 38 -9.01 -3.10 3.62
C VAL A 38 -8.52 -3.75 4.89
N VAL A 39 -8.43 -2.94 5.94
CA VAL A 39 -7.93 -3.37 7.24
C VAL A 39 -8.85 -2.81 8.32
N ASP A 40 -9.18 -3.63 9.33
CA ASP A 40 -10.08 -3.23 10.40
C ASP A 40 -11.45 -2.77 9.89
N GLY A 41 -11.73 -2.97 8.61
CA GLY A 41 -12.97 -2.54 7.97
C GLY A 41 -12.79 -1.20 7.28
N GLN A 42 -11.67 -0.52 7.54
CA GLN A 42 -11.34 0.74 6.91
C GLN A 42 -10.80 0.48 5.51
N PHE A 43 -10.62 1.54 4.70
CA PHE A 43 -10.11 1.40 3.34
C PHE A 43 -9.02 2.42 3.10
N PHE A 44 -8.00 2.03 2.32
CA PHE A 44 -6.87 2.89 1.99
C PHE A 44 -6.47 2.77 0.53
N GLU A 45 -5.65 3.72 0.06
CA GLU A 45 -5.18 3.76 -1.31
C GLU A 45 -3.76 4.34 -1.33
N GLY A 46 -3.03 4.13 -2.44
CA GLY A 46 -1.68 4.63 -2.59
C GLY A 46 -1.14 4.32 -3.99
N SER A 47 -1.01 5.34 -4.84
CA SER A 47 -0.44 5.17 -6.16
C SER A 47 1.07 5.37 -6.14
N GLY A 48 1.76 4.94 -7.21
CA GLY A 48 3.19 5.09 -7.35
C GLY A 48 3.63 4.76 -8.77
N ARG A 49 4.89 5.02 -9.10
CA ARG A 49 5.42 4.72 -10.44
C ARG A 49 5.68 3.22 -10.62
N ASN A 50 5.60 2.45 -9.53
CA ASN A 50 5.80 1.02 -9.52
C ASN A 50 4.92 0.40 -8.43
N LYS A 51 4.65 -0.91 -8.51
CA LYS A 51 3.74 -1.59 -7.61
C LYS A 51 4.27 -1.64 -6.18
N LYS A 52 5.59 -1.69 -6.00
CA LYS A 52 6.23 -1.74 -4.68
C LYS A 52 6.00 -0.42 -3.94
N LEU A 53 6.20 0.70 -4.65
CA LEU A 53 6.05 2.01 -4.06
C LEU A 53 4.58 2.28 -3.73
N ALA A 54 3.69 1.84 -4.62
CA ALA A 54 2.25 1.97 -4.44
C ALA A 54 1.80 1.30 -3.14
N LYS A 55 2.22 0.04 -2.89
CA LYS A 55 1.85 -0.67 -1.68
C LYS A 55 2.45 0.00 -0.46
N ALA A 56 3.69 0.50 -0.56
CA ALA A 56 4.34 1.14 0.58
C ALA A 56 3.57 2.39 1.01
N ARG A 57 2.96 3.08 0.04
CA ARG A 57 2.18 4.28 0.30
C ARG A 57 0.86 3.96 1.00
N ALA A 58 0.09 3.02 0.43
CA ALA A 58 -1.18 2.61 0.99
C ALA A 58 -1.00 1.90 2.33
N ALA A 59 0.10 1.15 2.47
CA ALA A 59 0.40 0.41 3.68
C ALA A 59 0.83 1.37 4.80
N GLN A 60 1.61 2.41 4.48
CA GLN A 60 1.98 3.40 5.47
C GLN A 60 0.75 4.18 5.93
N SER A 61 -0.19 4.45 5.01
CA SER A 61 -1.43 5.11 5.40
C SER A 61 -2.23 4.20 6.32
N ALA A 62 -2.30 2.92 5.96
CA ALA A 62 -3.00 1.93 6.76
C ALA A 62 -2.40 1.84 8.17
N LEU A 63 -1.08 2.06 8.29
CA LEU A 63 -0.39 2.02 9.56
C LEU A 63 -0.80 3.24 10.40
N ALA A 64 -0.50 4.45 9.91
CA ALA A 64 -0.72 5.67 10.67
C ALA A 64 -2.19 5.94 10.98
N THR A 65 -3.13 5.21 10.36
CA THR A 65 -4.55 5.40 10.66
C THR A 65 -5.08 4.34 11.61
N VAL A 66 -5.08 3.06 11.18
CA VAL A 66 -5.69 1.99 11.94
C VAL A 66 -5.04 1.80 13.31
N PHE A 67 -3.74 2.09 13.40
CA PHE A 67 -2.98 1.88 14.63
C PHE A 67 -3.00 3.11 15.53
N ASN A 68 -3.60 4.22 15.07
CA ASN A 68 -3.62 5.48 15.80
C ASN A 68 -2.21 6.01 16.08
N LEU A 69 -1.22 5.51 15.34
CA LEU A 69 0.19 5.85 15.51
C LEU A 69 0.74 6.50 14.24
N HIS A 70 2.06 6.55 14.11
CA HIS A 70 2.72 7.03 12.92
C HIS A 70 3.84 6.07 12.54
N LEU A 71 4.30 6.13 11.28
CA LEU A 71 5.36 5.26 10.80
C LEU A 71 6.68 5.61 11.48
N PRO A 1 16.63 7.18 11.85
CA PRO A 1 16.88 5.76 12.16
C PRO A 1 16.44 4.82 11.05
N SER A 2 16.70 3.52 11.20
CA SER A 2 16.31 2.50 10.23
C SER A 2 14.79 2.36 10.16
N GLY A 3 14.30 1.55 9.23
CA GLY A 3 12.87 1.31 9.05
C GLY A 3 12.61 0.25 7.98
N LYS A 4 11.34 -0.04 7.73
CA LYS A 4 10.91 -1.03 6.75
C LYS A 4 9.64 -0.54 6.05
N ASN A 5 9.25 -1.17 4.95
CA ASN A 5 8.05 -0.82 4.22
C ASN A 5 6.82 -0.97 5.12
N PRO A 6 5.74 -0.22 4.85
CA PRO A 6 4.52 -0.26 5.66
C PRO A 6 3.69 -1.51 5.37
N VAL A 7 4.00 -2.22 4.28
CA VAL A 7 3.26 -3.41 3.89
C VAL A 7 3.42 -4.51 4.95
N MET A 8 4.67 -4.85 5.28
CA MET A 8 4.92 -5.95 6.19
C MET A 8 4.57 -5.59 7.63
N ILE A 9 4.87 -4.37 8.10
CA ILE A 9 4.53 -4.02 9.47
C ILE A 9 3.02 -4.10 9.69
N LEU A 10 2.22 -3.69 8.70
CA LEU A 10 0.78 -3.85 8.81
C LEU A 10 0.48 -5.34 8.96
N ASN A 11 1.03 -6.14 8.05
CA ASN A 11 0.83 -7.58 8.00
C ASN A 11 1.45 -8.32 9.19
N GLU A 12 2.15 -7.60 10.09
CA GLU A 12 2.71 -8.18 11.31
C GLU A 12 1.95 -7.72 12.54
N LEU A 13 1.21 -6.63 12.42
CA LEU A 13 0.50 -6.04 13.55
C LEU A 13 -0.97 -6.43 13.53
N ARG A 14 -1.56 -6.52 12.33
CA ARG A 14 -2.95 -6.94 12.17
C ARG A 14 -3.20 -7.48 10.77
N PRO A 15 -2.81 -8.73 10.50
CA PRO A 15 -3.10 -9.41 9.25
C PRO A 15 -4.59 -9.77 9.21
N GLY A 16 -5.04 -10.39 8.11
CA GLY A 16 -6.44 -10.78 7.99
C GLY A 16 -7.24 -9.77 7.18
N LEU A 17 -6.69 -9.35 6.05
CA LEU A 17 -7.27 -8.34 5.17
C LEU A 17 -7.36 -8.88 3.75
N LYS A 18 -7.74 -8.03 2.80
CA LYS A 18 -7.86 -8.40 1.41
C LYS A 18 -7.41 -7.28 0.48
N TYR A 19 -6.23 -7.40 -0.13
CA TYR A 19 -5.78 -6.43 -1.12
C TYR A 19 -6.39 -6.73 -2.48
N ASP A 20 -6.54 -5.67 -3.29
CA ASP A 20 -7.01 -5.77 -4.65
C ASP A 20 -6.25 -4.79 -5.54
N PHE A 21 -5.42 -5.31 -6.44
CA PHE A 21 -4.71 -4.50 -7.42
C PHE A 21 -5.71 -3.91 -8.43
N LEU A 22 -5.40 -2.72 -8.94
CA LEU A 22 -6.21 -2.03 -9.94
C LEU A 22 -5.33 -1.57 -11.12
N SER A 23 -6.01 -1.37 -12.25
CA SER A 23 -5.45 -1.15 -13.58
C SER A 23 -4.39 -0.05 -13.68
N GLU A 24 -3.79 0.06 -14.86
CA GLU A 24 -2.68 0.95 -15.12
C GLU A 24 -2.88 1.79 -16.39
N SER A 25 -1.96 2.73 -16.61
CA SER A 25 -1.91 3.57 -17.80
C SER A 25 -0.49 4.11 -17.95
N GLY A 26 -0.18 4.72 -19.10
CA GLY A 26 1.13 5.33 -19.35
C GLY A 26 1.70 4.93 -20.71
N GLU A 27 2.95 5.37 -20.96
CA GLU A 27 3.65 5.16 -22.21
C GLU A 27 4.99 4.46 -22.01
N SER A 28 5.14 3.76 -20.87
CA SER A 28 6.32 2.99 -20.47
C SER A 28 7.45 3.87 -19.93
N HIS A 29 7.27 5.19 -19.91
CA HIS A 29 8.22 6.12 -19.30
C HIS A 29 7.51 7.02 -18.29
N ALA A 30 6.20 6.83 -18.14
CA ALA A 30 5.35 7.52 -17.19
C ALA A 30 4.34 6.53 -16.60
N LYS A 31 4.59 5.24 -16.81
CA LYS A 31 3.70 4.15 -16.42
C LYS A 31 3.36 4.23 -14.93
N SER A 32 2.09 3.96 -14.60
CA SER A 32 1.63 3.94 -13.22
C SER A 32 0.63 2.81 -13.03
N PHE A 33 0.43 2.39 -11.78
CA PHE A 33 -0.43 1.29 -11.39
C PHE A 33 -1.12 1.66 -10.09
N VAL A 34 -2.07 0.85 -9.60
CA VAL A 34 -2.66 1.15 -8.31
C VAL A 34 -3.05 -0.12 -7.57
N MET A 35 -3.16 0.01 -6.25
CA MET A 35 -3.63 -1.04 -5.35
C MET A 35 -4.77 -0.47 -4.53
N SER A 36 -5.62 -1.36 -4.03
CA SER A 36 -6.62 -1.03 -3.04
C SER A 36 -6.60 -2.12 -1.98
N VAL A 37 -7.29 -1.90 -0.86
CA VAL A 37 -7.34 -2.90 0.19
C VAL A 37 -8.70 -2.86 0.88
N VAL A 38 -9.05 -3.96 1.53
CA VAL A 38 -10.20 -4.05 2.41
C VAL A 38 -9.76 -4.71 3.68
N VAL A 39 -9.71 -3.92 4.76
CA VAL A 39 -9.27 -4.38 6.06
C VAL A 39 -10.24 -3.86 7.11
N ASP A 40 -10.60 -4.72 8.07
CA ASP A 40 -11.56 -4.38 9.12
C ASP A 40 -12.92 -3.92 8.56
N GLY A 41 -13.14 -4.11 7.26
CA GLY A 41 -14.36 -3.70 6.58
C GLY A 41 -14.19 -2.34 5.92
N GLN A 42 -13.10 -1.64 6.23
CA GLN A 42 -12.78 -0.35 5.64
C GLN A 42 -12.17 -0.58 4.27
N PHE A 43 -12.01 0.49 3.48
CA PHE A 43 -11.44 0.41 2.15
C PHE A 43 -10.36 1.47 1.96
N PHE A 44 -9.32 1.12 1.20
CA PHE A 44 -8.21 2.04 0.95
C PHE A 44 -7.73 1.92 -0.50
N GLU A 45 -6.92 2.89 -0.94
CA GLU A 45 -6.38 2.94 -2.29
C GLU A 45 -5.00 3.59 -2.27
N GLY A 46 -4.21 3.39 -3.33
CA GLY A 46 -2.87 3.95 -3.43
C GLY A 46 -2.23 3.62 -4.77
N SER A 47 -2.00 4.63 -5.61
CA SER A 47 -1.33 4.45 -6.89
C SER A 47 0.18 4.65 -6.76
N GLY A 48 0.92 4.26 -7.79
CA GLY A 48 2.38 4.41 -7.81
C GLY A 48 2.95 4.04 -9.18
N ARG A 49 4.25 4.29 -9.39
CA ARG A 49 4.91 4.00 -10.66
C ARG A 49 5.14 2.50 -10.88
N ASN A 50 5.00 1.70 -9.82
CA ASN A 50 5.12 0.26 -9.89
C ASN A 50 4.17 -0.37 -8.87
N LYS A 51 3.97 -1.68 -8.94
CA LYS A 51 3.01 -2.37 -8.07
C LYS A 51 3.42 -2.35 -6.59
N LYS A 52 4.71 -2.23 -6.30
CA LYS A 52 5.20 -2.24 -4.93
C LYS A 52 4.91 -0.91 -4.24
N LEU A 53 5.24 0.19 -4.91
CA LEU A 53 5.05 1.54 -4.42
C LEU A 53 3.55 1.81 -4.23
N ALA A 54 2.74 1.30 -5.17
CA ALA A 54 1.29 1.41 -5.09
C ALA A 54 0.78 0.74 -3.81
N LYS A 55 1.22 -0.49 -3.52
CA LYS A 55 0.79 -1.19 -2.32
C LYS A 55 1.31 -0.48 -1.07
N ALA A 56 2.53 0.07 -1.10
CA ALA A 56 3.09 0.75 0.05
C ALA A 56 2.26 1.98 0.40
N ARG A 57 1.63 2.61 -0.60
CA ARG A 57 0.80 3.78 -0.40
C ARG A 57 -0.55 3.39 0.21
N ALA A 58 -1.22 2.41 -0.39
CA ALA A 58 -2.51 1.93 0.09
C ALA A 58 -2.38 1.26 1.45
N ALA A 59 -1.25 0.55 1.67
CA ALA A 59 -0.99 -0.13 2.91
C ALA A 59 -0.65 0.86 4.02
N GLN A 60 0.09 1.93 3.70
CA GLN A 60 0.39 2.96 4.68
C GLN A 60 -0.90 3.66 5.09
N SER A 61 -1.84 3.84 4.16
CA SER A 61 -3.13 4.42 4.48
C SER A 61 -3.94 3.47 5.37
N ALA A 62 -3.97 2.19 4.98
CA ALA A 62 -4.67 1.17 5.73
C ALA A 62 -4.15 1.10 7.17
N LEU A 63 -2.82 1.17 7.33
CA LEU A 63 -2.17 1.15 8.61
C LEU A 63 -2.60 2.37 9.44
N ALA A 64 -2.28 3.57 8.98
CA ALA A 64 -2.53 4.80 9.72
C ALA A 64 -4.01 5.03 10.06
N THR A 65 -4.94 4.30 9.44
CA THR A 65 -6.34 4.42 9.80
C THR A 65 -6.78 3.30 10.73
N VAL A 66 -6.61 2.04 10.31
CA VAL A 66 -7.08 0.89 11.06
C VAL A 66 -6.32 0.73 12.38
N PHE A 67 -5.07 1.19 12.44
CA PHE A 67 -4.26 1.03 13.64
C PHE A 67 -4.38 2.25 14.55
N ASN A 68 -5.10 3.30 14.12
CA ASN A 68 -5.24 4.55 14.85
C ASN A 68 -3.90 5.22 15.12
N LEU A 69 -2.87 4.86 14.33
CA LEU A 69 -1.50 5.37 14.46
C LEU A 69 -1.05 6.01 13.16
N HIS A 70 0.27 6.22 13.01
CA HIS A 70 0.83 6.74 11.78
C HIS A 70 2.14 6.01 11.48
N LEU A 71 2.60 6.09 10.22
CA LEU A 71 3.84 5.46 9.79
C LEU A 71 5.04 6.18 10.39
N PRO A 1 15.91 -10.29 -0.63
CA PRO A 1 15.89 -9.33 0.49
C PRO A 1 17.07 -8.36 0.41
N SER A 2 16.81 -7.14 -0.08
CA SER A 2 17.82 -6.09 -0.18
C SER A 2 17.24 -4.73 0.20
N GLY A 3 15.98 -4.71 0.65
CA GLY A 3 15.29 -3.50 1.06
C GLY A 3 14.02 -3.84 1.83
N LYS A 4 13.28 -2.82 2.26
CA LYS A 4 12.06 -3.00 3.04
C LYS A 4 10.98 -2.03 2.57
N ASN A 5 9.77 -2.17 3.14
CA ASN A 5 8.63 -1.34 2.81
C ASN A 5 7.76 -1.15 4.06
N PRO A 6 6.84 -0.17 4.06
CA PRO A 6 5.91 0.03 5.16
C PRO A 6 4.81 -1.03 5.15
N VAL A 7 4.73 -1.83 4.08
CA VAL A 7 3.73 -2.89 3.96
C VAL A 7 3.93 -3.93 5.06
N MET A 8 5.16 -4.42 5.22
CA MET A 8 5.48 -5.44 6.21
C MET A 8 5.26 -4.91 7.62
N ILE A 9 5.66 -3.65 7.87
CA ILE A 9 5.51 -3.05 9.19
C ILE A 9 4.05 -3.14 9.61
N LEU A 10 3.15 -2.66 8.75
CA LEU A 10 1.73 -2.68 9.00
C LEU A 10 1.24 -4.12 9.16
N ASN A 11 1.73 -5.01 8.28
CA ASN A 11 1.38 -6.42 8.31
C ASN A 11 1.92 -7.11 9.57
N GLU A 12 2.69 -6.39 10.40
CA GLU A 12 3.16 -6.91 11.67
C GLU A 12 2.60 -6.08 12.82
N LEU A 13 2.21 -4.83 12.56
CA LEU A 13 1.65 -3.99 13.59
C LEU A 13 0.21 -4.42 13.87
N ARG A 14 -0.58 -4.66 12.83
CA ARG A 14 -1.92 -5.21 12.96
C ARG A 14 -2.42 -5.72 11.60
N PRO A 15 -2.19 -7.00 11.29
CA PRO A 15 -2.67 -7.61 10.06
C PRO A 15 -4.18 -7.81 10.13
N GLY A 16 -4.79 -8.30 9.04
CA GLY A 16 -6.22 -8.54 8.98
C GLY A 16 -6.93 -7.51 8.09
N LEU A 17 -6.43 -7.33 6.87
CA LEU A 17 -6.93 -6.35 5.92
C LEU A 17 -7.12 -6.97 4.54
N LYS A 18 -7.51 -6.14 3.58
CA LYS A 18 -7.65 -6.50 2.19
C LYS A 18 -7.07 -5.38 1.34
N TYR A 19 -6.64 -5.68 0.11
CA TYR A 19 -6.11 -4.70 -0.81
C TYR A 19 -6.80 -4.83 -2.17
N ASP A 20 -6.83 -3.73 -2.91
CA ASP A 20 -7.39 -3.72 -4.26
C ASP A 20 -6.53 -2.86 -5.18
N PHE A 21 -5.86 -3.49 -6.15
CA PHE A 21 -5.06 -2.77 -7.13
C PHE A 21 -5.99 -2.09 -8.13
N LEU A 22 -5.58 -0.92 -8.63
CA LEU A 22 -6.35 -0.15 -9.61
C LEU A 22 -5.48 0.21 -10.82
N SER A 23 -6.15 0.44 -11.95
CA SER A 23 -5.55 0.63 -13.26
C SER A 23 -4.54 1.76 -13.33
N GLU A 24 -3.87 1.88 -14.48
CA GLU A 24 -2.75 2.79 -14.67
C GLU A 24 -2.90 3.59 -15.96
N SER A 25 -2.03 4.60 -16.11
CA SER A 25 -1.97 5.46 -17.28
C SER A 25 -0.56 6.02 -17.45
N GLY A 26 -0.32 6.78 -18.52
CA GLY A 26 0.96 7.41 -18.78
C GLY A 26 1.82 6.59 -19.74
N GLU A 27 3.03 7.11 -20.03
CA GLU A 27 3.97 6.45 -20.93
C GLU A 27 4.68 5.29 -20.20
N SER A 28 5.45 4.49 -20.94
CA SER A 28 6.16 3.34 -20.39
C SER A 28 7.29 3.74 -19.44
N HIS A 29 7.61 5.04 -19.37
CA HIS A 29 8.70 5.56 -18.55
C HIS A 29 8.18 6.58 -17.54
N ALA A 30 6.87 6.80 -17.52
CA ALA A 30 6.21 7.77 -16.65
C ALA A 30 4.88 7.20 -16.12
N LYS A 31 4.72 5.87 -16.21
CA LYS A 31 3.49 5.17 -15.85
C LYS A 31 3.10 5.47 -14.40
N SER A 32 1.81 5.37 -14.11
CA SER A 32 1.27 5.66 -12.79
C SER A 32 0.19 4.65 -12.41
N PHE A 33 0.63 3.52 -11.85
CA PHE A 33 -0.27 2.49 -11.33
C PHE A 33 -0.82 2.93 -9.98
N VAL A 34 -1.87 2.26 -9.48
CA VAL A 34 -2.35 2.61 -8.15
C VAL A 34 -2.84 1.38 -7.41
N MET A 35 -2.85 1.47 -6.09
CA MET A 35 -3.18 0.39 -5.20
C MET A 35 -3.98 0.96 -4.04
N SER A 36 -5.09 0.31 -3.69
CA SER A 36 -5.94 0.74 -2.60
C SER A 36 -6.02 -0.37 -1.54
N VAL A 37 -6.64 -0.06 -0.40
CA VAL A 37 -6.74 -1.01 0.70
C VAL A 37 -8.05 -0.84 1.44
N VAL A 38 -8.38 -1.82 2.28
CA VAL A 38 -9.50 -1.76 3.21
C VAL A 38 -9.01 -2.33 4.53
N VAL A 39 -8.84 -1.46 5.53
CA VAL A 39 -8.28 -1.83 6.82
C VAL A 39 -9.20 -1.36 7.94
N ASP A 40 -9.59 -2.28 8.83
CA ASP A 40 -10.49 -2.03 9.95
C ASP A 40 -11.85 -1.48 9.49
N GLY A 41 -12.10 -1.45 8.18
CA GLY A 41 -13.34 -0.95 7.59
C GLY A 41 -13.13 0.37 6.86
N GLN A 42 -11.98 1.00 7.07
CA GLN A 42 -11.62 2.23 6.38
C GLN A 42 -11.12 1.88 4.98
N PHE A 43 -10.85 2.90 4.15
CA PHE A 43 -10.35 2.71 2.80
C PHE A 43 -9.20 3.67 2.55
N PHE A 44 -8.21 3.22 1.75
CA PHE A 44 -7.02 4.00 1.45
C PHE A 44 -6.61 3.82 -0.01
N GLU A 45 -5.76 4.72 -0.50
CA GLU A 45 -5.27 4.68 -1.87
C GLU A 45 -3.84 5.19 -1.93
N GLY A 46 -3.11 4.86 -3.00
CA GLY A 46 -1.73 5.25 -3.18
C GLY A 46 -1.24 4.89 -4.57
N SER A 47 -1.04 5.89 -5.44
CA SER A 47 -0.50 5.66 -6.77
C SER A 47 1.03 5.64 -6.71
N GLY A 48 1.67 5.12 -7.77
CA GLY A 48 3.12 5.04 -7.83
C GLY A 48 3.60 4.67 -9.22
N ARG A 49 4.91 4.81 -9.47
CA ARG A 49 5.49 4.48 -10.77
C ARG A 49 5.50 2.97 -11.02
N ASN A 50 5.25 2.18 -9.97
CA ASN A 50 5.15 0.73 -10.04
C ASN A 50 4.16 0.24 -8.99
N LYS A 51 3.64 -0.98 -9.17
CA LYS A 51 2.61 -1.52 -8.29
C LYS A 51 3.10 -1.77 -6.86
N LYS A 52 4.39 -2.06 -6.68
CA LYS A 52 4.94 -2.29 -5.34
C LYS A 52 5.00 -0.98 -4.55
N LEU A 53 5.29 0.13 -5.25
CA LEU A 53 5.38 1.44 -4.63
C LEU A 53 3.97 1.94 -4.30
N ALA A 54 3.01 1.65 -5.18
CA ALA A 54 1.61 1.98 -4.94
C ALA A 54 1.15 1.40 -3.61
N LYS A 55 1.43 0.12 -3.36
CA LYS A 55 1.04 -0.52 -2.11
C LYS A 55 1.76 0.12 -0.93
N ALA A 56 3.03 0.47 -1.08
CA ALA A 56 3.78 1.07 0.01
C ALA A 56 3.18 2.41 0.42
N ARG A 57 2.69 3.17 -0.56
CA ARG A 57 2.08 4.48 -0.31
C ARG A 57 0.76 4.34 0.42
N ALA A 58 -0.14 3.50 -0.10
CA ALA A 58 -1.45 3.27 0.50
C ALA A 58 -1.33 2.56 1.84
N ALA A 59 -0.32 1.69 1.99
CA ALA A 59 -0.10 0.96 3.23
C ALA A 59 0.43 1.88 4.32
N GLN A 60 1.32 2.82 3.97
CA GLN A 60 1.82 3.80 4.93
C GLN A 60 0.67 4.71 5.36
N SER A 61 -0.26 5.02 4.45
CA SER A 61 -1.43 5.82 4.80
C SER A 61 -2.32 5.01 5.74
N ALA A 62 -2.53 3.73 5.42
CA ALA A 62 -3.34 2.84 6.23
C ALA A 62 -2.76 2.73 7.65
N LEU A 63 -1.44 2.84 7.78
CA LEU A 63 -0.78 2.78 9.07
C LEU A 63 -1.11 4.03 9.89
N ALA A 64 -0.67 5.19 9.42
CA ALA A 64 -0.78 6.43 10.16
C ALA A 64 -2.24 6.82 10.49
N THR A 65 -3.23 6.22 9.81
CA THR A 65 -4.62 6.51 10.11
C THR A 65 -5.23 5.50 11.07
N VAL A 66 -5.30 4.22 10.67
CA VAL A 66 -5.98 3.21 11.46
C VAL A 66 -5.31 2.99 12.81
N PHE A 67 -3.98 3.18 12.88
CA PHE A 67 -3.23 2.96 14.10
C PHE A 67 -3.14 4.22 14.95
N ASN A 68 -3.67 5.35 14.46
CA ASN A 68 -3.61 6.63 15.14
C ASN A 68 -2.18 7.09 15.42
N LEU A 69 -1.20 6.51 14.72
CA LEU A 69 0.21 6.81 14.89
C LEU A 69 0.79 7.43 13.63
N HIS A 70 2.13 7.44 13.51
CA HIS A 70 2.82 7.96 12.34
C HIS A 70 3.83 6.93 11.85
N LEU A 71 4.41 7.15 10.66
CA LEU A 71 5.34 6.21 10.05
C LEU A 71 6.44 6.96 9.30
N PRO A 1 17.80 -4.61 -4.38
CA PRO A 1 16.63 -4.89 -3.55
C PRO A 1 15.86 -3.63 -3.17
N SER A 2 14.59 -3.55 -3.56
CA SER A 2 13.73 -2.41 -3.28
C SER A 2 13.35 -2.35 -1.80
N GLY A 3 13.58 -3.43 -1.05
CA GLY A 3 13.27 -3.51 0.37
C GLY A 3 12.03 -4.36 0.61
N LYS A 4 11.68 -4.57 1.88
CA LYS A 4 10.53 -5.37 2.27
C LYS A 4 9.20 -4.61 2.06
N ASN A 5 9.28 -3.29 1.82
CA ASN A 5 8.13 -2.41 1.64
C ASN A 5 7.22 -2.42 2.87
N PRO A 6 6.21 -1.54 2.97
CA PRO A 6 5.33 -1.49 4.12
C PRO A 6 4.36 -2.67 4.10
N VAL A 7 4.36 -3.41 2.99
CA VAL A 7 3.57 -4.62 2.82
C VAL A 7 3.88 -5.64 3.91
N MET A 8 5.18 -5.96 4.09
CA MET A 8 5.58 -6.96 5.06
C MET A 8 5.39 -6.45 6.49
N ILE A 9 5.53 -5.15 6.73
CA ILE A 9 5.34 -4.60 8.08
C ILE A 9 3.94 -4.94 8.56
N LEU A 10 2.95 -4.55 7.75
CA LEU A 10 1.54 -4.80 7.99
C LEU A 10 1.32 -6.29 8.20
N ASN A 11 1.85 -7.11 7.29
CA ASN A 11 1.72 -8.56 7.35
C ASN A 11 2.51 -9.20 8.50
N GLU A 12 3.30 -8.42 9.25
CA GLU A 12 3.96 -8.92 10.45
C GLU A 12 3.28 -8.37 11.70
N LEU A 13 2.67 -7.18 11.59
CA LEU A 13 1.97 -6.57 12.71
C LEU A 13 0.61 -7.23 12.91
N ARG A 14 -0.20 -7.26 11.85
CA ARG A 14 -1.51 -7.90 11.89
C ARG A 14 -1.95 -8.32 10.49
N PRO A 15 -1.54 -9.52 10.03
CA PRO A 15 -1.97 -10.08 8.77
C PRO A 15 -3.44 -10.51 8.84
N GLY A 16 -3.99 -11.00 7.73
CA GLY A 16 -5.38 -11.42 7.70
C GLY A 16 -6.23 -10.50 6.81
N LEU A 17 -5.72 -10.19 5.62
CA LEU A 17 -6.34 -9.24 4.70
C LEU A 17 -6.47 -9.86 3.32
N LYS A 18 -6.94 -9.03 2.38
CA LYS A 18 -7.03 -9.40 0.97
C LYS A 18 -6.58 -8.20 0.14
N TYR A 19 -6.13 -8.44 -1.10
CA TYR A 19 -5.72 -7.37 -2.00
C TYR A 19 -6.38 -7.58 -3.36
N ASP A 20 -6.55 -6.48 -4.09
CA ASP A 20 -7.09 -6.52 -5.44
C ASP A 20 -6.34 -5.55 -6.34
N PHE A 21 -5.58 -6.07 -7.31
CA PHE A 21 -4.88 -5.25 -8.28
C PHE A 21 -5.86 -4.67 -9.28
N LEU A 22 -5.58 -3.46 -9.78
CA LEU A 22 -6.42 -2.77 -10.74
C LEU A 22 -5.56 -2.30 -11.94
N SER A 23 -6.26 -2.07 -13.05
CA SER A 23 -5.71 -1.85 -14.38
C SER A 23 -4.66 -0.73 -14.48
N GLU A 24 -4.07 -0.60 -15.68
CA GLU A 24 -2.98 0.32 -15.95
C GLU A 24 -3.27 1.23 -17.14
N SER A 25 -2.38 2.19 -17.37
CA SER A 25 -2.45 3.12 -18.49
C SER A 25 -1.09 3.78 -18.70
N GLY A 26 -0.94 4.55 -19.78
CA GLY A 26 0.27 5.29 -20.09
C GLY A 26 1.19 4.55 -21.05
N GLU A 27 2.25 5.25 -21.49
CA GLU A 27 3.26 4.71 -22.39
C GLU A 27 4.39 4.08 -21.61
N SER A 28 5.37 3.48 -22.30
CA SER A 28 6.50 2.79 -21.68
C SER A 28 7.39 3.71 -20.84
N HIS A 29 7.10 5.00 -20.79
CA HIS A 29 7.89 5.98 -20.06
C HIS A 29 7.03 6.80 -19.10
N ALA A 30 5.74 6.48 -19.02
CA ALA A 30 4.78 7.16 -18.15
C ALA A 30 3.79 6.15 -17.56
N LYS A 31 4.08 4.86 -17.72
CA LYS A 31 3.20 3.77 -17.32
C LYS A 31 2.84 3.88 -15.84
N SER A 32 1.60 3.52 -15.51
CA SER A 32 1.12 3.47 -14.14
C SER A 32 0.20 2.28 -13.96
N PHE A 33 0.08 1.83 -12.71
CA PHE A 33 -0.72 0.68 -12.31
C PHE A 33 -1.41 1.02 -11.00
N VAL A 34 -2.36 0.20 -10.55
CA VAL A 34 -2.93 0.46 -9.24
C VAL A 34 -3.24 -0.84 -8.51
N MET A 35 -3.31 -0.75 -7.19
CA MET A 35 -3.49 -1.89 -6.30
C MET A 35 -4.38 -1.43 -5.15
N SER A 36 -5.35 -2.25 -4.78
CA SER A 36 -6.26 -1.96 -3.68
C SER A 36 -6.20 -3.08 -2.64
N VAL A 37 -6.85 -2.87 -1.50
CA VAL A 37 -6.81 -3.84 -0.41
C VAL A 37 -8.14 -3.85 0.34
N VAL A 38 -8.33 -4.88 1.16
CA VAL A 38 -9.44 -4.98 2.10
C VAL A 38 -8.87 -5.51 3.42
N VAL A 39 -8.83 -4.64 4.42
CA VAL A 39 -8.22 -4.96 5.72
C VAL A 39 -9.19 -4.63 6.84
N ASP A 40 -9.44 -5.60 7.74
CA ASP A 40 -10.36 -5.44 8.86
C ASP A 40 -11.79 -5.07 8.42
N GLY A 41 -12.06 -5.12 7.11
CA GLY A 41 -13.35 -4.77 6.53
C GLY A 41 -13.30 -3.42 5.81
N GLN A 42 -12.24 -2.65 6.04
CA GLN A 42 -12.04 -1.38 5.36
C GLN A 42 -11.52 -1.63 3.95
N PHE A 43 -11.41 -0.57 3.14
CA PHE A 43 -10.89 -0.67 1.79
C PHE A 43 -9.87 0.43 1.55
N PHE A 44 -8.84 0.13 0.75
CA PHE A 44 -7.78 1.07 0.45
C PHE A 44 -7.35 0.96 -1.01
N GLU A 45 -6.61 1.97 -1.49
CA GLU A 45 -6.13 2.02 -2.87
C GLU A 45 -4.78 2.72 -2.92
N GLY A 46 -4.03 2.53 -4.00
CA GLY A 46 -2.72 3.11 -4.18
C GLY A 46 -2.18 2.84 -5.57
N SER A 47 -2.14 3.85 -6.43
CA SER A 47 -1.55 3.72 -7.75
C SER A 47 -0.04 3.91 -7.67
N GLY A 48 0.69 3.51 -8.73
CA GLY A 48 2.14 3.63 -8.76
C GLY A 48 2.69 3.37 -10.16
N ARG A 49 4.00 3.60 -10.34
CA ARG A 49 4.67 3.38 -11.62
C ARG A 49 4.92 1.90 -11.89
N ASN A 50 4.76 1.06 -10.87
CA ASN A 50 4.92 -0.39 -10.98
C ASN A 50 4.03 -1.09 -9.97
N LYS A 51 3.87 -2.41 -10.11
CA LYS A 51 2.95 -3.21 -9.31
C LYS A 51 3.31 -3.19 -7.83
N LYS A 52 4.60 -3.35 -7.50
CA LYS A 52 5.04 -3.38 -6.10
C LYS A 52 4.83 -2.03 -5.43
N LEU A 53 5.00 -0.94 -6.18
CA LEU A 53 4.87 0.40 -5.64
C LEU A 53 3.40 0.71 -5.34
N ALA A 54 2.50 0.24 -6.22
CA ALA A 54 1.07 0.36 -5.98
C ALA A 54 0.69 -0.30 -4.66
N LYS A 55 1.13 -1.55 -4.45
CA LYS A 55 0.85 -2.27 -3.21
C LYS A 55 1.50 -1.56 -2.02
N ALA A 56 2.71 -1.02 -2.18
CA ALA A 56 3.38 -0.34 -1.09
C ALA A 56 2.59 0.89 -0.66
N ARG A 57 1.97 1.58 -1.63
CA ARG A 57 1.18 2.77 -1.36
C ARG A 57 -0.12 2.40 -0.64
N ALA A 58 -0.89 1.47 -1.22
CA ALA A 58 -2.15 1.04 -0.64
C ALA A 58 -1.94 0.34 0.70
N ALA A 59 -0.84 -0.40 0.85
CA ALA A 59 -0.51 -1.08 2.09
C ALA A 59 -0.12 -0.08 3.17
N GLN A 60 0.62 0.97 2.80
CA GLN A 60 0.96 2.05 3.72
C GLN A 60 -0.32 2.74 4.21
N SER A 61 -1.30 2.91 3.34
CA SER A 61 -2.58 3.48 3.73
C SER A 61 -3.32 2.53 4.68
N ALA A 62 -3.35 1.24 4.33
CA ALA A 62 -4.01 0.23 5.14
C ALA A 62 -3.39 0.20 6.54
N LEU A 63 -2.06 0.27 6.61
CA LEU A 63 -1.29 0.32 7.85
C LEU A 63 -1.70 1.57 8.63
N ALA A 64 -1.39 2.75 8.10
CA ALA A 64 -1.62 4.02 8.78
C ALA A 64 -3.08 4.27 9.17
N THR A 65 -4.02 3.45 8.67
CA THR A 65 -5.42 3.61 9.05
C THR A 65 -5.87 2.54 10.04
N VAL A 66 -5.69 1.25 9.70
CA VAL A 66 -6.17 0.18 10.55
C VAL A 66 -5.34 0.08 11.82
N PHE A 67 -4.07 0.51 11.77
CA PHE A 67 -3.18 0.43 12.91
C PHE A 67 -3.21 1.73 13.72
N ASN A 68 -3.92 2.75 13.24
CA ASN A 68 -4.01 4.05 13.90
C ASN A 68 -2.64 4.73 14.06
N LEU A 69 -1.65 4.31 13.26
CA LEU A 69 -0.28 4.81 13.32
C LEU A 69 0.11 5.46 12.01
N HIS A 70 1.41 5.70 11.81
CA HIS A 70 1.93 6.32 10.59
C HIS A 70 3.16 5.54 10.12
N LEU A 71 3.79 6.00 9.02
CA LEU A 71 4.94 5.35 8.43
C LEU A 71 6.07 6.37 8.19
N PRO A 1 12.43 -0.85 -3.54
CA PRO A 1 11.86 -1.17 -2.23
C PRO A 1 12.16 -2.60 -1.79
N SER A 2 13.03 -2.74 -0.78
CA SER A 2 13.39 -4.03 -0.21
C SER A 2 12.29 -4.53 0.73
N GLY A 3 12.56 -5.62 1.45
CA GLY A 3 11.61 -6.19 2.40
C GLY A 3 11.31 -5.26 3.57
N LYS A 4 12.02 -4.13 3.65
CA LYS A 4 11.79 -3.10 4.67
C LYS A 4 10.52 -2.30 4.39
N ASN A 5 9.79 -2.66 3.33
CA ASN A 5 8.55 -2.01 2.94
C ASN A 5 7.53 -2.01 4.09
N PRO A 6 6.53 -1.12 4.06
CA PRO A 6 5.51 -1.05 5.08
C PRO A 6 4.55 -2.24 4.99
N VAL A 7 4.64 -3.02 3.90
CA VAL A 7 3.81 -4.20 3.72
C VAL A 7 4.09 -5.20 4.83
N MET A 8 5.37 -5.54 5.06
CA MET A 8 5.75 -6.51 6.07
C MET A 8 5.51 -5.99 7.48
N ILE A 9 5.61 -4.67 7.73
CA ILE A 9 5.34 -4.14 9.06
C ILE A 9 3.91 -4.47 9.44
N LEU A 10 2.98 -4.06 8.57
CA LEU A 10 1.56 -4.27 8.74
C LEU A 10 1.29 -5.78 8.85
N ASN A 11 1.84 -6.56 7.93
CA ASN A 11 1.65 -8.00 7.88
C ASN A 11 2.29 -8.73 9.08
N GLU A 12 3.09 -8.05 9.88
CA GLU A 12 3.68 -8.63 11.08
C GLU A 12 2.99 -8.12 12.34
N LEU A 13 2.50 -6.87 12.30
CA LEU A 13 1.83 -6.28 13.45
C LEU A 13 0.41 -6.80 13.57
N ARG A 14 -0.37 -6.76 12.48
CA ARG A 14 -1.76 -7.18 12.50
C ARG A 14 -2.19 -7.63 11.10
N PRO A 15 -1.86 -8.86 10.70
CA PRO A 15 -2.27 -9.43 9.42
C PRO A 15 -3.77 -9.73 9.44
N GLY A 16 -4.32 -10.23 8.33
CA GLY A 16 -5.73 -10.55 8.25
C GLY A 16 -6.51 -9.57 7.40
N LEU A 17 -5.98 -9.23 6.23
CA LEU A 17 -6.56 -8.27 5.31
C LEU A 17 -6.65 -8.87 3.92
N LYS A 18 -7.06 -8.05 2.95
CA LYS A 18 -7.12 -8.41 1.55
C LYS A 18 -6.63 -7.23 0.72
N TYR A 19 -6.10 -7.50 -0.48
CA TYR A 19 -5.63 -6.45 -1.38
C TYR A 19 -6.25 -6.63 -2.77
N ASP A 20 -6.35 -5.53 -3.50
CA ASP A 20 -6.87 -5.56 -4.86
C ASP A 20 -6.07 -4.59 -5.74
N PHE A 21 -5.31 -5.12 -6.69
CA PHE A 21 -4.58 -4.33 -7.66
C PHE A 21 -5.56 -3.65 -8.62
N LEU A 22 -5.21 -2.45 -9.09
CA LEU A 22 -6.01 -1.70 -10.05
C LEU A 22 -5.13 -1.26 -11.22
N SER A 23 -5.81 -0.99 -12.35
CA SER A 23 -5.23 -0.77 -13.67
C SER A 23 -4.15 0.31 -13.73
N GLU A 24 -3.53 0.43 -14.91
CA GLU A 24 -2.42 1.32 -15.15
C GLU A 24 -2.72 2.38 -16.21
N SER A 25 -1.81 3.33 -16.36
CA SER A 25 -1.91 4.41 -17.33
C SER A 25 -0.52 4.84 -17.79
N GLY A 26 -0.47 5.69 -18.81
CA GLY A 26 0.78 6.24 -19.35
C GLY A 26 1.47 5.30 -20.33
N GLU A 27 2.54 5.81 -20.94
CA GLU A 27 3.37 5.08 -21.88
C GLU A 27 4.35 4.17 -21.14
N SER A 28 5.26 3.52 -21.88
CA SER A 28 6.31 2.69 -21.30
C SER A 28 7.22 3.48 -20.37
N HIS A 29 7.10 4.81 -20.39
CA HIS A 29 7.84 5.72 -19.54
C HIS A 29 6.82 6.54 -18.74
N ALA A 30 7.23 7.08 -17.58
CA ALA A 30 6.32 7.74 -16.66
C ALA A 30 5.10 6.87 -16.34
N LYS A 31 5.21 5.56 -16.56
CA LYS A 31 4.14 4.59 -16.34
C LYS A 31 3.64 4.67 -14.90
N SER A 32 2.37 4.32 -14.68
CA SER A 32 1.78 4.29 -13.35
C SER A 32 0.85 3.08 -13.20
N PHE A 33 0.68 2.63 -11.96
CA PHE A 33 -0.16 1.50 -11.58
C PHE A 33 -0.81 1.83 -10.24
N VAL A 34 -1.75 1.02 -9.76
CA VAL A 34 -2.28 1.28 -8.44
C VAL A 34 -2.70 0.00 -7.73
N MET A 35 -2.79 0.08 -6.40
CA MET A 35 -3.26 -0.98 -5.53
C MET A 35 -4.35 -0.40 -4.64
N SER A 36 -5.21 -1.28 -4.14
CA SER A 36 -6.15 -0.96 -3.09
C SER A 36 -6.11 -2.08 -2.05
N VAL A 37 -6.77 -1.87 -0.91
CA VAL A 37 -6.76 -2.86 0.15
C VAL A 37 -8.10 -2.84 0.88
N VAL A 38 -8.39 -3.92 1.59
CA VAL A 38 -9.53 -3.99 2.50
C VAL A 38 -9.05 -4.65 3.77
N VAL A 39 -8.97 -3.84 4.84
CA VAL A 39 -8.50 -4.30 6.14
C VAL A 39 -9.44 -3.75 7.21
N ASP A 40 -9.77 -4.59 8.20
CA ASP A 40 -10.69 -4.21 9.28
C ASP A 40 -12.05 -3.74 8.76
N GLY A 41 -12.33 -3.97 7.47
CA GLY A 41 -13.56 -3.54 6.82
C GLY A 41 -13.40 -2.19 6.14
N GLN A 42 -12.29 -1.50 6.43
CA GLN A 42 -11.96 -0.23 5.82
C GLN A 42 -11.40 -0.47 4.42
N PHE A 43 -11.24 0.59 3.62
CA PHE A 43 -10.72 0.48 2.27
C PHE A 43 -9.63 1.54 2.05
N PHE A 44 -8.61 1.19 1.26
CA PHE A 44 -7.50 2.08 0.98
C PHE A 44 -7.07 1.99 -0.48
N GLU A 45 -6.25 2.95 -0.93
CA GLU A 45 -5.74 3.01 -2.29
C GLU A 45 -4.33 3.61 -2.28
N GLY A 46 -3.58 3.41 -3.37
CA GLY A 46 -2.22 3.91 -3.47
C GLY A 46 -1.63 3.61 -4.85
N SER A 47 -1.40 4.65 -5.66
CA SER A 47 -0.78 4.50 -6.96
C SER A 47 0.73 4.64 -6.87
N GLY A 48 1.44 4.21 -7.92
CA GLY A 48 2.89 4.29 -7.99
C GLY A 48 3.39 3.98 -9.39
N ARG A 49 4.68 4.22 -9.66
CA ARG A 49 5.25 3.97 -10.98
C ARG A 49 5.47 2.49 -11.24
N ASN A 50 5.32 1.66 -10.21
CA ASN A 50 5.48 0.22 -10.28
C ASN A 50 4.55 -0.45 -9.26
N LYS A 51 4.29 -1.75 -9.43
CA LYS A 51 3.33 -2.46 -8.60
C LYS A 51 3.76 -2.54 -7.13
N LYS A 52 5.07 -2.65 -6.87
CA LYS A 52 5.57 -2.73 -5.49
C LYS A 52 5.36 -1.41 -4.76
N LEU A 53 5.65 -0.30 -5.42
CA LEU A 53 5.53 1.03 -4.82
C LEU A 53 4.07 1.35 -4.56
N ALA A 54 3.19 0.96 -5.49
CA ALA A 54 1.75 1.15 -5.34
C ALA A 54 1.24 0.45 -4.07
N LYS A 55 1.63 -0.81 -3.85
CA LYS A 55 1.22 -1.52 -2.65
C LYS A 55 1.83 -0.89 -1.41
N ALA A 56 3.09 -0.45 -1.49
CA ALA A 56 3.76 0.15 -0.34
C ALA A 56 3.02 1.43 0.09
N ARG A 57 2.41 2.13 -0.86
CA ARG A 57 1.66 3.34 -0.59
C ARG A 57 0.32 3.01 0.07
N ALA A 58 -0.49 2.15 -0.56
CA ALA A 58 -1.78 1.76 -0.04
C ALA A 58 -1.64 1.02 1.29
N ALA A 59 -0.57 0.23 1.44
CA ALA A 59 -0.29 -0.50 2.67
C ALA A 59 0.13 0.46 3.78
N GLN A 60 0.90 1.50 3.44
CA GLN A 60 1.29 2.51 4.41
C GLN A 60 0.06 3.29 4.88
N SER A 61 -0.91 3.56 3.99
CA SER A 61 -2.14 4.21 4.39
C SER A 61 -2.96 3.29 5.29
N ALA A 62 -3.06 2.01 4.91
CA ALA A 62 -3.79 1.01 5.68
C ALA A 62 -3.21 0.92 7.09
N LEU A 63 -1.89 0.88 7.21
CA LEU A 63 -1.18 0.84 8.48
C LEU A 63 -1.51 2.11 9.27
N ALA A 64 -1.18 3.27 8.71
CA ALA A 64 -1.33 4.55 9.40
C ALA A 64 -2.77 4.83 9.86
N THR A 65 -3.76 4.11 9.34
CA THR A 65 -5.14 4.32 9.74
C THR A 65 -5.62 3.22 10.69
N VAL A 66 -5.51 1.95 10.28
CA VAL A 66 -6.03 0.84 11.05
C VAL A 66 -5.25 0.65 12.36
N PHE A 67 -3.96 1.02 12.37
CA PHE A 67 -3.13 0.86 13.55
C PHE A 67 -3.17 2.13 14.41
N ASN A 68 -3.76 3.21 13.91
CA ASN A 68 -3.74 4.52 14.55
C ASN A 68 -2.31 5.00 14.79
N LEU A 69 -1.34 4.40 14.08
CA LEU A 69 0.07 4.69 14.19
C LEU A 69 0.66 4.94 12.80
N HIS A 70 1.01 6.18 12.50
CA HIS A 70 1.59 6.51 11.20
C HIS A 70 2.93 5.79 11.01
N LEU A 71 3.34 5.63 9.75
CA LEU A 71 4.60 4.98 9.40
C LEU A 71 5.78 5.81 9.89
N PRO A 1 12.21 2.46 12.07
CA PRO A 1 11.67 1.16 11.63
C PRO A 1 12.76 0.12 11.39
N SER A 2 12.35 -1.14 11.19
CA SER A 2 13.27 -2.25 10.94
C SER A 2 13.99 -2.13 9.59
N GLY A 3 13.61 -1.14 8.77
CA GLY A 3 14.21 -0.90 7.47
C GLY A 3 13.39 -1.50 6.34
N LYS A 4 12.36 -2.28 6.66
CA LYS A 4 11.46 -2.86 5.66
C LYS A 4 10.53 -1.79 5.09
N ASN A 5 9.79 -2.15 4.04
CA ASN A 5 8.74 -1.30 3.51
C ASN A 5 7.59 -1.30 4.52
N PRO A 6 6.62 -0.37 4.42
CA PRO A 6 5.57 -0.24 5.41
C PRO A 6 4.56 -1.39 5.29
N VAL A 7 4.66 -2.15 4.21
CA VAL A 7 3.82 -3.31 3.97
C VAL A 7 4.04 -4.36 5.06
N MET A 8 5.30 -4.74 5.31
CA MET A 8 5.56 -5.79 6.28
C MET A 8 5.41 -5.30 7.72
N ILE A 9 5.56 -4.00 7.98
CA ILE A 9 5.31 -3.49 9.32
C ILE A 9 3.87 -3.77 9.68
N LEU A 10 2.97 -3.34 8.78
CA LEU A 10 1.55 -3.54 8.91
C LEU A 10 1.23 -5.04 9.01
N ASN A 11 1.80 -5.82 8.09
CA ASN A 11 1.57 -7.26 8.02
C ASN A 11 2.13 -8.01 9.23
N GLU A 12 2.96 -7.35 10.06
CA GLU A 12 3.50 -7.95 11.27
C GLU A 12 2.80 -7.41 12.51
N LEU A 13 2.36 -6.15 12.47
CA LEU A 13 1.68 -5.54 13.59
C LEU A 13 0.23 -6.04 13.67
N ARG A 14 -0.49 -5.99 12.55
CA ARG A 14 -1.87 -6.42 12.48
C ARG A 14 -2.24 -6.87 11.07
N PRO A 15 -1.94 -8.13 10.71
CA PRO A 15 -2.32 -8.71 9.44
C PRO A 15 -3.83 -8.96 9.41
N GLY A 16 -4.34 -9.47 8.28
CA GLY A 16 -5.76 -9.75 8.15
C GLY A 16 -6.48 -8.66 7.37
N LEU A 17 -5.97 -8.35 6.18
CA LEU A 17 -6.47 -7.29 5.32
C LEU A 17 -6.67 -7.80 3.90
N LYS A 18 -7.10 -6.90 3.00
CA LYS A 18 -7.36 -7.25 1.61
C LYS A 18 -6.90 -6.13 0.69
N TYR A 19 -5.79 -6.34 -0.04
CA TYR A 19 -5.33 -5.39 -1.03
C TYR A 19 -6.03 -5.61 -2.36
N ASP A 20 -6.15 -4.53 -3.14
CA ASP A 20 -6.70 -4.57 -4.47
C ASP A 20 -5.91 -3.63 -5.39
N PHE A 21 -5.17 -4.19 -6.34
CA PHE A 21 -4.46 -3.41 -7.35
C PHE A 21 -5.45 -2.72 -8.28
N LEU A 22 -5.08 -1.54 -8.78
CA LEU A 22 -5.87 -0.79 -9.73
C LEU A 22 -5.00 -0.38 -10.92
N SER A 23 -5.68 -0.11 -12.05
CA SER A 23 -5.14 0.08 -13.38
C SER A 23 -4.02 1.12 -13.48
N GLU A 24 -3.43 1.21 -14.68
CA GLU A 24 -2.30 2.07 -14.98
C GLU A 24 -2.57 3.00 -16.15
N SER A 25 -1.67 3.96 -16.37
CA SER A 25 -1.72 4.91 -17.48
C SER A 25 -0.32 5.38 -17.83
N GLY A 26 -0.19 6.08 -18.96
CA GLY A 26 1.08 6.63 -19.42
C GLY A 26 1.75 5.75 -20.46
N GLU A 27 2.86 6.24 -21.01
CA GLU A 27 3.67 5.52 -21.98
C GLU A 27 4.55 4.48 -21.26
N SER A 28 5.46 3.84 -22.00
CA SER A 28 6.43 2.92 -21.41
C SER A 28 7.42 3.66 -20.49
N HIS A 29 7.30 4.99 -20.43
CA HIS A 29 8.08 5.86 -19.56
C HIS A 29 7.12 6.74 -18.77
N ALA A 30 7.58 7.31 -17.66
CA ALA A 30 6.75 8.10 -16.76
C ALA A 30 5.48 7.34 -16.35
N LYS A 31 5.43 6.02 -16.58
CA LYS A 31 4.27 5.19 -16.31
C LYS A 31 3.89 5.24 -14.83
N SER A 32 2.61 4.97 -14.55
CA SER A 32 2.10 4.93 -13.18
C SER A 32 1.09 3.81 -13.02
N PHE A 33 0.93 3.35 -11.78
CA PHE A 33 0.05 2.25 -11.39
C PHE A 33 -0.58 2.62 -10.05
N VAL A 34 -1.54 1.84 -9.55
CA VAL A 34 -2.06 2.13 -8.23
C VAL A 34 -2.49 0.86 -7.50
N MET A 35 -2.55 0.97 -6.17
CA MET A 35 -3.04 -0.06 -5.27
C MET A 35 -4.10 0.55 -4.37
N SER A 36 -4.97 -0.28 -3.84
CA SER A 36 -5.88 0.08 -2.79
C SER A 36 -5.87 -1.02 -1.74
N VAL A 37 -6.47 -0.78 -0.58
CA VAL A 37 -6.52 -1.78 0.47
C VAL A 37 -7.82 -1.65 1.26
N VAL A 38 -8.16 -2.72 1.98
CA VAL A 38 -9.26 -2.73 2.94
C VAL A 38 -8.72 -3.34 4.22
N VAL A 39 -8.58 -2.50 5.25
CA VAL A 39 -7.98 -2.90 6.51
C VAL A 39 -8.91 -2.52 7.66
N ASP A 40 -9.24 -3.48 8.53
CA ASP A 40 -10.13 -3.29 9.67
C ASP A 40 -11.52 -2.76 9.25
N GLY A 41 -11.80 -2.72 7.95
CA GLY A 41 -13.06 -2.24 7.40
C GLY A 41 -12.91 -0.90 6.70
N GLN A 42 -11.77 -0.23 6.92
CA GLN A 42 -11.48 1.03 6.27
C GLN A 42 -11.00 0.77 4.84
N PHE A 43 -10.83 1.83 4.04
CA PHE A 43 -10.34 1.70 2.67
C PHE A 43 -9.24 2.72 2.42
N PHE A 44 -8.26 2.34 1.60
CA PHE A 44 -7.12 3.19 1.29
C PHE A 44 -6.72 3.06 -0.18
N GLU A 45 -5.88 4.00 -0.64
CA GLU A 45 -5.40 4.04 -2.01
C GLU A 45 -3.96 4.58 -2.02
N GLY A 46 -3.23 4.36 -3.12
CA GLY A 46 -1.86 4.80 -3.25
C GLY A 46 -1.30 4.49 -4.63
N SER A 47 -1.15 5.51 -5.48
CA SER A 47 -0.55 5.34 -6.79
C SER A 47 0.97 5.45 -6.71
N GLY A 48 1.67 5.00 -7.75
CA GLY A 48 3.13 5.04 -7.81
C GLY A 48 3.63 4.77 -9.22
N ARG A 49 4.94 4.94 -9.44
CA ARG A 49 5.56 4.73 -10.75
C ARG A 49 5.65 3.26 -11.10
N ASN A 50 5.47 2.39 -10.09
CA ASN A 50 5.55 0.95 -10.23
C ASN A 50 4.63 0.31 -9.20
N LYS A 51 4.28 -0.97 -9.39
CA LYS A 51 3.33 -1.66 -8.53
C LYS A 51 3.82 -1.77 -7.08
N LYS A 52 5.14 -1.88 -6.89
CA LYS A 52 5.76 -1.98 -5.58
C LYS A 52 5.59 -0.67 -4.82
N LEU A 53 5.93 0.44 -5.47
CA LEU A 53 5.88 1.77 -4.89
C LEU A 53 4.44 2.14 -4.54
N ALA A 54 3.50 1.77 -5.42
CA ALA A 54 2.08 1.99 -5.20
C ALA A 54 1.61 1.31 -3.92
N LYS A 55 1.97 0.04 -3.69
CA LYS A 55 1.57 -0.66 -2.49
C LYS A 55 2.19 -0.02 -1.25
N ALA A 56 3.44 0.45 -1.36
CA ALA A 56 4.11 1.07 -0.23
C ALA A 56 3.39 2.35 0.20
N ARG A 57 2.72 3.02 -0.75
CA ARG A 57 1.97 4.23 -0.47
C ARG A 57 0.63 3.91 0.18
N ALA A 58 -0.14 2.99 -0.43
CA ALA A 58 -1.44 2.60 0.08
C ALA A 58 -1.31 1.88 1.43
N ALA A 59 -0.24 1.09 1.59
CA ALA A 59 0.01 0.37 2.83
C ALA A 59 0.45 1.33 3.93
N GLN A 60 1.22 2.36 3.58
CA GLN A 60 1.63 3.36 4.55
C GLN A 60 0.41 4.15 5.02
N SER A 61 -0.55 4.41 4.13
CA SER A 61 -1.78 5.09 4.51
C SER A 61 -2.60 4.20 5.44
N ALA A 62 -2.72 2.92 5.12
CA ALA A 62 -3.45 1.97 5.92
C ALA A 62 -2.85 1.87 7.32
N LEU A 63 -1.52 1.81 7.39
CA LEU A 63 -0.77 1.76 8.64
C LEU A 63 -1.04 3.02 9.45
N ALA A 64 -0.59 4.18 8.96
CA ALA A 64 -0.67 5.44 9.69
C ALA A 64 -2.09 5.82 10.10
N THR A 65 -3.12 5.19 9.51
CA THR A 65 -4.49 5.49 9.88
C THR A 65 -5.02 4.46 10.88
N VAL A 66 -5.02 3.18 10.52
CA VAL A 66 -5.57 2.13 11.37
C VAL A 66 -4.76 1.96 12.64
N PHE A 67 -3.45 2.26 12.59
CA PHE A 67 -2.57 2.09 13.72
C PHE A 67 -2.48 3.38 14.55
N ASN A 68 -3.08 4.48 14.07
CA ASN A 68 -3.03 5.78 14.75
C ASN A 68 -1.61 6.30 14.93
N LEU A 69 -0.66 5.80 14.12
CA LEU A 69 0.75 6.16 14.20
C LEU A 69 1.23 6.78 12.89
N HIS A 70 2.54 6.91 12.73
CA HIS A 70 3.15 7.50 11.54
C HIS A 70 4.30 6.62 11.04
N LEU A 71 4.99 7.04 9.97
CA LEU A 71 6.06 6.28 9.36
C LEU A 71 7.32 7.14 9.25
N PRO A 1 17.43 -4.88 6.21
CA PRO A 1 16.39 -5.35 7.13
C PRO A 1 15.03 -5.52 6.45
N SER A 2 14.11 -6.25 7.09
CA SER A 2 12.79 -6.49 6.54
C SER A 2 11.93 -5.22 6.53
N GLY A 3 12.43 -4.14 7.13
CA GLY A 3 11.73 -2.86 7.19
C GLY A 3 11.85 -2.07 5.88
N LYS A 4 12.37 -2.69 4.82
CA LYS A 4 12.56 -2.04 3.53
C LYS A 4 11.24 -1.54 2.94
N ASN A 5 10.11 -2.03 3.44
CA ASN A 5 8.79 -1.59 3.03
C ASN A 5 7.85 -1.53 4.23
N PRO A 6 6.75 -0.75 4.15
CA PRO A 6 5.73 -0.70 5.19
C PRO A 6 4.85 -1.95 5.15
N VAL A 7 4.98 -2.77 4.10
CA VAL A 7 4.22 -4.01 3.97
C VAL A 7 4.58 -4.96 5.10
N MET A 8 5.88 -5.15 5.37
CA MET A 8 6.33 -6.08 6.39
C MET A 8 6.02 -5.59 7.80
N ILE A 9 6.26 -4.32 8.12
CA ILE A 9 5.97 -3.85 9.47
C ILE A 9 4.49 -3.99 9.77
N LEU A 10 3.61 -3.78 8.78
CA LEU A 10 2.18 -4.04 8.95
C LEU A 10 1.97 -5.54 9.20
N ASN A 11 2.50 -6.36 8.28
CA ASN A 11 2.37 -7.81 8.29
C ASN A 11 2.97 -8.48 9.54
N GLU A 12 3.71 -7.74 10.37
CA GLU A 12 4.34 -8.30 11.56
C GLU A 12 3.75 -7.70 12.84
N LEU A 13 3.09 -6.55 12.73
CA LEU A 13 2.49 -5.90 13.89
C LEU A 13 1.07 -6.41 14.09
N ARG A 14 0.27 -6.41 13.02
CA ARG A 14 -1.10 -6.87 13.08
C ARG A 14 -1.60 -7.26 11.69
N PRO A 15 -1.31 -8.48 11.23
CA PRO A 15 -1.82 -9.00 9.97
C PRO A 15 -3.30 -9.33 10.11
N GLY A 16 -3.94 -9.81 9.04
CA GLY A 16 -5.36 -10.11 9.06
C GLY A 16 -6.15 -9.32 8.01
N LEU A 17 -5.51 -9.01 6.89
CA LEU A 17 -6.08 -8.15 5.86
C LEU A 17 -6.10 -8.86 4.52
N LYS A 18 -6.46 -8.12 3.48
CA LYS A 18 -6.44 -8.59 2.11
C LYS A 18 -6.12 -7.41 1.19
N TYR A 19 -5.59 -7.66 -0.01
CA TYR A 19 -5.25 -6.60 -0.94
C TYR A 19 -5.90 -6.85 -2.29
N ASP A 20 -6.11 -5.76 -3.04
CA ASP A 20 -6.68 -5.84 -4.38
C ASP A 20 -5.97 -4.85 -5.31
N PHE A 21 -5.22 -5.37 -6.28
CA PHE A 21 -4.58 -4.55 -7.30
C PHE A 21 -5.62 -3.93 -8.22
N LEU A 22 -5.34 -2.73 -8.73
CA LEU A 22 -6.19 -2.04 -9.67
C LEU A 22 -5.39 -1.57 -10.88
N SER A 23 -6.12 -1.35 -11.98
CA SER A 23 -5.61 -1.15 -13.34
C SER A 23 -4.58 -0.03 -13.49
N GLU A 24 -4.04 0.09 -14.71
CA GLU A 24 -2.97 1.02 -15.03
C GLU A 24 -3.35 1.99 -16.14
N SER A 25 -2.48 2.98 -16.38
CA SER A 25 -2.64 3.99 -17.40
C SER A 25 -1.27 4.51 -17.86
N GLY A 26 -1.26 5.34 -18.91
CA GLY A 26 -0.06 5.98 -19.42
C GLY A 26 0.74 5.07 -20.35
N GLU A 27 1.81 5.63 -20.92
CA GLU A 27 2.74 4.93 -21.80
C GLU A 27 3.92 4.37 -21.00
N SER A 28 4.81 3.62 -21.66
CA SER A 28 5.93 2.94 -21.00
C SER A 28 6.93 3.89 -20.35
N HIS A 29 6.74 5.20 -20.47
CA HIS A 29 7.65 6.20 -19.92
C HIS A 29 6.94 7.11 -18.92
N ALA A 30 5.64 6.86 -18.69
CA ALA A 30 4.82 7.63 -17.75
C ALA A 30 3.84 6.69 -17.05
N LYS A 31 4.08 5.38 -17.15
CA LYS A 31 3.18 4.34 -16.68
C LYS A 31 2.88 4.48 -15.20
N SER A 32 1.66 4.11 -14.81
CA SER A 32 1.23 4.09 -13.42
C SER A 32 0.32 2.89 -13.18
N PHE A 33 0.26 2.45 -11.92
CA PHE A 33 -0.53 1.31 -11.48
C PHE A 33 -1.12 1.65 -10.12
N VAL A 34 -2.02 0.82 -9.59
CA VAL A 34 -2.51 1.10 -8.24
C VAL A 34 -2.86 -0.18 -7.50
N MET A 35 -2.89 -0.08 -6.17
CA MET A 35 -3.30 -1.14 -5.27
C MET A 35 -4.38 -0.58 -4.35
N SER A 36 -5.21 -1.47 -3.82
CA SER A 36 -6.13 -1.16 -2.75
C SER A 36 -6.02 -2.25 -1.69
N VAL A 37 -6.65 -2.05 -0.53
CA VAL A 37 -6.59 -3.00 0.55
C VAL A 37 -7.90 -2.99 1.32
N VAL A 38 -8.17 -4.06 2.06
CA VAL A 38 -9.27 -4.11 3.00
C VAL A 38 -8.74 -4.72 4.28
N VAL A 39 -8.64 -3.88 5.31
CA VAL A 39 -8.12 -4.28 6.61
C VAL A 39 -9.02 -3.72 7.69
N ASP A 40 -9.31 -4.52 8.72
CA ASP A 40 -10.19 -4.13 9.82
C ASP A 40 -11.58 -3.69 9.33
N GLY A 41 -11.90 -3.97 8.06
CA GLY A 41 -13.17 -3.59 7.45
C GLY A 41 -13.05 -2.24 6.73
N GLN A 42 -11.93 -1.54 6.95
CA GLN A 42 -11.66 -0.28 6.30
C GLN A 42 -11.15 -0.55 4.89
N PHE A 43 -11.04 0.50 4.06
CA PHE A 43 -10.57 0.38 2.68
C PHE A 43 -9.50 1.43 2.41
N PHE A 44 -8.49 1.06 1.61
CA PHE A 44 -7.41 1.97 1.27
C PHE A 44 -7.03 1.86 -0.21
N GLU A 45 -6.24 2.83 -0.69
CA GLU A 45 -5.78 2.89 -2.06
C GLU A 45 -4.38 3.48 -2.10
N GLY A 46 -3.66 3.30 -3.20
CA GLY A 46 -2.31 3.81 -3.35
C GLY A 46 -1.76 3.53 -4.74
N SER A 47 -1.63 4.56 -5.57
CA SER A 47 -1.06 4.41 -6.91
C SER A 47 0.46 4.60 -6.88
N GLY A 48 1.13 4.15 -7.94
CA GLY A 48 2.57 4.26 -8.07
C GLY A 48 3.01 3.97 -9.50
N ARG A 49 4.28 4.23 -9.83
CA ARG A 49 4.79 3.98 -11.17
C ARG A 49 5.00 2.49 -11.43
N ASN A 50 4.92 1.67 -10.39
CA ASN A 50 5.06 0.22 -10.46
C ASN A 50 4.19 -0.44 -9.40
N LYS A 51 3.95 -1.76 -9.53
CA LYS A 51 3.07 -2.49 -8.64
C LYS A 51 3.59 -2.54 -7.20
N LYS A 52 4.91 -2.63 -7.02
CA LYS A 52 5.53 -2.69 -5.71
C LYS A 52 5.33 -1.38 -4.95
N LEU A 53 5.56 -0.26 -5.63
CA LEU A 53 5.47 1.06 -5.02
C LEU A 53 4.01 1.36 -4.66
N ALA A 54 3.09 0.96 -5.54
CA ALA A 54 1.66 1.14 -5.31
C ALA A 54 1.22 0.45 -4.01
N LYS A 55 1.66 -0.79 -3.78
CA LYS A 55 1.31 -1.49 -2.54
C LYS A 55 1.95 -0.80 -1.34
N ALA A 56 3.19 -0.32 -1.48
CA ALA A 56 3.86 0.32 -0.37
C ALA A 56 3.12 1.59 0.07
N ARG A 57 2.44 2.25 -0.87
CA ARG A 57 1.68 3.44 -0.60
C ARG A 57 0.37 3.10 0.11
N ALA A 58 -0.41 2.17 -0.45
CA ALA A 58 -1.67 1.74 0.13
C ALA A 58 -1.45 1.05 1.47
N ALA A 59 -0.34 0.31 1.59
CA ALA A 59 0.01 -0.39 2.82
C ALA A 59 0.44 0.59 3.91
N GLN A 60 1.15 1.66 3.52
CA GLN A 60 1.53 2.71 4.46
C GLN A 60 0.28 3.44 4.96
N SER A 61 -0.71 3.64 4.08
CA SER A 61 -1.95 4.28 4.48
C SER A 61 -2.72 3.36 5.42
N ALA A 62 -2.79 2.08 5.07
CA ALA A 62 -3.47 1.07 5.89
C ALA A 62 -2.85 1.01 7.28
N LEU A 63 -1.51 1.01 7.35
CA LEU A 63 -0.77 1.01 8.60
C LEU A 63 -1.10 2.26 9.42
N ALA A 64 -0.75 3.43 8.90
CA ALA A 64 -0.93 4.69 9.61
C ALA A 64 -2.38 4.98 10.03
N THR A 65 -3.35 4.24 9.48
CA THR A 65 -4.74 4.41 9.90
C THR A 65 -5.16 3.35 10.90
N VAL A 66 -5.04 2.07 10.52
CA VAL A 66 -5.49 0.96 11.35
C VAL A 66 -4.64 0.83 12.61
N PHE A 67 -3.38 1.27 12.57
CA PHE A 67 -2.49 1.18 13.72
C PHE A 67 -2.53 2.46 14.55
N ASN A 68 -3.25 3.49 14.09
CA ASN A 68 -3.34 4.78 14.76
C ASN A 68 -1.97 5.45 14.92
N LEU A 69 -0.99 5.06 14.11
CA LEU A 69 0.37 5.57 14.17
C LEU A 69 0.77 6.22 12.84
N HIS A 70 2.06 6.50 12.66
CA HIS A 70 2.57 7.14 11.45
C HIS A 70 3.80 6.39 10.94
N LEU A 71 4.39 6.86 9.83
CA LEU A 71 5.54 6.21 9.21
C LEU A 71 6.63 7.24 8.91
N PRO A 1 14.88 -13.69 1.54
CA PRO A 1 14.55 -12.78 2.66
C PRO A 1 13.35 -11.90 2.34
N SER A 2 12.89 -11.11 3.33
CA SER A 2 11.76 -10.20 3.18
C SER A 2 11.94 -8.99 4.11
N GLY A 3 10.96 -8.09 4.14
CA GLY A 3 11.00 -6.89 4.96
C GLY A 3 11.47 -5.66 4.19
N LYS A 4 11.64 -5.81 2.86
CA LYS A 4 12.12 -4.74 1.98
C LYS A 4 11.12 -3.59 1.86
N ASN A 5 9.91 -3.73 2.43
CA ASN A 5 8.86 -2.74 2.29
C ASN A 5 8.07 -2.57 3.59
N PRO A 6 7.29 -1.49 3.74
CA PRO A 6 6.43 -1.27 4.89
C PRO A 6 5.23 -2.23 4.88
N VAL A 7 5.01 -2.93 3.76
CA VAL A 7 3.93 -3.90 3.63
C VAL A 7 4.11 -5.01 4.66
N MET A 8 5.33 -5.57 4.73
CA MET A 8 5.60 -6.67 5.65
C MET A 8 5.54 -6.20 7.10
N ILE A 9 6.00 -4.98 7.40
CA ILE A 9 5.97 -4.47 8.78
C ILE A 9 4.55 -4.52 9.30
N LEU A 10 3.64 -3.89 8.55
CA LEU A 10 2.23 -3.83 8.86
C LEU A 10 1.68 -5.25 9.00
N ASN A 11 1.99 -6.12 8.04
CA ASN A 11 1.52 -7.49 8.00
C ASN A 11 2.11 -8.36 9.12
N GLU A 12 3.10 -7.85 9.85
CA GLU A 12 3.67 -8.56 11.00
C GLU A 12 3.08 -8.00 12.29
N LEU A 13 2.98 -6.67 12.36
CA LEU A 13 2.53 -6.00 13.56
C LEU A 13 1.04 -6.22 13.80
N ARG A 14 0.21 -5.97 12.78
CA ARG A 14 -1.23 -6.08 12.91
C ARG A 14 -1.88 -6.42 11.56
N PRO A 15 -1.84 -7.69 11.15
CA PRO A 15 -2.47 -8.16 9.92
C PRO A 15 -3.99 -8.16 10.08
N GLY A 16 -4.72 -8.52 9.02
CA GLY A 16 -6.18 -8.55 9.09
C GLY A 16 -6.83 -7.50 8.19
N LEU A 17 -6.24 -7.26 7.01
CA LEU A 17 -6.68 -6.24 6.08
C LEU A 17 -6.91 -6.83 4.70
N LYS A 18 -7.28 -5.96 3.76
CA LYS A 18 -7.44 -6.32 2.36
C LYS A 18 -6.84 -5.21 1.52
N TYR A 19 -6.47 -5.52 0.27
CA TYR A 19 -5.91 -4.53 -0.64
C TYR A 19 -6.63 -4.60 -1.98
N ASP A 20 -6.60 -3.49 -2.72
CA ASP A 20 -7.19 -3.41 -4.04
C ASP A 20 -6.31 -2.59 -4.98
N PHE A 21 -5.71 -3.23 -5.97
CA PHE A 21 -4.92 -2.55 -6.99
C PHE A 21 -5.84 -1.71 -7.88
N LEU A 22 -5.32 -0.59 -8.38
CA LEU A 22 -6.03 0.29 -9.29
C LEU A 22 -5.15 0.58 -10.51
N SER A 23 -5.82 0.97 -11.61
CA SER A 23 -5.27 1.09 -12.96
C SER A 23 -4.06 2.01 -13.08
N GLU A 24 -3.51 2.06 -14.30
CA GLU A 24 -2.30 2.80 -14.61
C GLU A 24 -2.53 3.87 -15.68
N SER A 25 -1.49 4.66 -15.95
CA SER A 25 -1.51 5.70 -16.97
C SER A 25 -0.09 5.97 -17.45
N GLY A 26 0.04 6.81 -18.50
CA GLY A 26 1.32 7.22 -19.05
C GLY A 26 1.86 6.20 -20.06
N GLU A 27 2.94 6.59 -20.74
CA GLU A 27 3.63 5.76 -21.71
C GLU A 27 4.59 4.80 -21.00
N SER A 28 5.42 4.07 -21.77
CA SER A 28 6.40 3.14 -21.21
C SER A 28 7.41 3.83 -20.30
N HIS A 29 7.41 5.17 -20.28
CA HIS A 29 8.26 5.98 -19.44
C HIS A 29 7.37 6.85 -18.56
N ALA A 30 7.89 7.31 -17.42
CA ALA A 30 7.09 8.03 -16.43
C ALA A 30 5.81 7.28 -16.06
N LYS A 31 5.78 5.96 -16.33
CA LYS A 31 4.62 5.11 -16.07
C LYS A 31 4.24 5.17 -14.59
N SER A 32 2.95 5.02 -14.30
CA SER A 32 2.45 4.99 -12.92
C SER A 32 1.34 3.97 -12.78
N PHE A 33 1.17 3.46 -11.56
CA PHE A 33 0.16 2.49 -11.17
C PHE A 33 -0.35 2.90 -9.79
N VAL A 34 -1.38 2.25 -9.26
CA VAL A 34 -1.79 2.59 -7.90
C VAL A 34 -2.37 1.39 -7.16
N MET A 35 -2.37 1.48 -5.83
CA MET A 35 -2.96 0.51 -4.94
C MET A 35 -3.87 1.26 -3.98
N SER A 36 -4.84 0.54 -3.42
CA SER A 36 -5.64 0.99 -2.31
C SER A 36 -5.72 -0.12 -1.28
N VAL A 37 -6.25 0.17 -0.09
CA VAL A 37 -6.32 -0.83 0.97
C VAL A 37 -7.58 -0.60 1.80
N VAL A 38 -7.97 -1.63 2.55
CA VAL A 38 -9.01 -1.53 3.56
C VAL A 38 -8.53 -2.25 4.80
N VAL A 39 -8.22 -1.48 5.84
CA VAL A 39 -7.72 -2.00 7.09
C VAL A 39 -8.46 -1.33 8.24
N ASP A 40 -8.84 -2.10 9.26
CA ASP A 40 -9.58 -1.59 10.41
C ASP A 40 -10.90 -0.93 10.01
N GLY A 41 -11.32 -1.10 8.76
CA GLY A 41 -12.54 -0.49 8.22
C GLY A 41 -12.22 0.83 7.51
N GLN A 42 -10.99 1.33 7.69
CA GLN A 42 -10.53 2.54 7.05
C GLN A 42 -10.12 2.22 5.60
N PHE A 43 -9.86 3.25 4.80
CA PHE A 43 -9.47 3.07 3.41
C PHE A 43 -8.26 3.94 3.11
N PHE A 44 -7.37 3.44 2.24
CA PHE A 44 -6.15 4.16 1.87
C PHE A 44 -5.86 4.02 0.38
N GLU A 45 -4.92 4.83 -0.11
CA GLU A 45 -4.50 4.82 -1.51
C GLU A 45 -3.00 5.15 -1.58
N GLY A 46 -2.37 4.84 -2.72
CA GLY A 46 -0.95 5.09 -2.91
C GLY A 46 -0.52 4.72 -4.32
N SER A 47 -0.24 5.73 -5.16
CA SER A 47 0.27 5.49 -6.50
C SER A 47 1.79 5.34 -6.48
N GLY A 48 2.37 4.85 -7.57
CA GLY A 48 3.81 4.67 -7.68
C GLY A 48 4.22 4.31 -9.11
N ARG A 49 5.52 4.28 -9.37
CA ARG A 49 6.05 3.97 -10.71
C ARG A 49 5.82 2.51 -11.09
N ASN A 50 5.57 1.65 -10.10
CA ASN A 50 5.33 0.23 -10.30
C ASN A 50 4.40 -0.30 -9.22
N LYS A 51 4.00 -1.57 -9.35
CA LYS A 51 3.04 -2.21 -8.47
C LYS A 51 3.49 -2.26 -7.02
N LYS A 52 4.78 -2.53 -6.79
CA LYS A 52 5.35 -2.65 -5.45
C LYS A 52 5.37 -1.29 -4.75
N LEU A 53 5.92 -0.28 -5.43
CA LEU A 53 6.09 1.06 -4.88
C LEU A 53 4.72 1.65 -4.52
N ALA A 54 3.71 1.37 -5.35
CA ALA A 54 2.35 1.78 -5.09
C ALA A 54 1.84 1.17 -3.77
N LYS A 55 1.99 -0.16 -3.60
CA LYS A 55 1.57 -0.81 -2.37
C LYS A 55 2.37 -0.31 -1.19
N ALA A 56 3.66 -0.01 -1.39
CA ALA A 56 4.50 0.47 -0.30
C ALA A 56 4.01 1.83 0.19
N ARG A 57 3.49 2.66 -0.71
CA ARG A 57 2.97 3.97 -0.36
C ARG A 57 1.63 3.86 0.37
N ALA A 58 0.71 3.07 -0.19
CA ALA A 58 -0.60 2.86 0.41
C ALA A 58 -0.48 2.13 1.75
N ALA A 59 0.46 1.18 1.84
CA ALA A 59 0.70 0.41 3.05
C ALA A 59 1.38 1.28 4.11
N GLN A 60 2.32 2.15 3.69
CA GLN A 60 2.94 3.09 4.60
C GLN A 60 1.89 4.03 5.20
N SER A 61 0.92 4.46 4.38
CA SER A 61 -0.15 5.31 4.87
C SER A 61 -1.06 4.53 5.82
N ALA A 62 -1.39 3.28 5.44
CA ALA A 62 -2.23 2.42 6.24
C ALA A 62 -1.61 2.16 7.62
N LEU A 63 -0.29 1.95 7.66
CA LEU A 63 0.42 1.70 8.90
C LEU A 63 0.34 2.91 9.81
N ALA A 64 0.90 4.05 9.39
CA ALA A 64 0.98 5.23 10.23
C ALA A 64 -0.38 5.67 10.80
N THR A 65 -1.47 5.46 10.06
CA THR A 65 -2.79 5.84 10.56
C THR A 65 -3.33 4.80 11.54
N VAL A 66 -3.44 3.54 11.09
CA VAL A 66 -4.04 2.48 11.89
C VAL A 66 -3.19 2.15 13.11
N PHE A 67 -1.87 2.35 13.02
CA PHE A 67 -0.96 2.05 14.12
C PHE A 67 -0.68 3.30 14.95
N ASN A 68 -1.29 4.44 14.61
CA ASN A 68 -1.12 5.72 15.29
C ASN A 68 0.32 6.21 15.40
N LEU A 69 1.23 5.60 14.63
CA LEU A 69 2.66 5.90 14.71
C LEU A 69 3.18 6.55 13.44
N HIS A 70 4.45 6.97 13.44
CA HIS A 70 5.09 7.56 12.28
C HIS A 70 5.80 6.48 11.47
N LEU A 71 6.10 6.78 10.21
CA LEU A 71 6.78 5.84 9.31
C LEU A 71 7.45 6.61 8.17
N PRO A 1 11.27 -10.99 5.78
CA PRO A 1 12.11 -10.05 5.01
C PRO A 1 12.75 -8.98 5.88
N SER A 2 13.54 -8.09 5.26
CA SER A 2 14.27 -7.05 5.97
C SER A 2 13.38 -5.97 6.57
N GLY A 3 12.08 -5.97 6.23
CA GLY A 3 11.14 -4.99 6.78
C GLY A 3 11.39 -3.58 6.25
N LYS A 4 12.16 -3.45 5.16
CA LYS A 4 12.53 -2.17 4.57
C LYS A 4 11.35 -1.40 3.99
N ASN A 5 10.13 -1.94 4.09
CA ASN A 5 8.92 -1.32 3.55
C ASN A 5 7.80 -1.37 4.59
N PRO A 6 6.78 -0.51 4.45
CA PRO A 6 5.66 -0.46 5.39
C PRO A 6 4.71 -1.64 5.21
N VAL A 7 4.84 -2.38 4.11
CA VAL A 7 4.00 -3.54 3.83
C VAL A 7 4.22 -4.61 4.88
N MET A 8 5.49 -4.98 5.11
CA MET A 8 5.80 -6.07 6.02
C MET A 8 5.62 -5.68 7.48
N ILE A 9 5.98 -4.45 7.88
CA ILE A 9 5.75 -4.08 9.27
C ILE A 9 4.26 -4.15 9.59
N LEU A 10 3.40 -3.78 8.65
CA LEU A 10 1.97 -3.92 8.85
C LEU A 10 1.64 -5.41 9.00
N ASN A 11 1.97 -6.20 7.97
CA ASN A 11 1.64 -7.61 7.87
C ASN A 11 2.36 -8.48 8.92
N GLU A 12 3.20 -7.88 9.77
CA GLU A 12 3.88 -8.63 10.83
C GLU A 12 3.45 -8.15 12.20
N LEU A 13 2.83 -6.96 12.28
CA LEU A 13 2.30 -6.43 13.53
C LEU A 13 0.86 -6.88 13.71
N ARG A 14 0.04 -6.67 12.68
CA ARG A 14 -1.37 -7.05 12.69
C ARG A 14 -1.81 -7.48 11.28
N PRO A 15 -1.54 -8.74 10.88
CA PRO A 15 -1.97 -9.28 9.61
C PRO A 15 -3.48 -9.53 9.64
N GLY A 16 -4.07 -9.97 8.52
CA GLY A 16 -5.49 -10.26 8.45
C GLY A 16 -6.24 -9.22 7.62
N LEU A 17 -5.74 -8.92 6.42
CA LEU A 17 -6.31 -7.94 5.53
C LEU A 17 -6.49 -8.52 4.14
N LYS A 18 -6.91 -7.67 3.18
CA LYS A 18 -7.09 -8.08 1.80
C LYS A 18 -6.70 -6.93 0.86
N TYR A 19 -5.62 -7.10 0.10
CA TYR A 19 -5.24 -6.10 -0.90
C TYR A 19 -5.97 -6.34 -2.20
N ASP A 20 -6.10 -5.27 -2.98
CA ASP A 20 -6.71 -5.30 -4.31
C ASP A 20 -5.96 -4.35 -5.25
N PHE A 21 -5.24 -4.91 -6.21
CA PHE A 21 -4.55 -4.13 -7.23
C PHE A 21 -5.56 -3.53 -8.21
N LEU A 22 -5.26 -2.33 -8.72
CA LEU A 22 -6.10 -1.64 -9.69
C LEU A 22 -5.29 -1.21 -10.90
N SER A 23 -6.01 -1.00 -12.00
CA SER A 23 -5.51 -0.81 -13.36
C SER A 23 -4.45 0.28 -13.53
N GLU A 24 -3.90 0.36 -14.74
CA GLU A 24 -2.79 1.24 -15.08
C GLU A 24 -3.03 2.03 -16.36
N SER A 25 -2.12 2.94 -16.66
CA SER A 25 -2.09 3.74 -17.89
C SER A 25 -0.68 4.27 -18.10
N GLY A 26 -0.38 4.80 -19.29
CA GLY A 26 0.92 5.37 -19.58
C GLY A 26 1.44 5.00 -20.97
N GLU A 27 2.70 5.35 -21.23
CA GLU A 27 3.36 5.15 -22.52
C GLU A 27 4.72 4.45 -22.36
N SER A 28 4.91 3.75 -21.23
CA SER A 28 6.11 3.01 -20.87
C SER A 28 7.26 3.91 -20.41
N HIS A 29 7.06 5.24 -20.41
CA HIS A 29 8.04 6.18 -19.88
C HIS A 29 7.37 7.12 -18.87
N ALA A 30 6.07 6.94 -18.64
CA ALA A 30 5.27 7.68 -17.70
C ALA A 30 4.26 6.74 -17.02
N LYS A 31 4.48 5.43 -17.16
CA LYS A 31 3.58 4.39 -16.70
C LYS A 31 3.30 4.51 -15.19
N SER A 32 2.06 4.24 -14.80
CA SER A 32 1.65 4.23 -13.40
C SER A 32 0.66 3.09 -13.16
N PHE A 33 0.53 2.68 -11.90
CA PHE A 33 -0.32 1.59 -11.45
C PHE A 33 -0.97 1.98 -10.13
N VAL A 34 -1.93 1.21 -9.64
CA VAL A 34 -2.45 1.50 -8.32
C VAL A 34 -2.77 0.21 -7.57
N MET A 35 -2.78 0.32 -6.24
CA MET A 35 -2.97 -0.79 -5.33
C MET A 35 -3.82 -0.27 -4.17
N SER A 36 -4.83 -1.03 -3.79
CA SER A 36 -5.72 -0.66 -2.69
C SER A 36 -5.73 -1.77 -1.65
N VAL A 37 -6.39 -1.52 -0.50
CA VAL A 37 -6.45 -2.52 0.54
C VAL A 37 -7.76 -2.41 1.31
N VAL A 38 -8.11 -3.49 2.01
CA VAL A 38 -9.20 -3.54 2.95
C VAL A 38 -8.69 -4.23 4.20
N VAL A 39 -8.56 -3.45 5.28
CA VAL A 39 -8.06 -3.93 6.55
C VAL A 39 -8.96 -3.39 7.65
N ASP A 40 -9.28 -4.23 8.65
CA ASP A 40 -10.16 -3.86 9.76
C ASP A 40 -11.54 -3.38 9.28
N GLY A 41 -11.85 -3.58 8.00
CA GLY A 41 -13.10 -3.14 7.39
C GLY A 41 -12.94 -1.77 6.72
N GLN A 42 -11.82 -1.11 6.98
CA GLN A 42 -11.49 0.17 6.38
C GLN A 42 -10.96 -0.05 4.97
N PHE A 43 -10.81 1.02 4.19
CA PHE A 43 -10.30 0.93 2.83
C PHE A 43 -9.21 1.97 2.60
N PHE A 44 -8.21 1.61 1.79
CA PHE A 44 -7.09 2.48 1.48
C PHE A 44 -6.68 2.33 0.01
N GLU A 45 -5.91 3.30 -0.49
CA GLU A 45 -5.45 3.30 -1.87
C GLU A 45 -4.05 3.92 -1.96
N GLY A 46 -3.34 3.67 -3.06
CA GLY A 46 -1.99 4.17 -3.26
C GLY A 46 -1.49 3.87 -4.66
N SER A 47 -1.49 4.86 -5.55
CA SER A 47 -0.93 4.69 -6.88
C SER A 47 0.60 4.84 -6.84
N GLY A 48 1.28 4.40 -7.90
CA GLY A 48 2.73 4.47 -7.97
C GLY A 48 3.23 4.15 -9.37
N ARG A 49 4.55 4.29 -9.59
CA ARG A 49 5.17 4.02 -10.88
C ARG A 49 5.25 2.52 -11.17
N ASN A 50 5.07 1.69 -10.15
CA ASN A 50 5.16 0.24 -10.22
C ASN A 50 4.32 -0.39 -9.12
N LYS A 51 4.10 -1.70 -9.21
CA LYS A 51 3.25 -2.44 -8.28
C LYS A 51 3.79 -2.41 -6.86
N LYS A 52 5.11 -2.55 -6.71
CA LYS A 52 5.77 -2.57 -5.41
C LYS A 52 5.57 -1.23 -4.69
N LEU A 53 5.64 -0.14 -5.46
CA LEU A 53 5.53 1.21 -4.93
C LEU A 53 4.08 1.54 -4.57
N ALA A 54 3.14 1.10 -5.41
CA ALA A 54 1.72 1.29 -5.14
C ALA A 54 1.34 0.68 -3.79
N LYS A 55 1.74 -0.58 -3.55
CA LYS A 55 1.43 -1.25 -2.30
C LYS A 55 2.09 -0.56 -1.12
N ALA A 56 3.33 -0.06 -1.29
CA ALA A 56 4.03 0.61 -0.20
C ALA A 56 3.31 1.89 0.21
N ARG A 57 2.64 2.56 -0.73
CA ARG A 57 1.90 3.77 -0.47
C ARG A 57 0.58 3.47 0.25
N ALA A 58 -0.20 2.53 -0.29
CA ALA A 58 -1.47 2.14 0.29
C ALA A 58 -1.29 1.45 1.64
N ALA A 59 -0.24 0.64 1.78
CA ALA A 59 0.05 -0.06 3.01
C ALA A 59 0.54 0.90 4.08
N GLN A 60 1.26 1.96 3.70
CA GLN A 60 1.69 2.98 4.63
C GLN A 60 0.46 3.73 5.16
N SER A 61 -0.53 3.98 4.29
CA SER A 61 -1.76 4.63 4.73
C SER A 61 -2.56 3.69 5.63
N ALA A 62 -2.64 2.40 5.25
CA ALA A 62 -3.35 1.39 6.01
C ALA A 62 -2.76 1.28 7.42
N LEU A 63 -1.43 1.20 7.52
CA LEU A 63 -0.73 1.10 8.79
C LEU A 63 -1.01 2.33 9.64
N ALA A 64 -0.69 3.52 9.13
CA ALA A 64 -0.80 4.77 9.88
C ALA A 64 -2.20 5.00 10.44
N THR A 65 -3.24 4.44 9.82
CA THR A 65 -4.61 4.61 10.31
C THR A 65 -5.00 3.48 11.26
N VAL A 66 -4.91 2.23 10.79
CA VAL A 66 -5.38 1.07 11.55
C VAL A 66 -4.54 0.85 12.81
N PHE A 67 -3.26 1.25 12.79
CA PHE A 67 -2.38 1.06 13.93
C PHE A 67 -2.32 2.30 14.80
N ASN A 68 -3.03 3.38 14.44
CA ASN A 68 -2.97 4.68 15.10
C ASN A 68 -1.53 5.21 15.26
N LEU A 69 -0.60 4.63 14.49
CA LEU A 69 0.83 4.91 14.56
C LEU A 69 1.36 5.20 13.17
N HIS A 70 1.66 6.47 12.88
CA HIS A 70 2.20 6.86 11.59
C HIS A 70 3.53 6.15 11.31
N LEU A 71 3.89 6.05 10.02
CA LEU A 71 5.14 5.43 9.60
C LEU A 71 6.34 6.22 10.10
N PRO A 1 14.46 -11.44 -0.21
CA PRO A 1 14.33 -11.66 1.24
C PRO A 1 13.39 -10.66 1.89
N SER A 2 13.82 -9.40 2.03
CA SER A 2 13.03 -8.32 2.60
C SER A 2 13.30 -7.02 1.84
N GLY A 3 12.47 -6.00 2.05
CA GLY A 3 12.59 -4.73 1.36
C GLY A 3 12.46 -3.52 2.28
N LYS A 4 12.30 -3.75 3.60
CA LYS A 4 12.15 -2.71 4.60
C LYS A 4 11.00 -1.73 4.30
N ASN A 5 10.11 -2.08 3.36
CA ASN A 5 8.97 -1.26 2.99
C ASN A 5 8.04 -1.07 4.20
N PRO A 6 7.16 -0.06 4.17
CA PRO A 6 6.20 0.18 5.24
C PRO A 6 5.10 -0.88 5.24
N VAL A 7 5.02 -1.67 4.16
CA VAL A 7 4.06 -2.75 4.03
C VAL A 7 4.26 -3.78 5.13
N MET A 8 5.51 -4.24 5.31
CA MET A 8 5.80 -5.28 6.27
C MET A 8 5.63 -4.78 7.71
N ILE A 9 5.99 -3.51 7.96
CA ILE A 9 5.83 -2.94 9.30
C ILE A 9 4.38 -3.07 9.73
N LEU A 10 3.48 -2.57 8.88
CA LEU A 10 2.05 -2.61 9.11
C LEU A 10 1.61 -4.07 9.28
N ASN A 11 2.00 -4.93 8.35
CA ASN A 11 1.64 -6.34 8.35
C ASN A 11 2.26 -7.13 9.51
N GLU A 12 3.12 -6.50 10.31
CA GLU A 12 3.72 -7.16 11.46
C GLU A 12 3.23 -6.54 12.76
N LEU A 13 2.95 -5.24 12.75
CA LEU A 13 2.45 -4.55 13.93
C LEU A 13 0.99 -4.92 14.17
N ARG A 14 0.12 -4.63 13.20
CA ARG A 14 -1.30 -4.92 13.29
C ARG A 14 -1.86 -5.30 11.92
N PRO A 15 -1.72 -6.57 11.50
CA PRO A 15 -2.30 -7.07 10.27
C PRO A 15 -3.82 -7.19 10.42
N GLY A 16 -4.50 -7.59 9.34
CA GLY A 16 -5.95 -7.75 9.36
C GLY A 16 -6.63 -6.72 8.46
N LEU A 17 -6.17 -6.62 7.20
CA LEU A 17 -6.66 -5.66 6.24
C LEU A 17 -6.94 -6.33 4.91
N LYS A 18 -7.33 -5.53 3.91
CA LYS A 18 -7.65 -6.01 2.57
C LYS A 18 -7.20 -5.00 1.52
N TYR A 19 -6.15 -5.34 0.76
CA TYR A 19 -5.69 -4.46 -0.32
C TYR A 19 -6.51 -4.70 -1.60
N ASP A 20 -6.52 -3.66 -2.43
CA ASP A 20 -7.15 -3.66 -3.73
C ASP A 20 -6.26 -2.90 -4.71
N PHE A 21 -5.78 -3.56 -5.77
CA PHE A 21 -4.99 -2.88 -6.80
C PHE A 21 -5.93 -2.20 -7.78
N LEU A 22 -5.57 -0.98 -8.21
CA LEU A 22 -6.38 -0.16 -9.09
C LEU A 22 -5.60 0.16 -10.38
N SER A 23 -6.34 0.51 -11.42
CA SER A 23 -5.88 0.61 -12.80
C SER A 23 -4.66 1.51 -13.02
N GLU A 24 -4.15 1.51 -14.26
CA GLU A 24 -2.95 2.24 -14.64
C GLU A 24 -3.20 3.24 -15.76
N SER A 25 -2.18 4.03 -16.09
CA SER A 25 -2.21 5.01 -17.16
C SER A 25 -0.77 5.33 -17.59
N GLY A 26 -0.61 6.13 -18.64
CA GLY A 26 0.70 6.57 -19.12
C GLY A 26 1.30 5.59 -20.13
N GLU A 27 2.52 5.89 -20.57
CA GLU A 27 3.28 5.11 -21.55
C GLU A 27 4.56 4.59 -20.91
N SER A 28 5.37 3.84 -21.66
CA SER A 28 6.58 3.18 -21.16
C SER A 28 7.64 4.14 -20.58
N HIS A 29 7.35 5.44 -20.51
CA HIS A 29 8.26 6.44 -19.99
C HIS A 29 7.59 7.34 -18.94
N ALA A 30 6.31 7.10 -18.65
CA ALA A 30 5.54 7.88 -17.71
C ALA A 30 4.50 7.00 -16.99
N LYS A 31 4.59 5.68 -17.15
CA LYS A 31 3.62 4.72 -16.64
C LYS A 31 3.41 4.90 -15.14
N SER A 32 2.16 4.71 -14.71
CA SER A 32 1.80 4.72 -13.30
C SER A 32 0.73 3.66 -13.04
N PHE A 33 0.67 3.20 -11.79
CA PHE A 33 -0.27 2.19 -11.34
C PHE A 33 -0.76 2.63 -9.96
N VAL A 34 -1.87 2.10 -9.47
CA VAL A 34 -2.28 2.49 -8.13
C VAL A 34 -2.71 1.27 -7.34
N MET A 35 -2.58 1.40 -6.02
CA MET A 35 -2.86 0.35 -5.06
C MET A 35 -3.58 1.01 -3.90
N SER A 36 -4.66 0.40 -3.44
CA SER A 36 -5.52 0.96 -2.43
C SER A 36 -5.76 -0.09 -1.35
N VAL A 37 -6.36 0.30 -0.22
CA VAL A 37 -6.52 -0.64 0.88
C VAL A 37 -7.80 -0.37 1.65
N VAL A 38 -8.24 -1.38 2.41
CA VAL A 38 -9.31 -1.27 3.39
C VAL A 38 -8.82 -1.92 4.68
N VAL A 39 -8.63 -1.09 5.70
CA VAL A 39 -8.14 -1.54 6.99
C VAL A 39 -8.96 -0.85 8.08
N ASP A 40 -9.32 -1.59 9.13
CA ASP A 40 -10.13 -1.07 10.23
C ASP A 40 -11.47 -0.48 9.75
N GLY A 41 -11.84 -0.72 8.49
CA GLY A 41 -13.05 -0.19 7.88
C GLY A 41 -12.79 1.10 7.13
N GLN A 42 -11.59 1.67 7.33
CA GLN A 42 -11.16 2.87 6.64
C GLN A 42 -10.71 2.50 5.22
N PHE A 43 -10.46 3.50 4.38
CA PHE A 43 -10.00 3.26 3.01
C PHE A 43 -8.80 4.15 2.70
N PHE A 44 -7.88 3.63 1.90
CA PHE A 44 -6.68 4.35 1.48
C PHE A 44 -6.36 4.06 0.03
N GLU A 45 -5.52 4.91 -0.57
CA GLU A 45 -5.10 4.80 -1.97
C GLU A 45 -3.66 5.31 -2.09
N GLY A 46 -2.96 4.92 -3.15
CA GLY A 46 -1.57 5.32 -3.35
C GLY A 46 -1.07 4.93 -4.73
N SER A 47 -1.03 5.88 -5.66
CA SER A 47 -0.48 5.64 -6.99
C SER A 47 1.04 5.67 -6.94
N GLY A 48 1.69 5.07 -7.95
CA GLY A 48 3.14 4.99 -8.02
C GLY A 48 3.60 4.57 -9.42
N ARG A 49 4.91 4.57 -9.64
CA ARG A 49 5.50 4.21 -10.93
C ARG A 49 5.43 2.71 -11.20
N ASN A 50 5.17 1.92 -10.17
CA ASN A 50 5.11 0.46 -10.25
C ASN A 50 4.21 -0.09 -9.16
N LYS A 51 3.90 -1.40 -9.21
CA LYS A 51 2.99 -2.03 -8.26
C LYS A 51 3.47 -1.92 -6.83
N LYS A 52 4.76 -2.23 -6.58
CA LYS A 52 5.31 -2.21 -5.24
C LYS A 52 5.26 -0.81 -4.62
N LEU A 53 5.60 0.20 -5.43
CA LEU A 53 5.67 1.58 -4.96
C LEU A 53 4.26 2.09 -4.60
N ALA A 54 3.27 1.71 -5.40
CA ALA A 54 1.87 2.04 -5.09
C ALA A 54 1.48 1.51 -3.72
N LYS A 55 1.76 0.24 -3.43
CA LYS A 55 1.42 -0.36 -2.14
C LYS A 55 2.18 0.33 -1.01
N ALA A 56 3.46 0.68 -1.23
CA ALA A 56 4.25 1.32 -0.20
C ALA A 56 3.68 2.68 0.17
N ARG A 57 3.04 3.36 -0.79
CA ARG A 57 2.43 4.66 -0.56
C ARG A 57 1.12 4.51 0.23
N ALA A 58 0.21 3.68 -0.26
CA ALA A 58 -1.07 3.45 0.39
C ALA A 58 -0.89 2.77 1.75
N ALA A 59 0.12 1.90 1.88
CA ALA A 59 0.38 1.21 3.13
C ALA A 59 0.97 2.17 4.15
N GLN A 60 1.83 3.09 3.72
CA GLN A 60 2.38 4.11 4.60
C GLN A 60 1.25 5.03 5.09
N SER A 61 0.26 5.30 4.24
CA SER A 61 -0.89 6.11 4.64
C SER A 61 -1.77 5.32 5.60
N ALA A 62 -2.01 4.05 5.30
CA ALA A 62 -2.82 3.16 6.12
C ALA A 62 -2.20 3.07 7.53
N LEU A 63 -0.89 2.87 7.59
CA LEU A 63 -0.14 2.79 8.83
C LEU A 63 -0.27 4.11 9.59
N ALA A 64 0.16 5.22 8.97
CA ALA A 64 0.17 6.52 9.62
C ALA A 64 -1.20 6.96 10.13
N THR A 65 -2.29 6.35 9.65
CA THR A 65 -3.63 6.69 10.11
C THR A 65 -4.15 5.69 11.13
N VAL A 66 -4.23 4.41 10.76
CA VAL A 66 -4.82 3.38 11.61
C VAL A 66 -4.00 3.16 12.88
N PHE A 67 -2.68 3.35 12.81
CA PHE A 67 -1.82 3.15 13.97
C PHE A 67 -1.68 4.43 14.78
N ASN A 68 -2.18 5.56 14.27
CA ASN A 68 -2.00 6.87 14.87
C ASN A 68 -0.51 7.21 15.03
N LEU A 69 0.35 6.50 14.28
CA LEU A 69 1.79 6.63 14.34
C LEU A 69 2.34 6.78 12.92
N HIS A 70 2.82 7.97 12.56
CA HIS A 70 3.37 8.20 11.23
C HIS A 70 4.61 7.33 11.02
N LEU A 71 4.96 7.09 9.75
CA LEU A 71 6.12 6.30 9.37
C LEU A 71 7.41 7.00 9.82
N PRO A 1 16.24 3.16 8.12
CA PRO A 1 16.60 2.62 6.80
C PRO A 1 15.44 2.72 5.81
N SER A 2 15.63 3.47 4.72
CA SER A 2 14.62 3.66 3.69
C SER A 2 14.37 2.38 2.87
N GLY A 3 15.12 1.31 3.14
CA GLY A 3 14.96 0.05 2.43
C GLY A 3 13.78 -0.77 2.94
N LYS A 4 13.14 -0.33 4.02
CA LYS A 4 11.97 -1.00 4.57
C LYS A 4 10.76 -0.80 3.65
N ASN A 5 9.67 -1.52 3.93
CA ASN A 5 8.44 -1.43 3.15
C ASN A 5 7.25 -1.67 4.08
N PRO A 6 6.17 -0.88 3.93
CA PRO A 6 5.05 -0.86 4.85
C PRO A 6 4.14 -2.09 4.72
N VAL A 7 4.27 -2.86 3.64
CA VAL A 7 3.47 -4.07 3.46
C VAL A 7 3.86 -5.10 4.51
N MET A 8 5.16 -5.30 4.70
CA MET A 8 5.65 -6.34 5.59
C MET A 8 5.39 -5.99 7.06
N ILE A 9 5.64 -4.74 7.48
CA ILE A 9 5.37 -4.38 8.87
C ILE A 9 3.88 -4.51 9.18
N LEU A 10 3.00 -4.17 8.24
CA LEU A 10 1.58 -4.38 8.43
C LEU A 10 1.34 -5.88 8.61
N ASN A 11 1.89 -6.67 7.70
CA ASN A 11 1.80 -8.13 7.70
C ASN A 11 2.44 -8.77 8.93
N GLU A 12 3.18 -8.00 9.74
CA GLU A 12 3.79 -8.53 10.96
C GLU A 12 3.10 -7.99 12.21
N LEU A 13 2.26 -6.96 12.06
CA LEU A 13 1.61 -6.32 13.20
C LEU A 13 0.14 -6.73 13.27
N ARG A 14 -0.53 -6.83 12.11
CA ARG A 14 -1.92 -7.23 12.05
C ARG A 14 -2.26 -7.80 10.68
N PRO A 15 -1.93 -9.07 10.42
CA PRO A 15 -2.32 -9.77 9.20
C PRO A 15 -3.82 -10.07 9.25
N GLY A 16 -4.36 -10.68 8.20
CA GLY A 16 -5.78 -11.02 8.17
C GLY A 16 -6.59 -10.03 7.34
N LEU A 17 -6.04 -9.61 6.20
CA LEU A 17 -6.65 -8.63 5.31
C LEU A 17 -6.77 -9.19 3.91
N LYS A 18 -7.25 -8.35 2.99
CA LYS A 18 -7.33 -8.70 1.58
C LYS A 18 -6.90 -7.48 0.77
N TYR A 19 -6.42 -7.70 -0.45
CA TYR A 19 -5.99 -6.62 -1.34
C TYR A 19 -6.66 -6.78 -2.70
N ASP A 20 -6.82 -5.67 -3.41
CA ASP A 20 -7.38 -5.68 -4.75
C ASP A 20 -6.62 -4.70 -5.64
N PHE A 21 -5.92 -5.22 -6.65
CA PHE A 21 -5.23 -4.40 -7.64
C PHE A 21 -6.24 -3.67 -8.51
N LEU A 22 -5.89 -2.47 -8.98
CA LEU A 22 -6.71 -1.67 -9.87
C LEU A 22 -5.88 -1.20 -11.07
N SER A 23 -6.61 -0.81 -12.12
CA SER A 23 -6.14 -0.56 -13.48
C SER A 23 -4.91 0.34 -13.61
N GLU A 24 -4.41 0.43 -14.85
CA GLU A 24 -3.19 1.14 -15.21
C GLU A 24 -3.43 2.07 -16.40
N SER A 25 -2.56 3.07 -16.56
CA SER A 25 -2.63 4.04 -17.65
C SER A 25 -1.26 4.63 -17.93
N GLY A 26 -1.15 5.38 -19.03
CA GLY A 26 0.08 6.07 -19.43
C GLY A 26 0.92 5.26 -20.41
N GLU A 27 1.96 5.90 -20.96
CA GLU A 27 2.90 5.26 -21.87
C GLU A 27 4.02 4.58 -21.09
N SER A 28 4.92 3.88 -21.77
CA SER A 28 6.00 3.12 -21.15
C SER A 28 6.99 3.98 -20.36
N HIS A 29 6.82 5.31 -20.40
CA HIS A 29 7.72 6.25 -19.72
C HIS A 29 6.95 7.14 -18.75
N ALA A 30 5.64 6.89 -18.60
CA ALA A 30 4.76 7.64 -17.70
C ALA A 30 3.74 6.70 -17.05
N LYS A 31 3.96 5.38 -17.20
CA LYS A 31 3.04 4.34 -16.76
C LYS A 31 2.74 4.45 -15.27
N SER A 32 1.51 4.06 -14.89
CA SER A 32 1.10 4.01 -13.50
C SER A 32 0.13 2.85 -13.29
N PHE A 33 -0.03 2.45 -12.02
CA PHE A 33 -0.89 1.35 -11.61
C PHE A 33 -1.47 1.69 -10.24
N VAL A 34 -2.42 0.91 -9.73
CA VAL A 34 -2.90 1.17 -8.38
C VAL A 34 -3.31 -0.12 -7.67
N MET A 35 -3.37 -0.05 -6.35
CA MET A 35 -3.82 -1.12 -5.48
C MET A 35 -4.87 -0.55 -4.53
N SER A 36 -5.69 -1.44 -4.00
CA SER A 36 -6.58 -1.14 -2.90
C SER A 36 -6.51 -2.27 -1.88
N VAL A 37 -7.12 -2.09 -0.71
CA VAL A 37 -7.07 -3.09 0.35
C VAL A 37 -8.37 -3.07 1.14
N VAL A 38 -8.58 -4.11 1.95
CA VAL A 38 -9.64 -4.18 2.91
C VAL A 38 -9.05 -4.74 4.21
N VAL A 39 -8.94 -3.87 5.21
CA VAL A 39 -8.31 -4.22 6.48
C VAL A 39 -9.23 -3.88 7.64
N ASP A 40 -9.50 -4.86 8.50
CA ASP A 40 -10.38 -4.72 9.66
C ASP A 40 -11.81 -4.27 9.28
N GLY A 41 -12.11 -4.25 7.97
CA GLY A 41 -13.41 -3.84 7.46
C GLY A 41 -13.34 -2.49 6.74
N GLN A 42 -12.24 -1.76 6.92
CA GLN A 42 -12.02 -0.50 6.25
C GLN A 42 -11.53 -0.76 4.82
N PHE A 43 -11.41 0.30 4.01
CA PHE A 43 -10.95 0.19 2.64
C PHE A 43 -9.90 1.27 2.38
N PHE A 44 -8.91 0.94 1.54
CA PHE A 44 -7.81 1.86 1.22
C PHE A 44 -7.41 1.77 -0.25
N GLU A 45 -6.60 2.73 -0.70
CA GLU A 45 -6.13 2.80 -2.08
C GLU A 45 -4.74 3.44 -2.13
N GLY A 46 -4.01 3.24 -3.23
CA GLY A 46 -2.69 3.79 -3.41
C GLY A 46 -2.16 3.46 -4.81
N SER A 47 -1.85 4.50 -5.60
CA SER A 47 -1.27 4.33 -6.92
C SER A 47 0.26 4.36 -6.88
N GLY A 48 0.90 4.01 -7.98
CA GLY A 48 2.35 4.03 -8.10
C GLY A 48 2.79 3.84 -9.54
N ARG A 49 4.09 4.01 -9.80
CA ARG A 49 4.65 3.82 -11.14
C ARG A 49 4.74 2.33 -11.49
N ASN A 50 4.61 1.47 -10.49
CA ASN A 50 4.66 0.02 -10.64
C ASN A 50 3.75 -0.64 -9.60
N LYS A 51 3.44 -1.93 -9.80
CA LYS A 51 2.50 -2.65 -8.95
C LYS A 51 2.97 -2.73 -7.50
N LYS A 52 4.28 -2.92 -7.28
CA LYS A 52 4.83 -3.08 -5.94
C LYS A 52 4.75 -1.76 -5.17
N LEU A 53 5.01 -0.64 -5.85
CA LEU A 53 5.00 0.68 -5.25
C LEU A 53 3.56 1.11 -4.94
N ALA A 54 2.63 0.74 -5.82
CA ALA A 54 1.22 0.99 -5.59
C ALA A 54 0.74 0.33 -4.29
N LYS A 55 1.14 -0.92 -4.06
CA LYS A 55 0.78 -1.60 -2.81
C LYS A 55 1.42 -0.91 -1.62
N ALA A 56 2.61 -0.34 -1.79
CA ALA A 56 3.27 0.36 -0.70
C ALA A 56 2.44 1.54 -0.23
N ARG A 57 1.76 2.26 -1.15
CA ARG A 57 0.89 3.36 -0.75
C ARG A 57 -0.37 2.82 -0.07
N ALA A 58 -1.07 1.90 -0.73
CA ALA A 58 -2.34 1.38 -0.24
C ALA A 58 -2.15 0.69 1.12
N ALA A 59 -1.02 0.00 1.28
CA ALA A 59 -0.69 -0.69 2.52
C ALA A 59 -0.28 0.31 3.60
N GLN A 60 0.44 1.37 3.23
CA GLN A 60 0.85 2.40 4.19
C GLN A 60 -0.37 3.15 4.70
N SER A 61 -1.37 3.38 3.84
CA SER A 61 -2.61 4.01 4.27
C SER A 61 -3.35 3.09 5.23
N ALA A 62 -3.44 1.81 4.89
CA ALA A 62 -4.12 0.83 5.72
C ALA A 62 -3.42 0.73 7.08
N LEU A 63 -2.09 0.79 7.09
CA LEU A 63 -1.29 0.75 8.30
C LEU A 63 -1.58 1.97 9.16
N ALA A 64 -1.19 3.16 8.70
CA ALA A 64 -1.32 4.39 9.49
C ALA A 64 -2.76 4.68 9.94
N THR A 65 -3.76 4.04 9.33
CA THR A 65 -5.14 4.25 9.76
C THR A 65 -5.56 3.20 10.79
N VAL A 66 -5.52 1.92 10.40
CA VAL A 66 -5.98 0.84 11.28
C VAL A 66 -5.08 0.70 12.50
N PHE A 67 -3.80 1.07 12.38
CA PHE A 67 -2.85 0.96 13.48
C PHE A 67 -2.80 2.22 14.32
N ASN A 68 -3.59 3.26 13.98
CA ASN A 68 -3.60 4.55 14.67
C ASN A 68 -2.23 5.22 14.78
N LEU A 69 -1.25 4.73 14.00
CA LEU A 69 0.13 5.17 14.03
C LEU A 69 0.54 5.75 12.67
N HIS A 70 1.84 5.93 12.44
CA HIS A 70 2.35 6.42 11.16
C HIS A 70 3.58 5.61 10.76
N LEU A 71 3.94 5.67 9.48
CA LEU A 71 5.09 4.96 8.94
C LEU A 71 6.39 5.60 9.43
N PRO A 1 15.96 -13.06 2.12
CA PRO A 1 15.88 -11.78 1.39
C PRO A 1 14.62 -10.99 1.76
N SER A 2 14.78 -9.69 2.01
CA SER A 2 13.67 -8.81 2.35
C SER A 2 13.92 -7.42 1.77
N GLY A 3 12.91 -6.55 1.86
CA GLY A 3 12.96 -5.19 1.32
C GLY A 3 12.74 -4.14 2.40
N LYS A 4 12.57 -4.57 3.66
CA LYS A 4 12.32 -3.70 4.81
C LYS A 4 11.11 -2.78 4.60
N ASN A 5 10.26 -3.10 3.62
CA ASN A 5 9.06 -2.34 3.30
C ASN A 5 8.09 -2.29 4.49
N PRO A 6 7.14 -1.34 4.50
CA PRO A 6 6.13 -1.25 5.54
C PRO A 6 5.09 -2.37 5.40
N VAL A 7 5.15 -3.12 4.29
CA VAL A 7 4.26 -4.25 4.08
C VAL A 7 4.55 -5.34 5.10
N MET A 8 5.84 -5.64 5.33
CA MET A 8 6.22 -6.69 6.26
C MET A 8 5.88 -6.32 7.70
N ILE A 9 6.28 -5.13 8.17
CA ILE A 9 5.97 -4.75 9.55
C ILE A 9 4.46 -4.81 9.80
N LEU A 10 3.65 -4.36 8.84
CA LEU A 10 2.20 -4.48 8.95
C LEU A 10 1.84 -5.96 9.07
N ASN A 11 2.32 -6.76 8.11
CA ASN A 11 2.06 -8.19 8.04
C ASN A 11 2.65 -8.97 9.23
N GLU A 12 3.38 -8.29 10.13
CA GLU A 12 3.94 -8.93 11.31
C GLU A 12 3.26 -8.41 12.58
N LEU A 13 2.50 -7.31 12.47
CA LEU A 13 1.83 -6.70 13.60
C LEU A 13 0.33 -6.94 13.55
N ARG A 14 -0.24 -6.97 12.34
CA ARG A 14 -1.67 -7.20 12.15
C ARG A 14 -1.94 -7.80 10.77
N PRO A 15 -1.58 -9.07 10.55
CA PRO A 15 -1.90 -9.80 9.34
C PRO A 15 -3.40 -10.12 9.33
N GLY A 16 -3.87 -10.77 8.26
CA GLY A 16 -5.28 -11.12 8.15
C GLY A 16 -6.07 -9.97 7.53
N LEU A 17 -5.63 -9.53 6.35
CA LEU A 17 -6.19 -8.41 5.61
C LEU A 17 -6.49 -8.82 4.18
N LYS A 18 -6.91 -7.85 3.36
CA LYS A 18 -7.25 -8.12 1.98
C LYS A 18 -6.79 -6.98 1.06
N TYR A 19 -5.68 -7.19 0.36
CA TYR A 19 -5.21 -6.24 -0.64
C TYR A 19 -5.95 -6.43 -1.95
N ASP A 20 -6.09 -5.34 -2.70
CA ASP A 20 -6.65 -5.34 -4.03
C ASP A 20 -5.85 -4.41 -4.93
N PHE A 21 -5.13 -4.99 -5.90
CA PHE A 21 -4.39 -4.22 -6.90
C PHE A 21 -5.36 -3.49 -7.82
N LEU A 22 -4.94 -2.32 -8.32
CA LEU A 22 -5.71 -1.52 -9.25
C LEU A 22 -4.82 -1.16 -10.45
N SER A 23 -5.48 -0.88 -11.58
CA SER A 23 -4.88 -0.78 -12.90
C SER A 23 -3.71 0.20 -13.02
N GLU A 24 -2.92 0.01 -14.09
CA GLU A 24 -1.76 0.81 -14.41
C GLU A 24 -2.12 2.12 -15.12
N SER A 25 -1.12 2.97 -15.33
CA SER A 25 -1.27 4.22 -16.07
C SER A 25 0.10 4.69 -16.58
N GLY A 26 0.10 5.71 -17.44
CA GLY A 26 1.29 6.33 -17.99
C GLY A 26 1.98 5.48 -19.07
N GLU A 27 3.05 6.05 -19.63
CA GLU A 27 3.85 5.41 -20.66
C GLU A 27 4.85 4.44 -20.01
N SER A 28 5.57 3.67 -20.83
CA SER A 28 6.48 2.64 -20.32
C SER A 28 7.67 3.23 -19.57
N HIS A 29 8.11 4.45 -19.93
CA HIS A 29 9.28 5.08 -19.32
C HIS A 29 8.96 5.74 -17.98
N ALA A 30 7.68 5.78 -17.60
CA ALA A 30 7.21 6.40 -16.38
C ALA A 30 6.04 5.62 -15.79
N LYS A 31 5.95 4.33 -16.18
CA LYS A 31 4.82 3.47 -15.87
C LYS A 31 4.50 3.49 -14.39
N SER A 32 3.21 3.48 -14.06
CA SER A 32 2.74 3.47 -12.69
C SER A 32 1.59 2.49 -12.52
N PHE A 33 1.33 2.11 -11.27
CA PHE A 33 0.32 1.14 -10.89
C PHE A 33 -0.26 1.55 -9.55
N VAL A 34 -1.29 0.85 -9.05
CA VAL A 34 -1.79 1.20 -7.73
C VAL A 34 -2.29 -0.04 -6.99
N MET A 35 -2.37 0.08 -5.67
CA MET A 35 -2.89 -0.94 -4.78
C MET A 35 -3.93 -0.29 -3.88
N SER A 36 -4.83 -1.12 -3.36
CA SER A 36 -5.73 -0.74 -2.28
C SER A 36 -5.72 -1.86 -1.25
N VAL A 37 -6.29 -1.63 -0.06
CA VAL A 37 -6.31 -2.65 0.96
C VAL A 37 -7.58 -2.52 1.80
N VAL A 38 -7.91 -3.59 2.52
CA VAL A 38 -8.95 -3.60 3.53
C VAL A 38 -8.35 -4.25 4.77
N VAL A 39 -8.14 -3.45 5.81
CA VAL A 39 -7.48 -3.92 7.02
C VAL A 39 -8.34 -3.61 8.24
N ASP A 40 -8.73 -4.66 8.98
CA ASP A 40 -9.55 -4.55 10.18
C ASP A 40 -10.91 -3.89 9.92
N GLY A 41 -11.22 -3.60 8.65
CA GLY A 41 -12.47 -2.99 8.22
C GLY A 41 -12.27 -1.63 7.57
N GLN A 42 -11.08 -1.05 7.72
CA GLN A 42 -10.74 0.20 7.06
C GLN A 42 -10.43 -0.08 5.59
N PHE A 43 -10.29 0.98 4.79
CA PHE A 43 -9.89 0.86 3.39
C PHE A 43 -8.80 1.87 3.08
N PHE A 44 -7.85 1.47 2.23
CA PHE A 44 -6.72 2.32 1.87
C PHE A 44 -6.38 2.22 0.39
N GLU A 45 -5.55 3.14 -0.09
CA GLU A 45 -5.10 3.18 -1.47
C GLU A 45 -3.65 3.71 -1.52
N GLY A 46 -2.95 3.47 -2.62
CA GLY A 46 -1.56 3.89 -2.76
C GLY A 46 -1.02 3.55 -4.15
N SER A 47 -0.83 4.56 -5.00
CA SER A 47 -0.22 4.36 -6.30
C SER A 47 1.30 4.37 -6.19
N GLY A 48 2.00 3.95 -7.25
CA GLY A 48 3.45 3.91 -7.28
C GLY A 48 3.98 3.52 -8.65
N ARG A 49 5.31 3.63 -8.83
CA ARG A 49 5.95 3.30 -10.10
C ARG A 49 6.02 1.79 -10.33
N ASN A 50 5.71 0.99 -9.31
CA ASN A 50 5.75 -0.47 -9.39
C ASN A 50 4.56 -1.02 -8.61
N LYS A 51 4.21 -2.30 -8.81
CA LYS A 51 3.18 -2.93 -8.00
C LYS A 51 3.68 -3.08 -6.56
N LYS A 52 4.99 -3.20 -6.39
CA LYS A 52 5.65 -3.32 -5.09
C LYS A 52 5.62 -1.98 -4.36
N LEU A 53 6.03 -0.93 -5.06
CA LEU A 53 6.09 0.43 -4.54
C LEU A 53 4.68 0.91 -4.17
N ALA A 54 3.69 0.59 -5.03
CA ALA A 54 2.30 0.92 -4.78
C ALA A 54 1.82 0.28 -3.48
N LYS A 55 2.15 -1.00 -3.26
CA LYS A 55 1.73 -1.69 -2.04
C LYS A 55 2.40 -1.06 -0.83
N ALA A 56 3.64 -0.58 -0.95
CA ALA A 56 4.33 0.03 0.17
C ALA A 56 3.63 1.32 0.59
N ARG A 57 3.03 2.04 -0.36
CA ARG A 57 2.31 3.28 -0.08
C ARG A 57 0.97 2.98 0.60
N ALA A 58 0.17 2.07 0.01
CA ALA A 58 -1.12 1.71 0.55
C ALA A 58 -0.98 1.00 1.89
N ALA A 59 0.08 0.19 2.04
CA ALA A 59 0.35 -0.53 3.27
C ALA A 59 0.81 0.43 4.36
N GLN A 60 1.64 1.43 4.01
CA GLN A 60 2.06 2.43 4.97
C GLN A 60 0.86 3.22 5.48
N SER A 61 -0.12 3.48 4.61
CA SER A 61 -1.34 4.16 5.04
C SER A 61 -2.15 3.24 5.95
N ALA A 62 -2.30 1.97 5.56
CA ALA A 62 -3.04 0.99 6.32
C ALA A 62 -2.41 0.80 7.71
N LEU A 63 -1.09 0.86 7.78
CA LEU A 63 -0.34 0.73 9.02
C LEU A 63 -0.67 1.89 9.95
N ALA A 64 -0.25 3.10 9.58
CA ALA A 64 -0.39 4.28 10.43
C ALA A 64 -1.80 4.43 11.01
N THR A 65 -2.84 4.31 10.16
CA THR A 65 -4.21 4.47 10.62
C THR A 65 -4.61 3.36 11.59
N VAL A 66 -4.61 2.10 11.13
CA VAL A 66 -5.14 1.00 11.92
C VAL A 66 -4.29 0.71 13.15
N PHE A 67 -3.00 1.07 13.11
CA PHE A 67 -2.09 0.80 14.23
C PHE A 67 -2.04 2.00 15.17
N ASN A 68 -2.73 3.10 14.84
CA ASN A 68 -2.74 4.32 15.64
C ASN A 68 -1.33 4.90 15.81
N LEU A 69 -0.43 4.60 14.86
CA LEU A 69 0.97 5.01 14.89
C LEU A 69 1.36 5.72 13.60
N HIS A 70 2.67 5.95 13.40
CA HIS A 70 3.19 6.61 12.22
C HIS A 70 4.40 5.81 11.69
N LEU A 71 5.02 6.28 10.60
CA LEU A 71 6.15 5.61 9.97
C LEU A 71 7.27 6.61 9.67
#